data_2N2E
#
_entry.id   2N2E
#
_entity_poly.entity_id   1
_entity_poly.type   'polypeptide(L)'
_entity_poly.pdbx_seq_one_letter_code
;DKGAVKALRLQNFDVTSDISDDNFVIDKNDSRKIDYMGNIYSISDTTVSDEELGEYQDVLAEVRVFDSVSGKSIPRSEWG
RIDKDGSNSKQSRTEWDYGEIHSIRGKSLTEAFAVEINDDFKLATKVGN
;
_entity_poly.pdbx_strand_id   A
#
# COMPACT_ATOMS: atom_id res chain seq x y z
N ASP A 22 4.34 -15.05 6.75
CA ASP A 22 5.47 -15.77 6.14
C ASP A 22 6.47 -14.78 5.59
N ASN A 23 6.04 -13.94 4.65
CA ASN A 23 6.78 -12.89 3.97
C ASN A 23 5.71 -11.94 3.43
N PHE A 24 5.95 -10.63 3.48
CA PHE A 24 4.99 -9.64 3.02
C PHE A 24 4.90 -9.70 1.50
N VAL A 25 3.68 -9.81 0.98
CA VAL A 25 3.39 -9.89 -0.44
C VAL A 25 2.27 -8.88 -0.71
N ILE A 26 2.36 -8.09 -1.78
CA ILE A 26 1.29 -7.15 -2.10
C ILE A 26 0.23 -7.99 -2.82
N ASP A 27 -1.06 -7.77 -2.56
CA ASP A 27 -2.14 -8.54 -3.21
C ASP A 27 -2.02 -8.46 -4.73
N LYS A 28 -2.03 -9.60 -5.44
CA LYS A 28 -1.94 -9.66 -6.90
C LYS A 28 -3.05 -8.83 -7.54
N ASN A 29 -4.16 -8.69 -6.84
CA ASN A 29 -5.33 -7.96 -7.29
C ASN A 29 -5.45 -6.57 -6.69
N ASP A 30 -4.61 -6.24 -5.73
CA ASP A 30 -4.66 -4.94 -5.07
C ASP A 30 -3.31 -4.45 -4.55
N SER A 31 -2.78 -3.45 -5.25
CA SER A 31 -1.52 -2.78 -4.94
C SER A 31 -1.58 -2.03 -3.60
N ARG A 32 -2.79 -1.83 -3.05
CA ARG A 32 -3.05 -1.14 -1.79
C ARG A 32 -3.28 -2.13 -0.64
N LYS A 33 -3.21 -3.44 -0.91
CA LYS A 33 -3.39 -4.46 0.10
C LYS A 33 -2.12 -5.29 0.25
N ILE A 34 -1.98 -5.93 1.40
CA ILE A 34 -0.86 -6.77 1.75
C ILE A 34 -1.46 -8.11 2.16
N ASP A 35 -0.89 -9.17 1.64
CA ASP A 35 -1.19 -10.58 1.83
C ASP A 35 -0.02 -11.03 2.71
N TYR A 36 -0.21 -11.14 4.03
CA TYR A 36 0.84 -11.57 4.93
C TYR A 36 0.23 -12.56 5.91
N MET A 37 0.83 -13.75 6.02
CA MET A 37 0.36 -14.84 6.89
C MET A 37 -1.04 -15.27 6.45
N GLY A 38 -1.36 -15.14 5.16
CA GLY A 38 -2.66 -15.48 4.60
C GLY A 38 -3.75 -14.48 5.04
N ASN A 39 -3.38 -13.47 5.84
CA ASN A 39 -4.26 -12.44 6.34
C ASN A 39 -4.20 -11.30 5.32
N ILE A 40 -5.16 -10.37 5.38
CA ILE A 40 -5.22 -9.26 4.42
C ILE A 40 -5.22 -7.93 5.15
N TYR A 41 -4.28 -7.03 4.84
CA TYR A 41 -4.15 -5.70 5.47
C TYR A 41 -4.20 -4.63 4.40
N SER A 42 -5.02 -3.61 4.58
CA SER A 42 -5.20 -2.50 3.64
C SER A 42 -4.67 -1.23 4.30
N ILE A 43 -4.20 -0.29 3.47
CA ILE A 43 -3.64 0.97 3.91
C ILE A 43 -4.59 2.09 3.52
N SER A 44 -5.11 2.82 4.50
CA SER A 44 -5.98 3.96 4.25
C SER A 44 -4.99 5.13 4.14
N ASP A 45 -4.94 6.02 5.13
CA ASP A 45 -4.08 7.14 5.21
C ASP A 45 -4.04 7.53 6.69
N THR A 46 -2.99 7.11 7.37
CA THR A 46 -2.69 7.40 8.75
C THR A 46 -1.20 7.69 8.84
N THR A 47 -0.72 8.88 9.16
CA THR A 47 0.71 9.13 9.29
C THR A 47 1.16 8.51 10.62
N VAL A 48 2.16 7.62 10.63
CA VAL A 48 2.69 6.97 11.82
C VAL A 48 3.96 7.71 12.25
N SER A 49 3.93 8.40 13.39
CA SER A 49 5.08 9.14 13.92
C SER A 49 6.08 8.15 14.53
N ASP A 50 7.34 8.58 14.72
CA ASP A 50 8.41 7.76 15.29
C ASP A 50 8.09 7.27 16.70
N GLU A 51 7.32 8.05 17.45
CA GLU A 51 6.95 7.69 18.81
C GLU A 51 6.00 6.49 18.81
N GLU A 52 5.28 6.27 17.72
CA GLU A 52 4.35 5.15 17.58
C GLU A 52 5.04 4.00 16.85
N LEU A 53 6.03 4.31 16.01
CA LEU A 53 6.80 3.36 15.24
C LEU A 53 7.68 2.52 16.18
N GLY A 54 7.95 1.25 15.84
CA GLY A 54 8.75 0.34 16.63
C GLY A 54 10.15 0.20 16.05
N GLU A 55 10.40 -0.90 15.34
CA GLU A 55 11.67 -1.25 14.71
C GLU A 55 11.46 -1.77 13.27
N TYR A 56 12.54 -1.94 12.53
CA TYR A 56 12.53 -2.44 11.16
C TYR A 56 12.01 -3.88 11.12
N GLN A 57 11.14 -4.17 10.15
CA GLN A 57 10.54 -5.48 9.97
C GLN A 57 10.92 -6.14 8.65
N ASP A 58 10.73 -5.45 7.51
CA ASP A 58 11.05 -6.03 6.20
C ASP A 58 11.29 -4.97 5.15
N VAL A 59 11.99 -5.28 4.06
CA VAL A 59 12.31 -4.32 3.01
C VAL A 59 11.60 -4.67 1.70
N LEU A 60 11.07 -3.65 1.05
CA LEU A 60 10.37 -3.71 -0.22
C LEU A 60 11.17 -3.03 -1.32
N ALA A 61 10.79 -3.27 -2.59
CA ALA A 61 11.45 -2.73 -3.77
C ALA A 61 10.62 -2.97 -5.03
N GLU A 62 9.45 -2.34 -5.13
CA GLU A 62 8.55 -2.43 -6.29
C GLU A 62 7.66 -1.18 -6.23
N VAL A 63 6.92 -0.89 -7.29
CA VAL A 63 6.04 0.28 -7.37
C VAL A 63 4.81 -0.14 -8.18
N ARG A 64 3.62 0.42 -7.90
CA ARG A 64 2.42 0.10 -8.66
C ARG A 64 1.60 1.35 -8.82
N VAL A 65 0.62 1.30 -9.71
CA VAL A 65 -0.29 2.39 -10.00
C VAL A 65 -1.71 1.81 -9.99
N PHE A 66 -2.66 2.42 -9.26
CA PHE A 66 -4.06 1.98 -9.19
C PHE A 66 -5.01 3.17 -9.15
N ASP A 67 -6.34 2.97 -9.32
CA ASP A 67 -7.33 4.04 -9.28
C ASP A 67 -7.94 3.90 -7.90
N SER A 68 -7.49 4.78 -7.03
CA SER A 68 -7.79 4.91 -5.60
C SER A 68 -9.26 4.92 -5.22
N VAL A 69 -10.14 5.20 -6.17
CA VAL A 69 -11.58 5.23 -5.95
C VAL A 69 -12.02 3.88 -5.39
N SER A 70 -11.55 2.79 -6.00
CA SER A 70 -11.84 1.43 -5.65
C SER A 70 -10.60 0.58 -5.37
N GLY A 71 -9.44 0.96 -5.90
CA GLY A 71 -8.16 0.27 -5.78
C GLY A 71 -7.77 -0.50 -7.04
N LYS A 72 -8.50 -0.36 -8.16
CA LYS A 72 -8.21 -1.09 -9.39
C LYS A 72 -6.79 -0.86 -9.90
N SER A 73 -5.96 -1.89 -9.88
CA SER A 73 -4.60 -1.84 -10.35
C SER A 73 -4.61 -1.54 -11.85
N ILE A 74 -3.67 -0.71 -12.29
CA ILE A 74 -3.47 -0.29 -13.67
C ILE A 74 -2.24 -1.06 -14.17
N PRO A 75 -2.17 -1.42 -15.47
CA PRO A 75 -1.05 -2.15 -16.03
C PRO A 75 0.09 -1.17 -16.36
N ARG A 76 1.32 -1.69 -16.49
CA ARG A 76 2.46 -0.84 -16.80
C ARG A 76 2.34 -0.19 -18.18
N SER A 77 1.47 -0.69 -19.04
CA SER A 77 1.27 -0.11 -20.36
C SER A 77 0.48 1.20 -20.29
N GLU A 78 -0.13 1.54 -19.16
CA GLU A 78 -0.95 2.72 -18.97
C GLU A 78 -0.28 3.75 -18.04
N TRP A 79 0.87 3.42 -17.47
CA TRP A 79 1.65 4.26 -16.56
C TRP A 79 2.22 5.53 -17.20
N GLY A 80 2.11 5.66 -18.52
CA GLY A 80 2.57 6.81 -19.28
C GLY A 80 1.49 7.20 -20.26
N ARG A 81 1.02 6.25 -21.07
CA ARG A 81 -0.06 6.50 -22.02
C ARG A 81 -1.34 6.28 -21.25
N ILE A 82 -1.93 7.34 -20.70
CA ILE A 82 -3.15 7.32 -19.93
C ILE A 82 -4.25 6.84 -20.89
N ASP A 83 -4.75 7.79 -21.67
CA ASP A 83 -5.78 7.67 -22.69
C ASP A 83 -5.83 9.00 -23.43
N LYS A 84 -6.08 9.00 -24.74
CA LYS A 84 -6.14 10.23 -25.54
C LYS A 84 -7.55 10.75 -25.76
N ASP A 85 -8.59 10.01 -25.39
CA ASP A 85 -9.98 10.47 -25.52
C ASP A 85 -10.88 9.96 -24.39
N GLY A 86 -10.47 8.89 -23.71
CA GLY A 86 -11.19 8.24 -22.61
C GLY A 86 -11.70 9.15 -21.51
N SER A 87 -11.19 10.38 -21.39
CA SER A 87 -11.56 11.40 -20.41
C SER A 87 -11.55 10.80 -19.02
N ASN A 88 -10.36 10.60 -18.46
CA ASN A 88 -10.09 10.04 -17.13
C ASN A 88 -10.56 10.96 -15.99
N SER A 89 -11.49 11.88 -16.25
CA SER A 89 -12.09 12.87 -15.36
C SER A 89 -12.73 12.30 -14.08
N LYS A 90 -12.91 10.98 -13.99
CA LYS A 90 -13.50 10.28 -12.84
C LYS A 90 -12.60 9.08 -12.48
N GLN A 91 -11.31 9.16 -12.78
CA GLN A 91 -10.31 8.13 -12.53
C GLN A 91 -9.13 8.88 -11.91
N SER A 92 -8.76 8.53 -10.67
CA SER A 92 -7.70 9.18 -9.94
C SER A 92 -6.58 8.17 -9.64
N ARG A 93 -5.55 8.15 -10.50
CA ARG A 93 -4.45 7.22 -10.27
C ARG A 93 -3.69 7.65 -9.02
N THR A 94 -3.04 6.67 -8.42
CA THR A 94 -2.23 6.79 -7.24
C THR A 94 -1.04 5.89 -7.52
N GLU A 95 0.15 6.43 -7.31
CA GLU A 95 1.43 5.79 -7.52
C GLU A 95 2.08 5.62 -6.16
N TRP A 96 2.07 4.38 -5.66
CA TRP A 96 2.65 4.01 -4.39
C TRP A 96 3.89 3.17 -4.62
N ASP A 97 4.96 3.61 -3.99
CA ASP A 97 6.29 3.01 -3.99
C ASP A 97 6.40 2.14 -2.76
N TYR A 98 6.77 0.87 -2.93
CA TYR A 98 6.93 -0.08 -1.85
C TYR A 98 8.22 0.15 -1.07
N GLY A 99 8.01 0.79 0.07
CA GLY A 99 8.92 1.20 1.10
C GLY A 99 8.92 0.12 2.19
N GLU A 100 10.00 0.09 2.97
CA GLU A 100 10.17 -0.92 3.99
C GLU A 100 9.14 -0.76 5.11
N ILE A 101 8.87 -1.91 5.71
CA ILE A 101 7.90 -2.12 6.77
C ILE A 101 8.60 -2.08 8.12
N HIS A 102 7.89 -1.48 9.07
CA HIS A 102 8.31 -1.30 10.46
C HIS A 102 7.15 -1.64 11.39
N SER A 103 7.46 -2.10 12.59
CA SER A 103 6.49 -2.48 13.61
C SER A 103 5.90 -1.24 14.29
N ILE A 104 4.88 -1.42 15.14
CA ILE A 104 4.23 -0.36 15.89
C ILE A 104 4.28 -0.76 17.37
N ARG A 105 4.58 0.22 18.21
CA ARG A 105 4.69 0.09 19.65
C ARG A 105 3.30 -0.17 20.21
N GLY A 106 3.13 -1.26 20.97
CA GLY A 106 1.86 -1.62 21.58
C GLY A 106 0.85 -2.28 20.62
N LYS A 107 1.27 -2.69 19.41
CA LYS A 107 0.38 -3.31 18.43
C LYS A 107 1.08 -4.46 17.69
N SER A 108 0.36 -5.52 17.38
CA SER A 108 0.88 -6.66 16.67
C SER A 108 0.69 -6.45 15.17
N LEU A 109 1.57 -7.03 14.37
CA LEU A 109 1.53 -6.94 12.91
C LEU A 109 0.21 -7.47 12.35
N THR A 110 -0.36 -8.45 13.04
CA THR A 110 -1.60 -9.17 12.76
C THR A 110 -2.88 -8.35 12.91
N GLU A 111 -2.76 -7.15 13.46
CA GLU A 111 -3.86 -6.22 13.66
C GLU A 111 -3.53 -4.94 12.91
N ALA A 112 -2.32 -4.41 13.04
CA ALA A 112 -1.91 -3.19 12.36
C ALA A 112 -0.41 -3.01 12.44
N PHE A 113 0.16 -2.39 11.40
CA PHE A 113 1.59 -2.15 11.30
C PHE A 113 1.86 -0.93 10.44
N ALA A 114 3.11 -0.53 10.32
CA ALA A 114 3.54 0.65 9.54
C ALA A 114 4.30 0.28 8.26
N VAL A 115 4.01 0.97 7.15
CA VAL A 115 4.64 0.78 5.85
C VAL A 115 5.11 2.10 5.26
N GLU A 116 6.35 2.18 4.81
CA GLU A 116 6.88 3.38 4.20
C GLU A 116 6.21 3.50 2.81
N ILE A 117 5.28 4.45 2.65
CA ILE A 117 4.57 4.70 1.40
C ILE A 117 4.86 6.13 0.99
N ASN A 118 5.46 6.32 -0.19
CA ASN A 118 5.82 7.64 -0.71
C ASN A 118 6.67 8.39 0.34
N ASP A 119 7.64 7.70 0.91
CA ASP A 119 8.57 8.21 1.93
C ASP A 119 7.87 8.60 3.22
N ASP A 120 6.60 8.20 3.41
CA ASP A 120 5.85 8.50 4.63
C ASP A 120 5.32 7.18 5.22
N PHE A 121 5.65 6.85 6.46
CA PHE A 121 5.19 5.62 7.10
C PHE A 121 3.68 5.69 7.37
N LYS A 122 2.89 4.83 6.72
CA LYS A 122 1.44 4.76 6.84
C LYS A 122 0.96 3.50 7.55
N LEU A 123 -0.13 3.66 8.29
CA LEU A 123 -0.77 2.60 9.06
C LEU A 123 -1.66 1.72 8.19
N ALA A 124 -1.49 0.41 8.26
CA ALA A 124 -2.30 -0.55 7.53
C ALA A 124 -3.05 -1.36 8.57
N THR A 125 -4.31 -1.69 8.30
CA THR A 125 -5.16 -2.44 9.21
C THR A 125 -5.80 -3.63 8.51
N LYS A 126 -5.93 -4.75 9.22
CA LYS A 126 -6.55 -5.95 8.67
C LYS A 126 -7.94 -5.68 8.12
N VAL A 127 -8.28 -6.26 6.97
CA VAL A 127 -9.56 -6.20 6.30
C VAL A 127 -9.86 -7.63 5.84
N GLY A 128 -11.12 -7.96 5.54
CA GLY A 128 -11.53 -9.28 5.10
C GLY A 128 -11.68 -9.42 3.58
N ASN A 129 -11.26 -8.44 2.80
CA ASN A 129 -11.35 -8.43 1.34
C ASN A 129 -10.09 -7.85 0.78
N ASP A 22 4.83 -15.44 6.28
CA ASP A 22 6.27 -15.58 6.40
C ASP A 22 6.99 -14.47 5.64
N ASN A 23 6.27 -13.80 4.76
CA ASN A 23 6.83 -12.72 3.96
C ASN A 23 5.73 -11.86 3.34
N PHE A 24 5.84 -10.55 3.49
CA PHE A 24 4.85 -9.63 2.95
C PHE A 24 4.75 -9.78 1.42
N VAL A 25 3.54 -9.58 0.91
CA VAL A 25 3.30 -9.69 -0.52
C VAL A 25 2.17 -8.78 -0.97
N ILE A 26 2.48 -7.86 -1.89
CA ILE A 26 1.48 -6.93 -2.39
C ILE A 26 0.43 -7.65 -3.23
N ASP A 27 -0.82 -7.58 -2.78
CA ASP A 27 -1.92 -8.23 -3.49
C ASP A 27 -1.98 -7.77 -4.94
N LYS A 28 -1.92 -8.73 -5.85
CA LYS A 28 -1.96 -8.43 -7.29
C LYS A 28 -3.31 -7.82 -7.67
N ASN A 29 -4.31 -8.03 -6.84
CA ASN A 29 -5.65 -7.50 -7.10
C ASN A 29 -5.81 -6.12 -6.46
N ASP A 30 -5.15 -5.91 -5.33
CA ASP A 30 -5.23 -4.63 -4.62
C ASP A 30 -3.83 -4.15 -4.23
N SER A 31 -3.33 -3.16 -4.97
CA SER A 31 -2.01 -2.61 -4.70
C SER A 31 -1.98 -1.88 -3.36
N ARG A 32 -3.16 -1.63 -2.81
CA ARG A 32 -3.27 -0.93 -1.53
C ARG A 32 -3.39 -1.93 -0.38
N LYS A 33 -3.53 -3.20 -0.73
CA LYS A 33 -3.65 -4.26 0.27
C LYS A 33 -2.33 -5.00 0.45
N ILE A 34 -2.18 -5.68 1.58
CA ILE A 34 -0.97 -6.43 1.88
C ILE A 34 -1.29 -7.87 2.27
N ASP A 35 -0.59 -8.81 1.66
CA ASP A 35 -0.80 -10.22 1.94
C ASP A 35 0.37 -10.79 2.74
N TYR A 36 0.15 -10.99 4.03
CA TYR A 36 1.19 -11.52 4.91
C TYR A 36 0.62 -12.59 5.84
N MET A 37 1.28 -13.74 5.89
CA MET A 37 0.84 -14.84 6.74
C MET A 37 -0.57 -15.29 6.37
N GLY A 38 -0.85 -15.32 5.07
CA GLY A 38 -2.16 -15.73 4.61
C GLY A 38 -3.26 -14.79 5.06
N ASN A 39 -2.88 -13.57 5.42
CA ASN A 39 -3.84 -12.58 5.89
C ASN A 39 -3.94 -11.42 4.90
N ILE A 40 -4.89 -10.52 5.14
CA ILE A 40 -5.09 -9.37 4.27
C ILE A 40 -5.19 -8.08 5.08
N TYR A 41 -4.41 -7.08 4.70
CA TYR A 41 -4.41 -5.80 5.40
C TYR A 41 -4.66 -4.65 4.42
N SER A 42 -5.24 -3.57 4.94
CA SER A 42 -5.55 -2.40 4.11
C SER A 42 -4.85 -1.16 4.65
N ILE A 43 -4.55 -0.22 3.75
CA ILE A 43 -3.89 1.01 4.13
C ILE A 43 -4.71 2.23 3.73
N SER A 44 -5.24 2.94 4.72
CA SER A 44 -6.04 4.13 4.47
C SER A 44 -5.18 5.39 4.49
N ASP A 45 -5.06 5.98 5.66
CA ASP A 45 -4.26 7.19 5.83
C ASP A 45 -4.08 7.53 7.31
N THR A 46 -2.96 7.07 7.87
CA THR A 46 -2.68 7.32 9.28
C THR A 46 -1.19 7.60 9.49
N THR A 47 -0.85 8.87 9.70
CA THR A 47 0.53 9.27 9.91
C THR A 47 1.10 8.64 11.17
N VAL A 48 2.07 7.75 11.00
CA VAL A 48 2.70 7.07 12.12
C VAL A 48 3.97 7.79 12.56
N SER A 49 4.00 8.24 13.80
CA SER A 49 5.15 8.95 14.33
C SER A 49 6.20 7.98 14.86
N ASP A 50 7.37 8.49 15.21
CA ASP A 50 8.45 7.66 15.73
C ASP A 50 8.11 7.14 17.12
N GLU A 51 7.27 7.88 17.84
CA GLU A 51 6.87 7.50 19.19
C GLU A 51 6.11 6.17 19.17
N GLU A 52 5.50 5.87 18.03
CA GLU A 52 4.74 4.63 17.89
C GLU A 52 5.50 3.60 17.05
N LEU A 53 6.39 4.10 16.19
CA LEU A 53 7.19 3.24 15.33
C LEU A 53 8.07 2.31 16.16
N GLY A 54 8.15 1.04 15.76
CA GLY A 54 8.96 0.08 16.48
C GLY A 54 10.30 -0.15 15.82
N GLU A 55 10.47 -1.29 15.16
CA GLU A 55 11.72 -1.62 14.50
C GLU A 55 11.46 -2.17 13.10
N TYR A 56 12.53 -2.30 12.33
CA TYR A 56 12.42 -2.82 10.96
C TYR A 56 11.74 -4.18 10.94
N GLN A 57 10.92 -4.41 9.93
CA GLN A 57 10.21 -5.67 9.78
C GLN A 57 10.47 -6.29 8.42
N ASP A 58 10.26 -5.51 7.37
CA ASP A 58 10.47 -5.99 6.01
C ASP A 58 10.95 -4.86 5.11
N VAL A 59 11.56 -5.23 3.98
CA VAL A 59 12.07 -4.24 3.03
C VAL A 59 11.40 -4.40 1.67
N LEU A 60 10.90 -3.30 1.12
CA LEU A 60 10.24 -3.31 -0.17
C LEU A 60 11.07 -2.58 -1.22
N ALA A 61 10.72 -2.78 -2.49
CA ALA A 61 11.43 -2.13 -3.58
C ALA A 61 10.67 -2.26 -4.89
N GLU A 62 9.56 -1.54 -5.00
CA GLU A 62 8.73 -1.59 -6.19
C GLU A 62 7.71 -0.45 -6.20
N VAL A 63 6.97 -0.33 -7.29
CA VAL A 63 5.96 0.72 -7.42
C VAL A 63 4.75 0.23 -8.20
N ARG A 64 3.58 0.76 -7.89
CA ARG A 64 2.35 0.38 -8.56
C ARG A 64 1.39 1.56 -8.66
N VAL A 65 0.50 1.51 -9.64
CA VAL A 65 -0.47 2.57 -9.86
C VAL A 65 -1.89 2.03 -9.85
N PHE A 66 -2.72 2.57 -8.97
CA PHE A 66 -4.12 2.14 -8.86
C PHE A 66 -5.03 3.31 -8.52
N ASP A 67 -6.30 3.19 -8.87
CA ASP A 67 -7.27 4.23 -8.61
C ASP A 67 -7.65 4.26 -7.12
N SER A 68 -7.49 5.42 -6.49
CA SER A 68 -7.80 5.57 -5.07
C SER A 68 -9.31 5.58 -4.86
N VAL A 69 -10.07 5.56 -5.96
CA VAL A 69 -11.52 5.57 -5.88
C VAL A 69 -12.06 4.20 -5.52
N SER A 70 -11.52 3.17 -6.15
CA SER A 70 -11.96 1.80 -5.90
C SER A 70 -10.77 0.92 -5.46
N GLY A 71 -9.59 1.26 -5.95
CA GLY A 71 -8.41 0.50 -5.60
C GLY A 71 -7.97 -0.43 -6.71
N LYS A 72 -8.55 -0.25 -7.90
CA LYS A 72 -8.21 -1.08 -9.05
C LYS A 72 -6.80 -0.79 -9.55
N SER A 73 -6.00 -1.83 -9.69
CA SER A 73 -4.62 -1.69 -10.16
C SER A 73 -4.58 -1.41 -11.66
N ILE A 74 -3.51 -0.77 -12.11
CA ILE A 74 -3.35 -0.45 -13.52
C ILE A 74 -2.02 -0.96 -14.05
N PRO A 75 -2.04 -1.49 -15.28
CA PRO A 75 -0.84 -2.02 -15.93
C PRO A 75 0.15 -0.92 -16.32
N ARG A 76 1.42 -1.30 -16.43
CA ARG A 76 2.46 -0.34 -16.79
C ARG A 76 2.17 0.28 -18.15
N SER A 77 1.36 -0.40 -18.95
CA SER A 77 1.01 0.10 -20.28
C SER A 77 0.03 1.26 -20.19
N GLU A 78 -0.46 1.53 -18.97
CA GLU A 78 -1.40 2.60 -18.75
C GLU A 78 -0.76 3.73 -17.94
N TRP A 79 0.40 3.45 -17.37
CA TRP A 79 1.12 4.44 -16.57
C TRP A 79 1.40 5.70 -17.39
N GLY A 80 1.46 5.55 -18.71
CA GLY A 80 1.72 6.68 -19.56
C GLY A 80 0.77 6.73 -20.75
N ARG A 81 -0.41 6.16 -20.59
CA ARG A 81 -1.41 6.14 -21.65
C ARG A 81 -2.81 6.41 -21.08
N ILE A 82 -3.05 7.67 -20.72
CA ILE A 82 -4.33 8.07 -20.17
C ILE A 82 -5.49 7.65 -21.09
N ASP A 83 -5.52 8.23 -22.29
CA ASP A 83 -6.56 7.91 -23.26
C ASP A 83 -6.34 8.67 -24.56
N LYS A 84 -6.08 7.93 -25.64
CA LYS A 84 -5.84 8.53 -26.94
C LYS A 84 -7.15 8.97 -27.59
N ASP A 85 -8.26 8.35 -27.15
CA ASP A 85 -9.57 8.68 -27.68
C ASP A 85 -10.07 10.02 -27.14
N GLY A 86 -9.61 10.36 -25.93
CA GLY A 86 -10.01 11.61 -25.32
C GLY A 86 -10.92 11.41 -24.12
N SER A 87 -10.34 10.97 -23.02
CA SER A 87 -11.09 10.72 -21.79
C SER A 87 -10.30 11.12 -20.56
N ASN A 88 -9.98 12.41 -20.46
CA ASN A 88 -9.23 12.92 -19.33
C ASN A 88 -10.11 13.71 -18.38
N SER A 89 -11.23 13.08 -17.97
CA SER A 89 -12.17 13.72 -17.06
C SER A 89 -12.32 12.92 -15.77
N LYS A 90 -12.68 11.65 -15.92
CA LYS A 90 -12.85 10.76 -14.77
C LYS A 90 -11.60 9.93 -14.54
N GLN A 91 -10.54 10.57 -14.06
CA GLN A 91 -9.29 9.88 -13.79
C GLN A 91 -8.64 10.41 -12.51
N SER A 92 -8.05 9.51 -11.73
CA SER A 92 -7.40 9.89 -10.48
C SER A 92 -6.58 8.72 -9.92
N ARG A 93 -5.54 8.33 -10.65
CA ARG A 93 -4.69 7.24 -10.23
C ARG A 93 -3.87 7.62 -8.99
N THR A 94 -3.23 6.63 -8.39
CA THR A 94 -2.42 6.87 -7.20
C THR A 94 -1.11 6.09 -7.25
N GLU A 95 0.01 6.81 -7.21
CA GLU A 95 1.32 6.18 -7.26
C GLU A 95 1.85 5.90 -5.86
N TRP A 96 1.81 4.64 -5.46
CA TRP A 96 2.29 4.24 -4.13
C TRP A 96 3.59 3.44 -4.23
N ASP A 97 4.66 3.98 -3.67
CA ASP A 97 5.96 3.32 -3.70
C ASP A 97 6.07 2.31 -2.55
N TYR A 98 6.41 1.07 -2.90
CA TYR A 98 6.55 0.01 -1.90
C TYR A 98 7.71 0.31 -0.96
N GLY A 99 7.38 0.75 0.25
CA GLY A 99 8.42 1.06 1.23
C GLY A 99 8.58 -0.04 2.25
N GLU A 100 9.70 -0.02 2.97
CA GLU A 100 9.99 -1.02 3.99
C GLU A 100 8.98 -0.94 5.13
N ILE A 101 8.55 -2.10 5.61
CA ILE A 101 7.58 -2.15 6.70
C ILE A 101 8.28 -2.21 8.06
N HIS A 102 7.70 -1.55 9.05
CA HIS A 102 8.27 -1.52 10.40
C HIS A 102 7.21 -1.84 11.44
N SER A 103 7.61 -2.56 12.48
CA SER A 103 6.68 -2.94 13.55
C SER A 103 6.21 -1.70 14.31
N ILE A 104 5.25 -1.91 15.21
CA ILE A 104 4.71 -0.81 16.01
C ILE A 104 4.66 -1.18 17.48
N ARG A 105 4.97 -0.21 18.34
CA ARG A 105 4.97 -0.44 19.79
C ARG A 105 3.54 -0.64 20.30
N GLY A 106 3.32 -1.78 20.93
CA GLY A 106 2.00 -2.09 21.46
C GLY A 106 1.01 -2.49 20.38
N LYS A 107 1.54 -3.05 19.29
CA LYS A 107 0.70 -3.48 18.18
C LYS A 107 1.32 -4.69 17.46
N SER A 108 0.47 -5.57 16.97
CA SER A 108 0.93 -6.77 16.26
C SER A 108 0.71 -6.63 14.76
N LEU A 109 1.63 -7.18 13.97
CA LEU A 109 1.54 -7.12 12.52
C LEU A 109 0.30 -7.86 12.03
N THR A 110 -0.27 -8.70 12.88
CA THR A 110 -1.46 -9.47 12.54
C THR A 110 -2.73 -8.64 12.72
N GLU A 111 -2.57 -7.47 13.34
CA GLU A 111 -3.70 -6.57 13.57
C GLU A 111 -3.45 -5.21 12.95
N ALA A 112 -2.30 -4.61 13.25
CA ALA A 112 -1.95 -3.31 12.72
C ALA A 112 -0.43 -3.14 12.63
N PHE A 113 0.02 -2.42 11.62
CA PHE A 113 1.45 -2.18 11.43
C PHE A 113 1.69 -0.88 10.66
N ALA A 114 2.96 -0.53 10.48
CA ALA A 114 3.32 0.69 9.76
C ALA A 114 3.97 0.35 8.43
N VAL A 115 3.43 0.91 7.35
CA VAL A 115 3.96 0.66 6.02
C VAL A 115 4.44 1.96 5.38
N GLU A 116 5.71 1.97 4.95
CA GLU A 116 6.30 3.14 4.32
C GLU A 116 5.69 3.39 2.94
N ILE A 117 4.76 4.34 2.87
CA ILE A 117 4.11 4.67 1.61
C ILE A 117 4.35 6.14 1.23
N ASN A 118 4.97 6.34 0.07
CA ASN A 118 5.26 7.69 -0.41
C ASN A 118 6.17 8.43 0.57
N ASP A 119 7.20 7.74 1.06
CA ASP A 119 8.14 8.33 1.99
C ASP A 119 7.46 8.66 3.32
N ASP A 120 6.27 8.11 3.51
CA ASP A 120 5.50 8.35 4.74
C ASP A 120 4.88 7.05 5.25
N PHE A 121 5.22 6.68 6.48
CA PHE A 121 4.68 5.47 7.08
C PHE A 121 3.20 5.63 7.42
N LYS A 122 2.39 4.71 6.92
CA LYS A 122 0.95 4.75 7.17
C LYS A 122 0.50 3.51 7.94
N LEU A 123 -0.42 3.71 8.88
CA LEU A 123 -0.93 2.61 9.68
C LEU A 123 -1.93 1.77 8.90
N ALA A 124 -1.63 0.49 8.77
CA ALA A 124 -2.50 -0.44 8.04
C ALA A 124 -3.27 -1.33 8.99
N THR A 125 -4.55 -1.56 8.68
CA THR A 125 -5.40 -2.40 9.51
C THR A 125 -5.79 -3.68 8.78
N LYS A 126 -5.77 -4.80 9.50
CA LYS A 126 -6.12 -6.09 8.92
C LYS A 126 -7.59 -6.11 8.51
N VAL A 127 -7.84 -6.37 7.23
CA VAL A 127 -9.20 -6.43 6.70
C VAL A 127 -9.45 -7.74 5.96
N GLY A 128 -10.54 -8.41 6.31
CA GLY A 128 -10.88 -9.67 5.67
C GLY A 128 -11.94 -9.50 4.60
N ASN A 129 -11.69 -8.62 3.64
CA ASN A 129 -12.63 -8.38 2.56
C ASN A 129 -12.15 -9.01 1.26
N ASP A 22 4.48 -15.08 6.19
CA ASP A 22 5.70 -15.69 5.66
C ASP A 22 6.65 -14.66 5.06
N ASN A 23 6.14 -13.82 4.17
CA ASN A 23 6.84 -12.75 3.46
C ASN A 23 5.74 -11.77 3.01
N PHE A 24 5.99 -10.48 3.06
CA PHE A 24 5.00 -9.49 2.64
C PHE A 24 4.92 -9.51 1.11
N VAL A 25 3.70 -9.51 0.57
CA VAL A 25 3.44 -9.53 -0.86
C VAL A 25 2.34 -8.50 -1.09
N ILE A 26 2.56 -7.54 -1.98
CA ILE A 26 1.53 -6.55 -2.26
C ILE A 26 0.49 -7.29 -3.09
N ASP A 27 -0.80 -7.03 -2.85
CA ASP A 27 -1.87 -7.66 -3.60
C ASP A 27 -1.77 -7.18 -5.04
N LYS A 28 -1.73 -8.12 -5.97
CA LYS A 28 -1.65 -7.82 -7.39
C LYS A 28 -2.93 -7.13 -7.89
N ASN A 29 -4.06 -7.37 -7.23
CA ASN A 29 -5.36 -6.82 -7.59
C ASN A 29 -5.48 -5.41 -7.07
N ASP A 30 -5.09 -5.20 -5.82
CA ASP A 30 -5.15 -3.92 -5.16
C ASP A 30 -3.75 -3.61 -4.67
N SER A 31 -3.01 -2.77 -5.38
CA SER A 31 -1.66 -2.39 -4.97
C SER A 31 -1.69 -1.64 -3.62
N ARG A 32 -2.87 -1.31 -3.10
CA ARG A 32 -3.10 -0.65 -1.83
C ARG A 32 -3.36 -1.69 -0.73
N LYS A 33 -3.44 -2.98 -1.06
CA LYS A 33 -3.64 -4.05 -0.08
C LYS A 33 -2.36 -4.86 0.02
N ILE A 34 -2.19 -5.57 1.13
CA ILE A 34 -1.05 -6.41 1.38
C ILE A 34 -1.61 -7.78 1.72
N ASP A 35 -0.95 -8.80 1.17
CA ASP A 35 -1.23 -10.21 1.31
C ASP A 35 -0.04 -10.71 2.11
N TYR A 36 -0.19 -10.97 3.41
CA TYR A 36 0.89 -11.47 4.27
C TYR A 36 0.28 -12.54 5.15
N MET A 37 0.94 -13.70 5.25
CA MET A 37 0.47 -14.85 6.03
C MET A 37 -0.91 -15.32 5.54
N GLY A 38 -1.26 -15.06 4.28
CA GLY A 38 -2.56 -15.44 3.74
C GLY A 38 -3.67 -14.50 4.18
N ASN A 39 -3.37 -13.50 5.00
CA ASN A 39 -4.30 -12.51 5.53
C ASN A 39 -4.28 -11.29 4.61
N ILE A 40 -5.26 -10.39 4.73
CA ILE A 40 -5.35 -9.19 3.90
C ILE A 40 -5.37 -7.96 4.80
N TYR A 41 -4.61 -6.95 4.39
CA TYR A 41 -4.50 -5.67 5.07
C TYR A 41 -4.68 -4.55 4.05
N SER A 42 -5.08 -3.36 4.49
CA SER A 42 -5.31 -2.19 3.64
C SER A 42 -4.80 -0.96 4.39
N ILE A 43 -4.44 0.10 3.65
CA ILE A 43 -3.88 1.33 4.19
C ILE A 43 -4.84 2.50 3.96
N SER A 44 -5.31 3.11 5.05
CA SER A 44 -6.19 4.29 4.94
C SER A 44 -5.15 5.42 4.85
N ASP A 45 -5.03 6.28 5.86
CA ASP A 45 -4.03 7.33 5.93
C ASP A 45 -4.01 7.71 7.40
N THR A 46 -3.00 7.20 8.08
CA THR A 46 -2.73 7.40 9.48
C THR A 46 -1.24 7.69 9.60
N THR A 47 -0.82 8.89 9.94
CA THR A 47 0.60 9.20 10.09
C THR A 47 1.07 8.47 11.36
N VAL A 48 2.05 7.58 11.25
CA VAL A 48 2.59 6.83 12.38
C VAL A 48 3.81 7.59 12.88
N SER A 49 3.81 7.99 14.16
CA SER A 49 4.94 8.70 14.74
C SER A 49 6.01 7.70 15.14
N ASP A 50 7.26 8.15 15.19
CA ASP A 50 8.42 7.35 15.56
C ASP A 50 8.31 6.79 16.98
N GLU A 51 7.57 7.47 17.85
CA GLU A 51 7.36 7.05 19.23
C GLU A 51 6.45 5.81 19.27
N GLU A 52 5.70 5.56 18.19
CA GLU A 52 4.77 4.44 18.03
C GLU A 52 5.36 3.39 17.08
N LEU A 53 6.39 3.77 16.30
CA LEU A 53 7.11 2.97 15.32
C LEU A 53 8.10 2.10 16.07
N GLY A 54 7.96 0.79 15.98
CA GLY A 54 8.80 -0.16 16.69
C GLY A 54 10.17 -0.27 16.05
N GLU A 55 10.38 -1.36 15.33
CA GLU A 55 11.61 -1.67 14.64
C GLU A 55 11.32 -2.14 13.22
N TYR A 56 12.38 -2.25 12.44
CA TYR A 56 12.31 -2.71 11.07
C TYR A 56 11.79 -4.15 11.03
N GLN A 57 10.99 -4.47 10.01
CA GLN A 57 10.41 -5.78 9.82
C GLN A 57 10.73 -6.34 8.42
N ASP A 58 10.52 -5.58 7.34
CA ASP A 58 10.81 -6.07 5.98
C ASP A 58 11.14 -4.91 5.06
N VAL A 59 11.80 -5.20 3.94
CA VAL A 59 12.23 -4.20 2.97
C VAL A 59 11.59 -4.44 1.60
N LEU A 60 11.12 -3.34 1.01
CA LEU A 60 10.47 -3.27 -0.29
C LEU A 60 11.33 -2.53 -1.33
N ALA A 61 11.02 -2.66 -2.62
CA ALA A 61 11.77 -2.02 -3.72
C ALA A 61 11.02 -2.09 -5.06
N GLU A 62 9.78 -1.62 -5.12
CA GLU A 62 8.96 -1.59 -6.33
C GLU A 62 8.04 -0.38 -6.24
N VAL A 63 7.32 -0.10 -7.32
CA VAL A 63 6.39 1.03 -7.39
C VAL A 63 5.19 0.57 -8.20
N ARG A 64 3.99 1.06 -7.90
CA ARG A 64 2.80 0.69 -8.66
C ARG A 64 1.88 1.89 -8.74
N VAL A 65 0.89 1.83 -9.63
CA VAL A 65 -0.08 2.90 -9.84
C VAL A 65 -1.47 2.31 -9.77
N PHE A 66 -2.39 2.94 -9.04
CA PHE A 66 -3.78 2.47 -8.94
C PHE A 66 -4.75 3.63 -8.75
N ASP A 67 -6.01 3.37 -9.06
CA ASP A 67 -7.15 4.28 -8.96
C ASP A 67 -7.44 4.31 -7.47
N SER A 68 -7.11 5.40 -6.81
CA SER A 68 -7.28 5.56 -5.37
C SER A 68 -8.73 5.47 -4.88
N VAL A 69 -9.71 5.66 -5.75
CA VAL A 69 -11.11 5.65 -5.33
C VAL A 69 -11.68 4.25 -5.09
N SER A 70 -11.22 3.25 -5.86
CA SER A 70 -11.67 1.87 -5.77
C SER A 70 -10.53 0.91 -5.47
N GLY A 71 -9.32 1.30 -5.85
CA GLY A 71 -8.09 0.54 -5.69
C GLY A 71 -7.67 -0.15 -7.00
N LYS A 72 -8.45 -0.01 -8.08
CA LYS A 72 -8.17 -0.63 -9.39
C LYS A 72 -6.76 -0.30 -9.85
N SER A 73 -5.84 -1.26 -9.92
CA SER A 73 -4.47 -1.04 -10.36
C SER A 73 -4.41 -0.76 -11.86
N ILE A 74 -3.33 -0.11 -12.28
CA ILE A 74 -3.01 0.28 -13.63
C ILE A 74 -1.70 -0.44 -14.00
N PRO A 75 -1.64 -1.14 -15.15
CA PRO A 75 -0.44 -1.83 -15.59
C PRO A 75 0.58 -0.81 -16.09
N ARG A 76 1.86 -1.20 -16.10
CA ARG A 76 2.96 -0.34 -16.52
C ARG A 76 2.74 0.26 -17.91
N SER A 77 2.04 -0.47 -18.78
CA SER A 77 1.73 -0.02 -20.13
C SER A 77 0.81 1.20 -20.21
N GLU A 78 0.17 1.63 -19.13
CA GLU A 78 -0.76 2.75 -19.04
C GLU A 78 -0.18 3.92 -18.24
N TRP A 79 0.99 3.73 -17.62
CA TRP A 79 1.62 4.74 -16.78
C TRP A 79 1.84 6.07 -17.50
N GLY A 80 2.26 6.03 -18.76
CA GLY A 80 2.52 7.19 -19.60
C GLY A 80 1.45 7.41 -20.67
N ARG A 81 0.51 6.48 -20.81
CA ARG A 81 -0.59 6.51 -21.76
C ARG A 81 -1.93 6.11 -21.13
N ILE A 82 -2.55 7.04 -20.41
CA ILE A 82 -3.85 6.78 -19.80
C ILE A 82 -4.87 6.60 -20.91
N ASP A 83 -4.81 7.46 -21.93
CA ASP A 83 -5.68 7.50 -23.11
C ASP A 83 -5.77 6.13 -23.75
N LYS A 84 -6.91 5.45 -23.58
CA LYS A 84 -7.18 4.13 -24.14
C LYS A 84 -8.50 4.06 -24.89
N ASP A 85 -9.43 4.97 -24.62
CA ASP A 85 -10.73 5.02 -25.27
C ASP A 85 -11.16 6.47 -25.53
N GLY A 86 -10.17 7.39 -25.58
CA GLY A 86 -10.31 8.82 -25.81
C GLY A 86 -11.15 9.59 -24.79
N SER A 87 -11.76 8.91 -23.82
CA SER A 87 -12.59 9.49 -22.79
C SER A 87 -11.73 10.20 -21.75
N ASN A 88 -11.12 9.48 -20.80
CA ASN A 88 -10.28 10.02 -19.71
C ASN A 88 -11.02 11.09 -18.87
N SER A 89 -12.34 11.23 -19.03
CA SER A 89 -13.25 12.19 -18.39
C SER A 89 -12.89 12.53 -16.95
N LYS A 90 -12.83 11.54 -16.05
CA LYS A 90 -12.51 11.77 -14.65
C LYS A 90 -11.76 10.54 -14.15
N GLN A 91 -10.67 10.74 -13.43
CA GLN A 91 -9.88 9.66 -12.85
C GLN A 91 -8.99 10.20 -11.74
N SER A 92 -8.60 9.34 -10.80
CA SER A 92 -7.76 9.71 -9.67
C SER A 92 -6.79 8.56 -9.39
N ARG A 93 -5.65 8.55 -10.10
CA ARG A 93 -4.62 7.54 -9.88
C ARG A 93 -3.83 7.99 -8.65
N THR A 94 -2.86 7.20 -8.25
CA THR A 94 -1.95 7.40 -7.15
C THR A 94 -0.73 6.60 -7.52
N GLU A 95 0.43 7.04 -7.06
CA GLU A 95 1.70 6.43 -7.28
C GLU A 95 2.31 6.27 -5.89
N TRP A 96 2.31 5.02 -5.42
CA TRP A 96 2.82 4.63 -4.12
C TRP A 96 4.03 3.73 -4.28
N ASP A 97 5.16 4.22 -3.79
CA ASP A 97 6.46 3.58 -3.77
C ASP A 97 6.52 2.62 -2.59
N TYR A 98 6.92 1.37 -2.84
CA TYR A 98 7.05 0.36 -1.82
C TYR A 98 8.33 0.62 -1.00
N GLY A 99 8.11 1.20 0.17
CA GLY A 99 8.98 1.60 1.26
C GLY A 99 8.98 0.46 2.28
N GLU A 100 9.99 0.38 3.14
CA GLU A 100 10.13 -0.70 4.10
C GLU A 100 9.04 -0.65 5.17
N ILE A 101 8.78 -1.84 5.72
CA ILE A 101 7.76 -2.09 6.73
C ILE A 101 8.43 -2.18 8.09
N HIS A 102 7.76 -1.59 9.07
CA HIS A 102 8.19 -1.52 10.46
C HIS A 102 7.02 -1.92 11.37
N SER A 103 7.38 -2.50 12.51
CA SER A 103 6.43 -2.95 13.53
C SER A 103 5.94 -1.75 14.35
N ILE A 104 4.98 -1.96 15.24
CA ILE A 104 4.39 -0.92 16.09
C ILE A 104 4.33 -1.39 17.55
N ARG A 105 4.56 -0.47 18.49
CA ARG A 105 4.50 -0.72 19.93
C ARG A 105 3.08 -1.07 20.33
N GLY A 106 2.91 -2.16 21.08
CA GLY A 106 1.61 -2.59 21.55
C GLY A 106 0.62 -2.99 20.46
N LYS A 107 1.08 -3.34 19.26
CA LYS A 107 0.23 -3.77 18.15
C LYS A 107 0.91 -4.92 17.45
N SER A 108 0.12 -5.83 16.90
CA SER A 108 0.62 -6.99 16.19
C SER A 108 0.41 -6.79 14.71
N LEU A 109 1.33 -7.33 13.92
CA LEU A 109 1.33 -7.25 12.46
C LEU A 109 0.02 -7.78 11.90
N THR A 110 -0.59 -8.74 12.58
CA THR A 110 -1.82 -9.41 12.23
C THR A 110 -3.08 -8.54 12.36
N GLU A 111 -2.98 -7.38 13.01
CA GLU A 111 -4.08 -6.44 13.24
C GLU A 111 -3.74 -5.03 12.73
N ALA A 112 -2.50 -4.55 12.90
CA ALA A 112 -2.06 -3.24 12.44
C ALA A 112 -0.54 -3.15 12.43
N PHE A 113 0.02 -2.52 11.40
CA PHE A 113 1.47 -2.34 11.23
C PHE A 113 1.73 -1.05 10.47
N ALA A 114 3.01 -0.69 10.35
CA ALA A 114 3.44 0.54 9.67
C ALA A 114 4.17 0.25 8.36
N VAL A 115 3.88 1.03 7.32
CA VAL A 115 4.48 0.89 6.00
C VAL A 115 4.94 2.26 5.48
N GLU A 116 6.17 2.34 4.99
CA GLU A 116 6.74 3.55 4.44
C GLU A 116 6.13 3.76 3.04
N ILE A 117 5.22 4.73 2.91
CA ILE A 117 4.55 5.08 1.66
C ILE A 117 4.80 6.55 1.32
N ASN A 118 5.23 6.86 0.09
CA ASN A 118 5.46 8.25 -0.33
C ASN A 118 6.42 8.99 0.63
N ASP A 119 7.43 8.27 1.12
CA ASP A 119 8.47 8.75 2.05
C ASP A 119 7.93 8.92 3.46
N ASP A 120 6.68 8.53 3.75
CA ASP A 120 6.11 8.66 5.11
C ASP A 120 5.46 7.37 5.59
N PHE A 121 5.71 6.96 6.84
CA PHE A 121 5.12 5.75 7.39
C PHE A 121 3.63 5.95 7.63
N LYS A 122 2.81 5.02 7.15
CA LYS A 122 1.35 5.02 7.28
C LYS A 122 0.90 3.70 7.91
N LEU A 123 -0.20 3.77 8.66
CA LEU A 123 -0.79 2.65 9.38
C LEU A 123 -1.72 1.81 8.49
N ALA A 124 -1.48 0.51 8.42
CA ALA A 124 -2.32 -0.40 7.64
C ALA A 124 -3.08 -1.26 8.64
N THR A 125 -4.33 -1.58 8.32
CA THR A 125 -5.24 -2.36 9.15
C THR A 125 -5.79 -3.57 8.40
N LYS A 126 -6.05 -4.66 9.12
CA LYS A 126 -6.65 -5.87 8.55
C LYS A 126 -7.97 -5.50 7.85
N VAL A 127 -8.26 -6.09 6.70
CA VAL A 127 -9.49 -5.85 5.95
C VAL A 127 -10.04 -7.20 5.48
N GLY A 128 -11.35 -7.33 5.33
CA GLY A 128 -12.04 -8.54 4.90
C GLY A 128 -12.86 -8.36 3.63
N ASN A 129 -12.57 -7.33 2.84
CA ASN A 129 -13.21 -6.96 1.57
C ASN A 129 -12.26 -5.96 0.93
N ASP A 22 4.74 -15.15 6.45
CA ASP A 22 5.92 -15.79 5.86
C ASP A 22 6.78 -14.74 5.18
N ASN A 23 6.31 -14.19 4.06
CA ASN A 23 6.91 -13.17 3.24
C ASN A 23 5.76 -12.24 2.86
N PHE A 24 6.06 -10.96 2.84
CA PHE A 24 5.12 -9.89 2.53
C PHE A 24 4.92 -9.86 1.02
N VAL A 25 3.68 -10.02 0.60
CA VAL A 25 3.27 -10.05 -0.80
C VAL A 25 2.15 -9.02 -1.00
N ILE A 26 2.25 -8.12 -1.99
CA ILE A 26 1.18 -7.17 -2.23
C ILE A 26 0.04 -7.99 -2.87
N ASP A 27 -1.22 -7.71 -2.50
CA ASP A 27 -2.35 -8.46 -3.05
C ASP A 27 -2.45 -8.26 -4.56
N LYS A 28 -2.57 -9.36 -5.29
CA LYS A 28 -2.71 -9.33 -6.75
C LYS A 28 -4.03 -8.71 -7.18
N ASN A 29 -4.96 -8.51 -6.24
CA ASN A 29 -6.28 -7.93 -6.48
C ASN A 29 -6.40 -6.50 -5.97
N ASP A 30 -5.48 -6.03 -5.13
CA ASP A 30 -5.51 -4.68 -4.56
C ASP A 30 -4.09 -4.19 -4.28
N SER A 31 -3.63 -3.15 -4.97
CA SER A 31 -2.29 -2.59 -4.79
C SER A 31 -2.10 -2.00 -3.39
N ARG A 32 -3.20 -1.75 -2.65
CA ARG A 32 -3.23 -1.21 -1.30
C ARG A 32 -3.31 -2.32 -0.24
N LYS A 33 -3.39 -3.60 -0.63
CA LYS A 33 -3.46 -4.68 0.34
C LYS A 33 -2.14 -5.44 0.43
N ILE A 34 -1.93 -6.10 1.58
CA ILE A 34 -0.75 -6.89 1.90
C ILE A 34 -1.25 -8.23 2.37
N ASP A 35 -0.59 -9.27 1.88
CA ASP A 35 -0.84 -10.67 2.14
C ASP A 35 0.40 -11.18 2.85
N TYR A 36 0.26 -11.43 4.14
CA TYR A 36 1.35 -11.92 4.98
C TYR A 36 0.76 -12.86 6.03
N MET A 37 1.39 -14.02 6.22
CA MET A 37 0.97 -15.07 7.15
C MET A 37 -0.44 -15.56 6.83
N GLY A 38 -0.81 -15.56 5.56
CA GLY A 38 -2.14 -15.99 5.13
C GLY A 38 -3.20 -15.02 5.65
N ASN A 39 -2.82 -13.78 5.95
CA ASN A 39 -3.75 -12.76 6.43
C ASN A 39 -3.78 -11.65 5.42
N ILE A 40 -4.80 -10.81 5.50
CA ILE A 40 -5.01 -9.70 4.60
C ILE A 40 -5.05 -8.40 5.39
N TYR A 41 -4.26 -7.41 4.98
CA TYR A 41 -4.19 -6.08 5.60
C TYR A 41 -4.45 -5.04 4.51
N SER A 42 -4.88 -3.82 4.86
CA SER A 42 -5.18 -2.74 3.92
C SER A 42 -4.72 -1.43 4.53
N ILE A 43 -4.49 -0.43 3.69
CA ILE A 43 -4.03 0.89 4.08
C ILE A 43 -5.15 1.91 3.89
N SER A 44 -5.39 2.70 4.93
CA SER A 44 -6.37 3.79 4.92
C SER A 44 -5.47 5.05 4.87
N ASP A 45 -5.47 5.91 5.88
CA ASP A 45 -4.59 7.07 5.93
C ASP A 45 -4.50 7.43 7.40
N THR A 46 -3.40 6.99 7.99
CA THR A 46 -3.03 7.21 9.37
C THR A 46 -1.56 7.57 9.37
N THR A 47 -1.15 8.80 9.64
CA THR A 47 0.26 9.14 9.69
C THR A 47 0.81 8.41 10.95
N VAL A 48 1.87 7.60 10.86
CA VAL A 48 2.42 6.87 12.00
C VAL A 48 3.55 7.70 12.59
N SER A 49 3.34 8.19 13.81
CA SER A 49 4.31 8.99 14.52
C SER A 49 5.52 8.15 14.92
N ASP A 50 6.66 8.79 15.10
CA ASP A 50 7.92 8.17 15.50
C ASP A 50 7.79 7.53 16.88
N GLU A 51 6.87 8.01 17.72
CA GLU A 51 6.64 7.52 19.06
C GLU A 51 5.99 6.13 19.00
N GLU A 52 5.29 5.84 17.90
CA GLU A 52 4.61 4.57 17.68
C GLU A 52 5.50 3.63 16.87
N LEU A 53 6.29 4.20 15.97
CA LEU A 53 7.21 3.51 15.09
C LEU A 53 8.12 2.63 15.94
N GLY A 54 8.10 1.32 15.68
CA GLY A 54 8.89 0.34 16.39
C GLY A 54 10.25 0.19 15.73
N GLU A 55 10.48 -0.95 15.08
CA GLU A 55 11.72 -1.29 14.39
C GLU A 55 11.47 -1.91 13.02
N TYR A 56 12.53 -2.06 12.23
CA TYR A 56 12.53 -2.63 10.90
C TYR A 56 11.92 -4.04 10.90
N GLN A 57 10.95 -4.28 10.02
CA GLN A 57 10.28 -5.58 9.88
C GLN A 57 10.49 -6.18 8.49
N ASP A 58 10.49 -5.41 7.39
CA ASP A 58 10.70 -5.96 6.04
C ASP A 58 10.96 -4.85 5.02
N VAL A 59 11.53 -5.13 3.84
CA VAL A 59 11.80 -4.12 2.81
C VAL A 59 11.09 -4.46 1.51
N LEU A 60 10.56 -3.42 0.89
CA LEU A 60 9.84 -3.43 -0.37
C LEU A 60 10.68 -2.73 -1.43
N ALA A 61 10.30 -2.93 -2.70
CA ALA A 61 11.04 -2.38 -3.81
C ALA A 61 10.27 -2.32 -5.14
N GLU A 62 8.96 -2.12 -5.11
CA GLU A 62 8.16 -2.04 -6.33
C GLU A 62 7.20 -0.88 -6.22
N VAL A 63 6.48 -0.60 -7.29
CA VAL A 63 5.51 0.50 -7.36
C VAL A 63 4.31 -0.01 -8.13
N ARG A 64 3.12 0.46 -7.80
CA ARG A 64 1.91 0.07 -8.52
C ARG A 64 1.00 1.29 -8.57
N VAL A 65 0.03 1.27 -9.47
CA VAL A 65 -0.92 2.35 -9.67
C VAL A 65 -2.31 1.75 -9.58
N PHE A 66 -3.23 2.39 -8.90
CA PHE A 66 -4.61 1.92 -8.76
C PHE A 66 -5.60 3.10 -8.68
N ASP A 67 -6.90 2.84 -8.83
CA ASP A 67 -7.97 3.84 -8.77
C ASP A 67 -8.44 3.81 -7.32
N SER A 68 -7.99 4.79 -6.54
CA SER A 68 -8.20 5.03 -5.10
C SER A 68 -9.64 4.92 -4.59
N VAL A 69 -10.61 5.09 -5.47
CA VAL A 69 -12.03 5.05 -5.19
C VAL A 69 -12.40 3.70 -4.57
N SER A 70 -12.00 2.60 -5.21
CA SER A 70 -12.25 1.26 -4.79
C SER A 70 -10.97 0.45 -4.57
N GLY A 71 -9.90 0.80 -5.28
CA GLY A 71 -8.61 0.14 -5.22
C GLY A 71 -8.23 -0.60 -6.52
N LYS A 72 -8.98 -0.51 -7.61
CA LYS A 72 -8.69 -1.21 -8.88
C LYS A 72 -7.27 -0.95 -9.36
N SER A 73 -6.39 -1.94 -9.37
CA SER A 73 -5.01 -1.81 -9.84
C SER A 73 -5.02 -1.59 -11.36
N ILE A 74 -4.00 -0.93 -11.89
CA ILE A 74 -3.83 -0.61 -13.31
C ILE A 74 -2.56 -1.30 -13.83
N PRO A 75 -2.59 -1.84 -15.06
CA PRO A 75 -1.43 -2.49 -15.66
C PRO A 75 -0.42 -1.44 -16.12
N ARG A 76 0.84 -1.84 -16.32
CA ARG A 76 1.91 -0.93 -16.74
C ARG A 76 1.59 -0.31 -18.07
N SER A 77 0.87 -1.03 -18.93
CA SER A 77 0.47 -0.57 -20.24
C SER A 77 -0.48 0.63 -20.20
N GLU A 78 -0.97 1.07 -19.04
CA GLU A 78 -1.85 2.22 -18.90
C GLU A 78 -1.16 3.38 -18.15
N TRP A 79 0.04 3.16 -17.58
CA TRP A 79 0.83 4.13 -16.80
C TRP A 79 1.28 5.39 -17.54
N GLY A 80 0.99 5.50 -18.83
CA GLY A 80 1.31 6.61 -19.71
C GLY A 80 0.53 6.53 -21.01
N ARG A 81 -0.52 5.71 -21.04
CA ARG A 81 -1.37 5.48 -22.18
C ARG A 81 -2.76 5.80 -21.69
N ILE A 82 -3.11 7.08 -21.78
CA ILE A 82 -4.39 7.60 -21.35
C ILE A 82 -5.30 7.54 -22.57
N ASP A 83 -5.13 8.47 -23.50
CA ASP A 83 -5.89 8.62 -24.73
C ASP A 83 -5.15 9.63 -25.60
N LYS A 84 -5.37 9.60 -26.92
CA LYS A 84 -4.78 10.48 -27.91
C LYS A 84 -4.82 11.93 -27.46
N ASP A 85 -6.03 12.41 -27.24
CA ASP A 85 -6.28 13.79 -26.85
C ASP A 85 -5.99 13.96 -25.36
N GLY A 86 -6.34 12.97 -24.52
CA GLY A 86 -6.08 13.00 -23.09
C GLY A 86 -7.29 13.01 -22.19
N SER A 87 -7.96 11.87 -22.04
CA SER A 87 -9.13 11.64 -21.21
C SER A 87 -8.81 11.75 -19.70
N ASN A 88 -7.58 12.12 -19.31
CA ASN A 88 -7.12 12.25 -17.93
C ASN A 88 -8.04 13.08 -17.06
N SER A 89 -8.80 13.99 -17.67
CA SER A 89 -9.78 14.87 -17.03
C SER A 89 -10.90 14.08 -16.33
N LYS A 90 -10.98 12.76 -16.52
CA LYS A 90 -11.98 11.88 -15.91
C LYS A 90 -11.31 10.58 -15.45
N GLN A 91 -10.26 10.71 -14.62
CA GLN A 91 -9.47 9.61 -14.04
C GLN A 91 -9.29 9.89 -12.52
N SER A 92 -8.84 8.91 -11.72
CA SER A 92 -8.67 9.06 -10.27
C SER A 92 -7.64 8.04 -9.73
N ARG A 93 -6.49 7.95 -10.39
CA ARG A 93 -5.43 7.02 -10.02
C ARG A 93 -4.53 7.54 -8.91
N THR A 94 -3.74 6.66 -8.32
CA THR A 94 -2.80 6.92 -7.24
C THR A 94 -1.60 6.02 -7.47
N GLU A 95 -0.41 6.57 -7.26
CA GLU A 95 0.87 5.90 -7.42
C GLU A 95 1.52 5.76 -6.04
N TRP A 96 1.58 4.53 -5.58
CA TRP A 96 2.17 4.15 -4.30
C TRP A 96 3.44 3.34 -4.50
N ASP A 97 4.55 3.88 -4.00
CA ASP A 97 5.88 3.26 -4.05
C ASP A 97 6.02 2.44 -2.78
N TYR A 98 6.36 1.16 -2.93
CA TYR A 98 6.54 0.20 -1.86
C TYR A 98 7.86 0.42 -1.13
N GLY A 99 7.68 1.07 0.02
CA GLY A 99 8.60 1.48 1.04
C GLY A 99 8.61 0.40 2.10
N GLU A 100 9.65 0.36 2.92
CA GLU A 100 9.81 -0.69 3.90
C GLU A 100 8.76 -0.61 5.02
N ILE A 101 8.52 -1.78 5.62
CA ILE A 101 7.53 -2.01 6.66
C ILE A 101 8.17 -2.11 8.03
N HIS A 102 7.75 -1.24 8.93
CA HIS A 102 8.25 -1.19 10.31
C HIS A 102 7.14 -1.62 11.28
N SER A 103 7.58 -2.12 12.43
CA SER A 103 6.72 -2.55 13.51
C SER A 103 6.15 -1.32 14.20
N ILE A 104 5.23 -1.55 15.13
CA ILE A 104 4.59 -0.52 15.92
C ILE A 104 4.57 -0.99 17.36
N ARG A 105 4.97 -0.10 18.25
CA ARG A 105 5.02 -0.32 19.69
C ARG A 105 3.62 -0.65 20.16
N GLY A 106 3.44 -1.85 20.75
CA GLY A 106 2.16 -2.28 21.28
C GLY A 106 1.18 -2.81 20.23
N LYS A 107 1.60 -3.08 18.99
CA LYS A 107 0.72 -3.60 17.94
C LYS A 107 1.39 -4.74 17.21
N SER A 108 0.68 -5.83 16.99
CA SER A 108 1.23 -6.97 16.28
C SER A 108 1.08 -6.73 14.77
N LEU A 109 2.03 -7.22 13.96
CA LEU A 109 2.03 -7.07 12.50
C LEU A 109 0.77 -7.66 11.89
N THR A 110 0.16 -8.62 12.58
CA THR A 110 -1.04 -9.34 12.19
C THR A 110 -2.32 -8.52 12.36
N GLU A 111 -2.27 -7.40 13.09
CA GLU A 111 -3.42 -6.54 13.33
C GLU A 111 -3.18 -5.13 12.78
N ALA A 112 -1.99 -4.55 12.99
CA ALA A 112 -1.66 -3.22 12.55
C ALA A 112 -0.15 -3.05 12.54
N PHE A 113 0.37 -2.38 11.53
CA PHE A 113 1.79 -2.12 11.35
C PHE A 113 1.99 -0.84 10.54
N ALA A 114 3.23 -0.42 10.36
CA ALA A 114 3.60 0.80 9.64
C ALA A 114 4.25 0.50 8.29
N VAL A 115 3.82 1.15 7.20
CA VAL A 115 4.37 0.95 5.87
C VAL A 115 4.79 2.29 5.29
N GLU A 116 6.01 2.36 4.79
CA GLU A 116 6.54 3.56 4.17
C GLU A 116 5.88 3.70 2.79
N ILE A 117 4.94 4.61 2.62
CA ILE A 117 4.25 4.85 1.34
C ILE A 117 4.47 6.31 0.98
N ASN A 118 4.98 6.58 -0.23
CA ASN A 118 5.24 7.95 -0.68
C ASN A 118 6.14 8.68 0.33
N ASP A 119 7.18 8.01 0.84
CA ASP A 119 8.11 8.57 1.82
C ASP A 119 7.40 8.96 3.13
N ASP A 120 6.20 8.42 3.39
CA ASP A 120 5.44 8.68 4.62
C ASP A 120 4.93 7.36 5.19
N PHE A 121 5.26 7.01 6.44
CA PHE A 121 4.82 5.76 7.09
C PHE A 121 3.33 5.77 7.47
N LYS A 122 2.50 4.90 6.88
CA LYS A 122 1.06 4.81 7.15
C LYS A 122 0.71 3.59 7.99
N LEU A 123 -0.38 3.66 8.77
CA LEU A 123 -0.89 2.59 9.62
C LEU A 123 -1.84 1.74 8.79
N ALA A 124 -1.54 0.46 8.62
CA ALA A 124 -2.38 -0.47 7.87
C ALA A 124 -3.07 -1.34 8.88
N THR A 125 -4.28 -1.78 8.55
CA THR A 125 -5.05 -2.63 9.44
C THR A 125 -5.54 -3.89 8.73
N LYS A 126 -5.71 -4.97 9.51
CA LYS A 126 -6.24 -6.22 8.96
C LYS A 126 -7.61 -5.92 8.33
N VAL A 127 -7.92 -6.54 7.20
CA VAL A 127 -9.18 -6.36 6.51
C VAL A 127 -9.71 -7.74 6.09
N GLY A 128 -11.03 -7.89 6.10
CA GLY A 128 -11.75 -9.11 5.76
C GLY A 128 -11.16 -10.30 6.51
N ASN A 129 -10.91 -10.11 7.81
CA ASN A 129 -10.33 -11.11 8.71
C ASN A 129 -10.91 -12.47 8.46
N ASP A 22 4.99 -15.41 6.28
CA ASP A 22 6.39 -15.71 5.98
C ASP A 22 7.14 -14.56 5.33
N ASN A 23 6.55 -13.97 4.29
CA ASN A 23 7.11 -12.84 3.58
C ASN A 23 5.93 -12.01 3.10
N PHE A 24 6.07 -10.69 3.19
CA PHE A 24 5.04 -9.74 2.80
C PHE A 24 4.91 -9.77 1.28
N VAL A 25 3.68 -9.76 0.79
CA VAL A 25 3.35 -9.80 -0.63
C VAL A 25 2.28 -8.75 -0.85
N ILE A 26 2.50 -7.81 -1.76
CA ILE A 26 1.49 -6.82 -2.06
C ILE A 26 0.48 -7.57 -2.93
N ASP A 27 -0.81 -7.41 -2.63
CA ASP A 27 -1.87 -8.08 -3.38
C ASP A 27 -1.76 -7.76 -4.86
N LYS A 28 -1.90 -8.81 -5.68
CA LYS A 28 -1.80 -8.68 -7.13
C LYS A 28 -2.97 -7.90 -7.70
N ASN A 29 -4.08 -7.77 -6.97
CA ASN A 29 -5.25 -7.07 -7.47
C ASN A 29 -5.38 -5.69 -6.84
N ASP A 30 -5.02 -5.59 -5.56
CA ASP A 30 -5.11 -4.35 -4.80
C ASP A 30 -3.73 -3.91 -4.35
N SER A 31 -3.19 -2.88 -5.00
CA SER A 31 -1.88 -2.30 -4.73
C SER A 31 -1.80 -1.73 -3.29
N ARG A 32 -2.93 -1.63 -2.60
CA ARG A 32 -3.06 -1.12 -1.25
C ARG A 32 -3.18 -2.26 -0.24
N LYS A 33 -3.35 -3.52 -0.68
CA LYS A 33 -3.48 -4.62 0.28
C LYS A 33 -2.19 -5.40 0.40
N ILE A 34 -2.01 -6.05 1.54
CA ILE A 34 -0.85 -6.86 1.86
C ILE A 34 -1.36 -8.21 2.28
N ASP A 35 -0.82 -9.23 1.63
CA ASP A 35 -1.09 -10.63 1.82
C ASP A 35 0.15 -11.12 2.58
N TYR A 36 0.03 -11.37 3.89
CA TYR A 36 1.13 -11.86 4.71
C TYR A 36 0.57 -12.87 5.69
N MET A 37 1.26 -14.01 5.89
CA MET A 37 0.82 -15.08 6.80
C MET A 37 -0.61 -15.59 6.52
N GLY A 38 -1.13 -15.38 5.32
CA GLY A 38 -2.48 -15.78 4.92
C GLY A 38 -3.54 -14.74 5.31
N ASN A 39 -3.13 -13.65 5.94
CA ASN A 39 -4.00 -12.57 6.38
C ASN A 39 -4.08 -11.55 5.25
N ILE A 40 -4.96 -10.56 5.41
CA ILE A 40 -5.15 -9.49 4.45
C ILE A 40 -5.16 -8.20 5.26
N TYR A 41 -4.29 -7.27 4.90
CA TYR A 41 -4.20 -5.98 5.53
C TYR A 41 -4.49 -4.95 4.44
N SER A 42 -4.97 -3.76 4.83
CA SER A 42 -5.28 -2.67 3.91
C SER A 42 -4.79 -1.38 4.57
N ILE A 43 -4.58 -0.33 3.78
CA ILE A 43 -4.08 0.96 4.26
C ILE A 43 -5.12 2.06 4.07
N SER A 44 -5.29 2.85 5.13
CA SER A 44 -6.17 4.02 5.19
C SER A 44 -5.17 5.18 5.09
N ASP A 45 -5.20 6.21 5.95
CA ASP A 45 -4.16 7.23 5.87
C ASP A 45 -4.06 7.84 7.26
N THR A 46 -3.06 7.35 7.97
CA THR A 46 -2.63 7.73 9.29
C THR A 46 -1.13 7.83 9.25
N THR A 47 -0.58 8.99 9.56
CA THR A 47 0.84 9.25 9.62
C THR A 47 1.33 8.52 10.89
N VAL A 48 2.30 7.62 10.75
CA VAL A 48 2.84 6.85 11.86
C VAL A 48 4.07 7.61 12.36
N SER A 49 3.97 8.16 13.56
CA SER A 49 5.07 8.89 14.16
C SER A 49 6.11 7.91 14.70
N ASP A 50 7.34 8.39 14.88
CA ASP A 50 8.47 7.61 15.39
C ASP A 50 8.24 7.13 16.83
N GLU A 51 7.28 7.78 17.51
CA GLU A 51 6.90 7.45 18.87
C GLU A 51 6.03 6.18 18.87
N GLU A 52 5.55 5.72 17.71
CA GLU A 52 4.73 4.50 17.59
C GLU A 52 5.49 3.45 16.78
N LEU A 53 6.37 3.92 15.88
CA LEU A 53 7.23 3.13 15.00
C LEU A 53 8.05 2.18 15.90
N GLY A 54 8.13 0.90 15.55
CA GLY A 54 8.85 -0.12 16.31
C GLY A 54 10.21 -0.48 15.74
N GLU A 55 10.27 -1.58 14.99
CA GLU A 55 11.48 -2.11 14.38
C GLU A 55 11.25 -2.52 12.93
N TYR A 56 12.33 -2.62 12.15
CA TYR A 56 12.34 -3.00 10.74
C TYR A 56 11.71 -4.38 10.58
N GLN A 57 10.80 -4.54 9.61
CA GLN A 57 10.12 -5.79 9.33
C GLN A 57 10.45 -6.31 7.93
N ASP A 58 10.49 -5.49 6.88
CA ASP A 58 10.84 -5.97 5.53
C ASP A 58 11.15 -4.80 4.62
N VAL A 59 11.89 -5.02 3.52
CA VAL A 59 12.25 -3.97 2.57
C VAL A 59 11.50 -4.25 1.27
N LEU A 60 10.96 -3.19 0.67
CA LEU A 60 10.20 -3.21 -0.58
C LEU A 60 10.99 -2.55 -1.71
N ALA A 61 10.57 -2.79 -2.97
CA ALA A 61 11.28 -2.26 -4.15
C ALA A 61 10.43 -2.25 -5.43
N GLU A 62 9.13 -1.92 -5.37
CA GLU A 62 8.25 -1.86 -6.54
C GLU A 62 7.32 -0.66 -6.46
N VAL A 63 6.51 -0.41 -7.48
CA VAL A 63 5.57 0.70 -7.51
C VAL A 63 4.33 0.25 -8.26
N ARG A 64 3.17 0.81 -7.92
CA ARG A 64 1.92 0.51 -8.59
C ARG A 64 1.05 1.75 -8.61
N VAL A 65 0.05 1.70 -9.46
CA VAL A 65 -0.92 2.75 -9.71
C VAL A 65 -2.31 2.11 -9.61
N PHE A 66 -3.22 2.69 -8.82
CA PHE A 66 -4.58 2.18 -8.64
C PHE A 66 -5.60 3.30 -8.39
N ASP A 67 -6.88 3.02 -8.60
CA ASP A 67 -7.96 4.00 -8.41
C ASP A 67 -8.31 3.81 -6.94
N SER A 68 -7.81 4.70 -6.08
CA SER A 68 -7.94 4.71 -4.62
C SER A 68 -9.34 4.51 -4.05
N VAL A 69 -10.36 4.84 -4.83
CA VAL A 69 -11.78 4.76 -4.48
C VAL A 69 -12.15 3.34 -4.10
N SER A 70 -11.73 2.37 -4.90
CA SER A 70 -12.00 0.98 -4.72
C SER A 70 -10.72 0.12 -4.62
N GLY A 71 -9.59 0.63 -5.12
CA GLY A 71 -8.33 -0.10 -5.09
C GLY A 71 -7.99 -0.81 -6.41
N LYS A 72 -8.72 -0.54 -7.50
CA LYS A 72 -8.50 -1.19 -8.79
C LYS A 72 -7.12 -0.83 -9.34
N SER A 73 -6.21 -1.79 -9.42
CA SER A 73 -4.88 -1.53 -9.95
C SER A 73 -4.96 -1.34 -11.47
N ILE A 74 -4.04 -0.56 -12.03
CA ILE A 74 -3.94 -0.28 -13.46
C ILE A 74 -2.65 -0.97 -13.98
N PRO A 75 -2.62 -1.45 -15.23
CA PRO A 75 -1.46 -2.12 -15.80
C PRO A 75 -0.42 -1.07 -16.21
N ARG A 76 0.84 -1.49 -16.36
CA ARG A 76 1.92 -0.57 -16.73
C ARG A 76 1.65 0.15 -18.04
N SER A 77 0.95 -0.50 -18.97
CA SER A 77 0.63 0.11 -20.25
C SER A 77 -0.30 1.33 -20.13
N GLU A 78 -0.87 1.62 -18.97
CA GLU A 78 -1.77 2.76 -18.77
C GLU A 78 -1.09 3.87 -17.97
N TRP A 79 0.10 3.63 -17.40
CA TRP A 79 0.90 4.54 -16.57
C TRP A 79 1.37 5.82 -17.29
N GLY A 80 0.95 6.05 -18.53
CA GLY A 80 1.29 7.21 -19.33
C GLY A 80 0.28 7.43 -20.45
N ARG A 81 -0.95 6.89 -20.33
CA ARG A 81 -1.99 7.00 -21.34
C ARG A 81 -3.00 8.10 -21.04
N ILE A 82 -2.53 9.25 -20.55
CA ILE A 82 -3.42 10.36 -20.24
C ILE A 82 -4.06 10.84 -21.56
N ASP A 83 -3.23 11.08 -22.57
CA ASP A 83 -3.61 11.57 -23.89
C ASP A 83 -2.86 10.83 -25.00
N LYS A 84 -3.33 9.62 -25.34
CA LYS A 84 -2.73 8.81 -26.41
C LYS A 84 -3.74 8.08 -27.28
N ASP A 85 -4.73 7.45 -26.68
CA ASP A 85 -5.77 6.68 -27.37
C ASP A 85 -7.11 6.80 -26.64
N GLY A 86 -7.35 7.91 -25.94
CA GLY A 86 -8.58 8.12 -25.19
C GLY A 86 -8.50 9.36 -24.32
N SER A 87 -9.52 9.56 -23.48
CA SER A 87 -9.61 10.69 -22.57
C SER A 87 -9.55 10.23 -21.11
N ASN A 88 -9.26 11.17 -20.22
CA ASN A 88 -9.15 10.99 -18.78
C ASN A 88 -9.80 12.23 -18.19
N SER A 89 -11.13 12.19 -18.12
CA SER A 89 -11.95 13.30 -17.63
C SER A 89 -12.73 12.97 -16.33
N LYS A 90 -12.71 11.73 -15.83
CA LYS A 90 -13.47 11.33 -14.62
C LYS A 90 -12.82 10.21 -13.78
N GLN A 91 -11.56 9.90 -14.03
CA GLN A 91 -10.80 8.87 -13.34
C GLN A 91 -9.82 9.59 -12.42
N SER A 92 -9.11 8.83 -11.60
CA SER A 92 -8.12 9.33 -10.66
C SER A 92 -7.29 8.12 -10.28
N ARG A 93 -6.01 8.34 -10.01
CA ARG A 93 -5.09 7.28 -9.64
C ARG A 93 -4.20 7.72 -8.49
N THR A 94 -3.67 6.74 -7.79
CA THR A 94 -2.78 6.91 -6.67
C THR A 94 -1.60 5.99 -6.94
N GLU A 95 -0.44 6.61 -7.09
CA GLU A 95 0.84 6.00 -7.35
C GLU A 95 1.46 5.69 -5.99
N TRP A 96 1.49 4.43 -5.57
CA TRP A 96 2.07 4.03 -4.30
C TRP A 96 3.34 3.23 -4.53
N ASP A 97 4.44 3.81 -4.07
CA ASP A 97 5.78 3.26 -4.09
C ASP A 97 5.87 2.32 -2.90
N TYR A 98 6.36 1.10 -3.11
CA TYR A 98 6.53 0.07 -2.13
C TYR A 98 7.79 0.41 -1.36
N GLY A 99 7.57 0.84 -0.11
CA GLY A 99 8.52 1.25 0.88
C GLY A 99 8.65 0.25 2.02
N GLU A 100 9.76 0.30 2.76
CA GLU A 100 10.03 -0.69 3.79
C GLU A 100 9.03 -0.59 4.94
N ILE A 101 8.68 -1.79 5.40
CA ILE A 101 7.72 -2.08 6.45
C ILE A 101 8.43 -2.19 7.77
N HIS A 102 7.78 -1.66 8.79
CA HIS A 102 8.23 -1.66 10.16
C HIS A 102 7.07 -2.01 11.08
N SER A 103 7.41 -2.61 12.21
CA SER A 103 6.52 -3.02 13.26
C SER A 103 6.10 -1.76 14.03
N ILE A 104 5.17 -1.91 14.96
CA ILE A 104 4.65 -0.84 15.79
C ILE A 104 4.78 -1.31 17.23
N ARG A 105 5.22 -0.40 18.10
CA ARG A 105 5.39 -0.67 19.51
C ARG A 105 4.01 -0.98 20.09
N GLY A 106 3.90 -2.08 20.83
CA GLY A 106 2.64 -2.47 21.45
C GLY A 106 1.55 -2.90 20.46
N LYS A 107 1.90 -3.33 19.24
CA LYS A 107 0.92 -3.80 18.26
C LYS A 107 1.51 -5.02 17.58
N SER A 108 0.65 -5.87 17.05
CA SER A 108 1.03 -7.07 16.33
C SER A 108 0.76 -6.77 14.86
N LEU A 109 1.66 -7.21 13.97
CA LEU A 109 1.54 -7.03 12.52
C LEU A 109 0.20 -7.63 12.04
N THR A 110 -0.33 -8.60 12.79
CA THR A 110 -1.58 -9.30 12.53
C THR A 110 -2.81 -8.40 12.71
N GLU A 111 -2.68 -7.24 13.35
CA GLU A 111 -3.78 -6.31 13.60
C GLU A 111 -3.47 -4.95 12.96
N ALA A 112 -2.24 -4.46 13.06
CA ALA A 112 -1.81 -3.18 12.49
C ALA A 112 -0.29 -3.08 12.46
N PHE A 113 0.23 -2.33 11.50
CA PHE A 113 1.67 -2.12 11.31
C PHE A 113 1.90 -0.85 10.50
N ALA A 114 3.18 -0.50 10.33
CA ALA A 114 3.63 0.68 9.62
C ALA A 114 4.29 0.31 8.29
N VAL A 115 3.99 1.03 7.22
CA VAL A 115 4.52 0.79 5.89
C VAL A 115 4.89 2.12 5.24
N GLU A 116 6.11 2.22 4.74
CA GLU A 116 6.58 3.42 4.07
C GLU A 116 5.85 3.49 2.72
N ILE A 117 4.90 4.42 2.60
CA ILE A 117 4.15 4.65 1.37
C ILE A 117 4.38 6.09 0.95
N ASN A 118 4.81 6.34 -0.29
CA ASN A 118 5.07 7.71 -0.78
C ASN A 118 6.04 8.41 0.17
N ASP A 119 7.09 7.69 0.59
CA ASP A 119 8.16 8.17 1.47
C ASP A 119 7.69 8.42 2.92
N ASP A 120 6.40 8.29 3.20
CA ASP A 120 5.80 8.57 4.51
C ASP A 120 5.20 7.31 5.14
N PHE A 121 5.62 6.91 6.34
CA PHE A 121 5.11 5.71 7.02
C PHE A 121 3.61 5.79 7.36
N LYS A 122 2.79 4.93 6.76
CA LYS A 122 1.35 4.84 6.94
C LYS A 122 0.97 3.65 7.81
N LEU A 123 -0.13 3.81 8.52
CA LEU A 123 -0.70 2.78 9.40
C LEU A 123 -1.65 1.90 8.59
N ALA A 124 -1.39 0.60 8.55
CA ALA A 124 -2.21 -0.38 7.85
C ALA A 124 -2.97 -1.16 8.92
N THR A 125 -4.15 -1.64 8.57
CA THR A 125 -5.01 -2.42 9.46
C THR A 125 -5.47 -3.71 8.78
N LYS A 126 -5.75 -4.75 9.56
CA LYS A 126 -6.22 -6.03 9.04
C LYS A 126 -7.64 -5.82 8.51
N VAL A 127 -7.88 -6.14 7.24
CA VAL A 127 -9.18 -6.01 6.60
C VAL A 127 -9.45 -7.28 5.81
N GLY A 128 -10.39 -8.07 6.32
CA GLY A 128 -10.82 -9.33 5.73
C GLY A 128 -12.16 -9.19 4.99
N ASN A 129 -12.61 -7.96 4.73
CA ASN A 129 -13.85 -7.67 4.02
C ASN A 129 -13.54 -7.66 2.53
N ASP A 22 5.02 -14.94 6.67
CA ASP A 22 6.46 -15.24 6.58
C ASP A 22 7.24 -14.21 5.80
N ASN A 23 6.74 -13.83 4.63
CA ASN A 23 7.30 -12.83 3.74
C ASN A 23 6.09 -12.09 3.21
N PHE A 24 6.13 -10.76 3.26
CA PHE A 24 5.04 -9.90 2.81
C PHE A 24 4.90 -9.98 1.29
N VAL A 25 3.66 -9.89 0.81
CA VAL A 25 3.31 -9.94 -0.60
C VAL A 25 2.24 -8.88 -0.82
N ILE A 26 2.42 -7.99 -1.80
CA ILE A 26 1.41 -6.98 -2.07
C ILE A 26 0.37 -7.69 -2.94
N ASP A 27 -0.92 -7.60 -2.61
CA ASP A 27 -1.98 -8.26 -3.39
C ASP A 27 -1.92 -7.79 -4.84
N LYS A 28 -1.75 -8.75 -5.75
CA LYS A 28 -1.69 -8.48 -7.18
C LYS A 28 -2.96 -7.78 -7.69
N ASN A 29 -4.08 -7.96 -7.00
CA ASN A 29 -5.37 -7.40 -7.36
C ASN A 29 -5.60 -6.03 -6.73
N ASP A 30 -5.05 -5.77 -5.55
CA ASP A 30 -5.17 -4.52 -4.84
C ASP A 30 -3.78 -4.18 -4.37
N SER A 31 -3.09 -3.29 -5.07
CA SER A 31 -1.74 -2.90 -4.71
C SER A 31 -1.72 -2.16 -3.37
N ARG A 32 -2.90 -1.79 -2.87
CA ARG A 32 -3.13 -1.10 -1.61
C ARG A 32 -3.34 -2.13 -0.49
N LYS A 33 -3.36 -3.43 -0.79
CA LYS A 33 -3.53 -4.48 0.22
C LYS A 33 -2.25 -5.29 0.31
N ILE A 34 -2.08 -5.97 1.43
CA ILE A 34 -0.93 -6.79 1.73
C ILE A 34 -1.48 -8.13 2.18
N ASP A 35 -0.82 -9.19 1.74
CA ASP A 35 -1.11 -10.57 2.02
C ASP A 35 0.13 -11.07 2.74
N TYR A 36 -0.01 -11.29 4.03
CA TYR A 36 1.08 -11.78 4.85
C TYR A 36 0.52 -12.75 5.88
N MET A 37 1.24 -13.85 6.15
CA MET A 37 0.80 -14.88 7.11
C MET A 37 -0.57 -15.48 6.76
N GLY A 38 -1.00 -15.40 5.50
CA GLY A 38 -2.29 -15.91 5.09
C GLY A 38 -3.42 -14.98 5.52
N ASN A 39 -3.11 -13.71 5.82
CA ASN A 39 -4.10 -12.71 6.23
C ASN A 39 -3.99 -11.53 5.29
N ILE A 40 -5.06 -10.73 5.24
CA ILE A 40 -5.14 -9.54 4.39
C ILE A 40 -5.11 -8.31 5.30
N TYR A 41 -4.40 -7.30 4.84
CA TYR A 41 -4.26 -6.02 5.51
C TYR A 41 -4.52 -4.96 4.45
N SER A 42 -5.14 -3.87 4.86
CA SER A 42 -5.52 -2.73 4.05
C SER A 42 -4.91 -1.48 4.71
N ILE A 43 -4.55 -0.48 3.90
CA ILE A 43 -3.94 0.77 4.35
C ILE A 43 -4.89 1.93 4.12
N SER A 44 -5.19 2.64 5.21
CA SER A 44 -6.03 3.84 5.23
C SER A 44 -4.97 4.96 5.10
N ASP A 45 -5.14 6.10 5.75
CA ASP A 45 -4.11 7.11 5.71
C ASP A 45 -4.12 7.67 7.12
N THR A 46 -3.18 7.15 7.86
CA THR A 46 -2.85 7.47 9.22
C THR A 46 -1.33 7.55 9.28
N THR A 47 -0.72 8.72 9.45
CA THR A 47 0.74 8.78 9.55
C THR A 47 1.11 8.14 10.90
N VAL A 48 2.08 7.24 10.93
CA VAL A 48 2.58 6.56 12.12
C VAL A 48 3.79 7.36 12.59
N SER A 49 3.70 7.97 13.78
CA SER A 49 4.82 8.75 14.33
C SER A 49 5.95 7.81 14.77
N ASP A 50 7.17 8.36 14.90
CA ASP A 50 8.37 7.65 15.32
C ASP A 50 8.21 7.09 16.74
N GLU A 51 7.37 7.71 17.56
CA GLU A 51 7.11 7.28 18.93
C GLU A 51 6.21 6.04 18.96
N GLU A 52 5.57 5.71 17.84
CA GLU A 52 4.69 4.55 17.69
C GLU A 52 5.41 3.49 16.87
N LEU A 53 6.35 3.89 16.02
CA LEU A 53 7.14 2.97 15.20
C LEU A 53 7.94 2.07 16.16
N GLY A 54 8.08 0.79 15.82
CA GLY A 54 8.81 -0.19 16.60
C GLY A 54 10.19 -0.36 16.00
N GLU A 55 10.41 -1.45 15.27
CA GLU A 55 11.67 -1.77 14.61
C GLU A 55 11.39 -2.25 13.18
N TYR A 56 12.43 -2.32 12.36
CA TYR A 56 12.34 -2.77 10.98
C TYR A 56 11.77 -4.19 10.93
N GLN A 57 10.97 -4.47 9.91
CA GLN A 57 10.35 -5.77 9.69
C GLN A 57 10.72 -6.33 8.32
N ASP A 58 10.60 -5.58 7.22
CA ASP A 58 10.98 -6.12 5.91
C ASP A 58 11.16 -4.99 4.90
N VAL A 59 11.91 -5.24 3.84
CA VAL A 59 12.20 -4.26 2.81
C VAL A 59 11.40 -4.56 1.55
N LEU A 60 10.90 -3.48 0.98
CA LEU A 60 10.10 -3.39 -0.23
C LEU A 60 10.93 -2.64 -1.28
N ALA A 61 10.56 -2.72 -2.57
CA ALA A 61 11.25 -2.04 -3.67
C ALA A 61 10.46 -2.19 -4.96
N GLU A 62 9.29 -1.57 -5.06
CA GLU A 62 8.47 -1.62 -6.28
C GLU A 62 7.48 -0.46 -6.26
N VAL A 63 6.71 -0.29 -7.33
CA VAL A 63 5.71 0.78 -7.43
C VAL A 63 4.52 0.21 -8.20
N ARG A 64 3.32 0.71 -7.90
CA ARG A 64 2.10 0.31 -8.57
C ARG A 64 1.16 1.49 -8.57
N VAL A 65 0.26 1.52 -9.54
CA VAL A 65 -0.70 2.58 -9.73
C VAL A 65 -2.10 1.97 -9.71
N PHE A 66 -2.99 2.56 -8.92
CA PHE A 66 -4.37 2.15 -8.78
C PHE A 66 -5.28 3.33 -8.50
N ASP A 67 -6.58 3.13 -8.75
CA ASP A 67 -7.62 4.12 -8.58
C ASP A 67 -8.01 4.01 -7.12
N SER A 68 -7.53 4.91 -6.27
CA SER A 68 -7.77 4.92 -4.82
C SER A 68 -9.24 4.94 -4.41
N VAL A 69 -10.16 5.19 -5.35
CA VAL A 69 -11.58 5.25 -5.08
C VAL A 69 -12.09 3.87 -4.66
N SER A 70 -11.60 2.83 -5.33
CA SER A 70 -11.96 1.44 -5.07
C SER A 70 -10.75 0.55 -4.77
N GLY A 71 -9.59 0.90 -5.32
CA GLY A 71 -8.35 0.16 -5.21
C GLY A 71 -7.99 -0.54 -6.54
N LYS A 72 -8.78 -0.30 -7.60
CA LYS A 72 -8.64 -0.88 -8.92
C LYS A 72 -7.26 -0.60 -9.50
N SER A 73 -6.46 -1.65 -9.65
CA SER A 73 -5.11 -1.62 -10.19
C SER A 73 -5.13 -1.19 -11.66
N ILE A 74 -4.03 -0.62 -12.14
CA ILE A 74 -3.87 -0.17 -13.53
C ILE A 74 -2.65 -0.89 -14.13
N PRO A 75 -2.61 -1.12 -15.46
CA PRO A 75 -1.47 -1.74 -16.13
C PRO A 75 -0.41 -0.67 -16.40
N ARG A 76 0.82 -1.08 -16.67
CA ARG A 76 1.92 -0.14 -16.93
C ARG A 76 1.60 0.78 -18.12
N SER A 77 0.81 0.33 -19.09
CA SER A 77 0.43 1.13 -20.25
C SER A 77 -0.49 2.31 -19.91
N GLU A 78 -1.02 2.41 -18.69
CA GLU A 78 -1.90 3.50 -18.26
C GLU A 78 -1.11 4.46 -17.37
N TRP A 79 0.14 4.17 -17.04
CA TRP A 79 0.98 5.03 -16.20
C TRP A 79 1.43 6.30 -16.97
N GLY A 80 0.79 6.64 -18.09
CA GLY A 80 1.10 7.79 -18.92
C GLY A 80 1.46 7.38 -20.35
N ARG A 81 0.81 6.36 -20.93
CA ARG A 81 1.05 5.92 -22.29
C ARG A 81 -0.30 5.77 -22.99
N ILE A 82 -1.21 6.70 -22.69
CA ILE A 82 -2.54 6.74 -23.27
C ILE A 82 -2.32 7.19 -24.71
N ASP A 83 -1.91 8.45 -24.91
CA ASP A 83 -1.66 9.04 -26.22
C ASP A 83 -2.89 8.87 -27.12
N LYS A 84 -4.02 9.32 -26.57
CA LYS A 84 -5.37 9.35 -27.08
C LYS A 84 -6.00 10.53 -26.34
N ASP A 85 -6.94 11.23 -26.97
CA ASP A 85 -7.60 12.39 -26.39
C ASP A 85 -9.13 12.21 -26.46
N GLY A 86 -9.59 10.95 -26.47
CA GLY A 86 -11.00 10.61 -26.55
C GLY A 86 -11.78 11.00 -25.29
N SER A 87 -11.42 10.44 -24.13
CA SER A 87 -12.06 10.71 -22.85
C SER A 87 -11.22 10.13 -21.72
N ASN A 88 -10.51 10.99 -20.98
CA ASN A 88 -9.66 10.63 -19.85
C ASN A 88 -10.16 11.29 -18.57
N SER A 89 -11.45 11.67 -18.57
CA SER A 89 -12.22 12.31 -17.51
C SER A 89 -12.38 11.45 -16.25
N LYS A 90 -12.71 12.08 -15.12
CA LYS A 90 -12.96 11.46 -13.79
C LYS A 90 -11.90 10.42 -13.39
N GLN A 91 -10.69 10.51 -13.94
CA GLN A 91 -9.60 9.61 -13.65
C GLN A 91 -8.89 10.13 -12.41
N SER A 92 -8.64 9.28 -11.43
CA SER A 92 -7.99 9.61 -10.18
C SER A 92 -7.17 8.40 -9.77
N ARG A 93 -5.93 8.37 -10.26
CA ARG A 93 -4.96 7.33 -9.99
C ARG A 93 -4.16 7.74 -8.76
N THR A 94 -3.51 6.79 -8.13
CA THR A 94 -2.68 6.96 -6.96
C THR A 94 -1.50 6.02 -7.16
N GLU A 95 -0.31 6.59 -7.11
CA GLU A 95 0.94 5.89 -7.28
C GLU A 95 1.52 5.67 -5.89
N TRP A 96 1.50 4.42 -5.42
CA TRP A 96 2.05 4.07 -4.13
C TRP A 96 3.31 3.25 -4.35
N ASP A 97 4.39 3.84 -3.89
CA ASP A 97 5.75 3.37 -3.90
C ASP A 97 5.91 2.40 -2.72
N TYR A 98 6.22 1.13 -3.00
CA TYR A 98 6.42 0.11 -2.01
C TYR A 98 7.71 0.42 -1.26
N GLY A 99 7.54 0.88 -0.03
CA GLY A 99 8.52 1.26 0.96
C GLY A 99 8.61 0.23 2.09
N GLU A 100 9.72 0.20 2.84
CA GLU A 100 9.94 -0.81 3.85
C GLU A 100 8.96 -0.69 5.02
N ILE A 101 8.70 -1.88 5.57
CA ILE A 101 7.77 -2.15 6.64
C ILE A 101 8.49 -2.22 7.97
N HIS A 102 7.82 -1.67 8.96
CA HIS A 102 8.25 -1.60 10.35
C HIS A 102 7.10 -1.99 11.28
N SER A 103 7.47 -2.53 12.45
CA SER A 103 6.51 -2.93 13.47
C SER A 103 6.03 -1.67 14.19
N ILE A 104 5.05 -1.82 15.08
CA ILE A 104 4.50 -0.73 15.86
C ILE A 104 4.59 -1.15 17.32
N ARG A 105 4.92 -0.19 18.18
CA ARG A 105 5.04 -0.38 19.61
C ARG A 105 3.67 -0.75 20.17
N GLY A 106 3.62 -1.80 20.99
CA GLY A 106 2.38 -2.24 21.60
C GLY A 106 1.36 -2.84 20.62
N LYS A 107 1.76 -3.26 19.42
CA LYS A 107 0.85 -3.84 18.44
C LYS A 107 1.49 -5.06 17.83
N SER A 108 0.66 -5.94 17.29
CA SER A 108 1.11 -7.15 16.61
C SER A 108 0.90 -6.89 15.13
N LEU A 109 1.83 -7.35 14.30
CA LEU A 109 1.74 -7.22 12.85
C LEU A 109 0.43 -7.85 12.37
N THR A 110 -0.11 -8.82 13.12
CA THR A 110 -1.32 -9.57 12.87
C THR A 110 -2.60 -8.74 12.98
N GLU A 111 -2.51 -7.53 13.54
CA GLU A 111 -3.65 -6.64 13.67
C GLU A 111 -3.37 -5.35 12.92
N ALA A 112 -2.16 -4.79 13.02
CA ALA A 112 -1.79 -3.55 12.37
C ALA A 112 -0.27 -3.40 12.33
N PHE A 113 0.21 -2.62 11.37
CA PHE A 113 1.64 -2.36 11.19
C PHE A 113 1.84 -1.07 10.42
N ALA A 114 3.09 -0.67 10.27
CA ALA A 114 3.51 0.54 9.58
C ALA A 114 4.25 0.21 8.30
N VAL A 115 3.93 0.89 7.20
CA VAL A 115 4.56 0.69 5.90
C VAL A 115 4.88 2.06 5.31
N GLU A 116 6.10 2.20 4.81
CA GLU A 116 6.58 3.43 4.17
C GLU A 116 5.85 3.58 2.83
N ILE A 117 4.84 4.45 2.76
CA ILE A 117 4.05 4.70 1.56
C ILE A 117 4.19 6.17 1.20
N ASN A 118 4.65 6.48 -0.02
CA ASN A 118 4.85 7.85 -0.49
C ASN A 118 5.74 8.59 0.50
N ASP A 119 6.85 7.95 0.89
CA ASP A 119 7.85 8.49 1.80
C ASP A 119 7.32 8.79 3.20
N ASP A 120 6.09 8.38 3.53
CA ASP A 120 5.52 8.61 4.87
C ASP A 120 4.94 7.31 5.40
N PHE A 121 5.41 6.85 6.56
CA PHE A 121 4.95 5.61 7.17
C PHE A 121 3.47 5.71 7.50
N LYS A 122 2.68 4.83 6.90
CA LYS A 122 1.23 4.77 7.07
C LYS A 122 0.85 3.48 7.74
N LEU A 123 -0.23 3.58 8.51
CA LEU A 123 -0.82 2.53 9.31
C LEU A 123 -1.70 1.61 8.47
N ALA A 124 -1.41 0.31 8.48
CA ALA A 124 -2.16 -0.72 7.79
C ALA A 124 -2.86 -1.54 8.86
N THR A 125 -4.06 -2.02 8.58
CA THR A 125 -4.88 -2.82 9.50
C THR A 125 -5.39 -4.08 8.82
N LYS A 126 -5.51 -5.17 9.57
CA LYS A 126 -6.01 -6.46 9.11
C LYS A 126 -7.47 -6.26 8.72
N VAL A 127 -7.80 -6.53 7.46
CA VAL A 127 -9.16 -6.39 6.94
C VAL A 127 -9.46 -7.61 6.07
N GLY A 128 -10.69 -8.14 6.14
CA GLY A 128 -11.15 -9.30 5.39
C GLY A 128 -12.45 -9.02 4.64
N ASN A 129 -12.66 -7.77 4.21
CA ASN A 129 -13.82 -7.29 3.46
C ASN A 129 -13.32 -6.21 2.55
N ASP A 22 4.73 -15.91 5.18
CA ASP A 22 6.14 -15.93 5.58
C ASP A 22 6.83 -14.59 5.43
N ASN A 23 6.70 -13.95 4.28
CA ASN A 23 7.24 -12.66 3.88
C ASN A 23 6.12 -11.96 3.14
N PHE A 24 6.07 -10.65 3.33
CA PHE A 24 5.11 -9.70 2.80
C PHE A 24 5.06 -9.71 1.28
N VAL A 25 3.84 -9.63 0.75
CA VAL A 25 3.51 -9.63 -0.66
C VAL A 25 2.36 -8.63 -0.85
N ILE A 26 2.37 -7.87 -1.94
CA ILE A 26 1.32 -6.91 -2.24
C ILE A 26 0.27 -7.67 -3.04
N ASP A 27 -1.01 -7.40 -2.77
CA ASP A 27 -2.10 -8.09 -3.46
C ASP A 27 -2.21 -7.69 -4.91
N LYS A 28 -2.31 -8.70 -5.76
CA LYS A 28 -2.47 -8.51 -7.19
C LYS A 28 -3.87 -7.94 -7.48
N ASN A 29 -4.83 -8.02 -6.56
CA ASN A 29 -6.20 -7.53 -6.77
C ASN A 29 -6.38 -6.10 -6.27
N ASP A 30 -5.65 -5.70 -5.23
CA ASP A 30 -5.71 -4.38 -4.64
C ASP A 30 -4.28 -4.02 -4.25
N SER A 31 -3.63 -3.05 -4.91
CA SER A 31 -2.25 -2.72 -4.54
C SER A 31 -2.17 -2.15 -3.12
N ARG A 32 -3.33 -1.76 -2.57
CA ARG A 32 -3.44 -1.21 -1.23
C ARG A 32 -3.49 -2.33 -0.19
N LYS A 33 -3.53 -3.59 -0.63
CA LYS A 33 -3.59 -4.72 0.29
C LYS A 33 -2.28 -5.47 0.34
N ILE A 34 -2.09 -6.21 1.43
CA ILE A 34 -0.92 -7.01 1.70
C ILE A 34 -1.38 -8.39 2.10
N ASP A 35 -0.78 -9.39 1.47
CA ASP A 35 -1.03 -10.79 1.72
C ASP A 35 0.20 -11.19 2.54
N TYR A 36 0.10 -11.22 3.87
CA TYR A 36 1.20 -11.58 4.76
C TYR A 36 0.72 -12.61 5.77
N MET A 37 1.41 -13.75 5.87
CA MET A 37 1.10 -14.89 6.75
C MET A 37 -0.31 -15.41 6.47
N GLY A 38 -0.76 -15.35 5.22
CA GLY A 38 -2.11 -15.79 4.85
C GLY A 38 -3.17 -14.81 5.34
N ASN A 39 -2.77 -13.71 5.98
CA ASN A 39 -3.68 -12.67 6.46
C ASN A 39 -3.73 -11.65 5.33
N ILE A 40 -4.77 -10.82 5.37
CA ILE A 40 -5.01 -9.77 4.40
C ILE A 40 -5.06 -8.47 5.19
N TYR A 41 -4.37 -7.45 4.71
CA TYR A 41 -4.37 -6.13 5.35
C TYR A 41 -4.68 -5.09 4.29
N SER A 42 -5.13 -3.91 4.69
CA SER A 42 -5.44 -2.79 3.80
C SER A 42 -4.92 -1.51 4.45
N ILE A 43 -4.65 -0.48 3.65
CA ILE A 43 -4.14 0.81 4.12
C ILE A 43 -5.19 1.89 3.94
N SER A 44 -5.45 2.65 5.00
CA SER A 44 -6.39 3.77 5.00
C SER A 44 -5.47 5.00 4.88
N ASP A 45 -5.35 5.82 5.93
CA ASP A 45 -4.55 6.99 6.02
C ASP A 45 -4.38 7.32 7.50
N THR A 46 -3.24 6.93 8.05
CA THR A 46 -2.83 7.19 9.41
C THR A 46 -1.36 7.58 9.43
N THR A 47 -0.96 8.82 9.67
CA THR A 47 0.47 9.16 9.74
C THR A 47 1.01 8.45 11.01
N VAL A 48 2.02 7.59 10.91
CA VAL A 48 2.60 6.89 12.06
C VAL A 48 3.88 7.62 12.46
N SER A 49 3.86 8.27 13.63
CA SER A 49 5.01 8.99 14.16
C SER A 49 5.98 8.00 14.79
N ASP A 50 7.21 8.45 15.03
CA ASP A 50 8.28 7.64 15.63
C ASP A 50 7.90 7.18 17.03
N GLU A 51 7.11 7.99 17.75
CA GLU A 51 6.64 7.71 19.10
C GLU A 51 5.70 6.49 19.12
N GLU A 52 5.18 6.07 17.97
CA GLU A 52 4.29 4.91 17.85
C GLU A 52 5.01 3.79 17.10
N LEU A 53 5.94 4.13 16.21
CA LEU A 53 6.73 3.20 15.42
C LEU A 53 7.54 2.31 16.36
N GLY A 54 7.70 1.03 16.01
CA GLY A 54 8.43 0.06 16.81
C GLY A 54 9.85 -0.07 16.26
N GLU A 55 10.10 -1.13 15.50
CA GLU A 55 11.36 -1.44 14.86
C GLU A 55 11.14 -1.92 13.42
N TYR A 56 12.21 -1.98 12.62
CA TYR A 56 12.16 -2.42 11.24
C TYR A 56 11.58 -3.84 11.17
N GLN A 57 10.86 -4.14 10.09
CA GLN A 57 10.22 -5.42 9.88
C GLN A 57 10.60 -6.05 8.53
N ASP A 58 10.46 -5.36 7.39
CA ASP A 58 10.79 -5.94 6.09
C ASP A 58 11.08 -4.82 5.09
N VAL A 59 11.87 -5.08 4.04
CA VAL A 59 12.21 -4.08 3.03
C VAL A 59 11.56 -4.42 1.70
N LEU A 60 11.02 -3.40 1.07
CA LEU A 60 10.35 -3.40 -0.22
C LEU A 60 11.19 -2.64 -1.24
N ALA A 61 10.87 -2.83 -2.52
CA ALA A 61 11.55 -2.20 -3.65
C ALA A 61 10.75 -2.44 -4.94
N GLU A 62 9.56 -1.87 -5.04
CA GLU A 62 8.68 -1.97 -6.20
C GLU A 62 7.75 -0.75 -6.17
N VAL A 63 6.93 -0.54 -7.20
CA VAL A 63 5.99 0.58 -7.28
C VAL A 63 4.76 0.15 -8.06
N ARG A 64 3.57 0.67 -7.75
CA ARG A 64 2.34 0.35 -8.48
C ARG A 64 1.47 1.58 -8.58
N VAL A 65 0.51 1.54 -9.52
CA VAL A 65 -0.43 2.60 -9.84
C VAL A 65 -1.85 2.00 -9.84
N PHE A 66 -2.77 2.58 -9.05
CA PHE A 66 -4.16 2.14 -8.94
C PHE A 66 -5.11 3.33 -8.78
N ASP A 67 -6.41 3.06 -9.00
CA ASP A 67 -7.49 4.04 -8.92
C ASP A 67 -7.96 3.96 -7.47
N SER A 68 -7.71 5.01 -6.69
CA SER A 68 -8.03 5.11 -5.27
C SER A 68 -9.52 4.94 -4.92
N VAL A 69 -10.42 5.11 -5.89
CA VAL A 69 -11.85 5.01 -5.65
C VAL A 69 -12.28 3.58 -5.33
N SER A 70 -11.71 2.60 -6.03
CA SER A 70 -12.02 1.19 -5.85
C SER A 70 -10.80 0.35 -5.51
N GLY A 71 -9.59 0.89 -5.66
CA GLY A 71 -8.33 0.20 -5.39
C GLY A 71 -7.89 -0.65 -6.58
N LYS A 72 -8.51 -0.46 -7.74
CA LYS A 72 -8.24 -1.20 -8.96
C LYS A 72 -6.89 -0.81 -9.55
N SER A 73 -5.94 -1.71 -9.54
CA SER A 73 -4.60 -1.53 -10.07
C SER A 73 -4.65 -1.54 -11.59
N ILE A 74 -3.64 -0.93 -12.22
CA ILE A 74 -3.52 -0.87 -13.67
C ILE A 74 -2.23 -1.55 -14.13
N PRO A 75 -2.20 -2.10 -15.36
CA PRO A 75 -1.02 -2.75 -15.90
C PRO A 75 0.00 -1.68 -16.30
N ARG A 76 1.27 -2.04 -16.43
CA ARG A 76 2.29 -1.08 -16.83
C ARG A 76 1.99 -0.48 -18.20
N SER A 77 1.19 -1.19 -19.00
CA SER A 77 0.77 -0.78 -20.33
C SER A 77 -0.06 0.51 -20.30
N GLU A 78 -0.54 0.94 -19.13
CA GLU A 78 -1.37 2.14 -18.98
C GLU A 78 -0.69 3.20 -18.12
N TRP A 79 0.55 2.96 -17.68
CA TRP A 79 1.32 3.89 -16.84
C TRP A 79 1.63 5.25 -17.47
N GLY A 80 1.26 5.50 -18.72
CA GLY A 80 1.47 6.75 -19.41
C GLY A 80 0.30 7.06 -20.35
N ARG A 81 -0.80 6.31 -20.27
CA ARG A 81 -1.98 6.45 -21.11
C ARG A 81 -2.84 7.64 -20.71
N ILE A 82 -2.59 8.80 -21.34
CA ILE A 82 -3.32 10.04 -21.09
C ILE A 82 -3.81 10.61 -22.42
N ASP A 83 -2.92 10.76 -23.41
CA ASP A 83 -3.30 11.28 -24.72
C ASP A 83 -4.03 10.17 -25.47
N LYS A 84 -4.71 10.50 -26.58
CA LYS A 84 -5.46 9.59 -27.45
C LYS A 84 -6.67 8.88 -26.83
N ASP A 85 -6.71 8.71 -25.51
CA ASP A 85 -7.79 8.03 -24.79
C ASP A 85 -9.08 8.85 -24.74
N GLY A 86 -9.03 10.16 -24.99
CA GLY A 86 -10.18 11.05 -24.98
C GLY A 86 -9.90 12.25 -24.08
N SER A 87 -10.94 12.93 -23.59
CA SER A 87 -10.85 14.10 -22.73
C SER A 87 -10.11 13.88 -21.40
N ASN A 88 -9.82 12.61 -21.06
CA ASN A 88 -9.11 12.09 -19.88
C ASN A 88 -9.10 13.05 -18.69
N SER A 89 -10.23 13.09 -17.98
CA SER A 89 -10.41 13.95 -16.81
C SER A 89 -11.07 13.18 -15.67
N LYS A 90 -12.03 12.29 -15.93
CA LYS A 90 -12.69 11.51 -14.87
C LYS A 90 -11.77 10.43 -14.30
N GLN A 91 -10.61 10.21 -14.93
CA GLN A 91 -9.60 9.27 -14.53
C GLN A 91 -8.93 9.87 -13.30
N SER A 92 -8.37 9.02 -12.45
CA SER A 92 -7.68 9.44 -11.25
C SER A 92 -6.89 8.24 -10.80
N ARG A 93 -5.58 8.40 -10.58
CA ARG A 93 -4.69 7.32 -10.16
C ARG A 93 -3.86 7.78 -8.96
N THR A 94 -3.17 6.82 -8.35
CA THR A 94 -2.32 6.98 -7.19
C THR A 94 -1.16 6.02 -7.38
N GLU A 95 0.06 6.57 -7.34
CA GLU A 95 1.30 5.84 -7.49
C GLU A 95 1.87 5.65 -6.08
N TRP A 96 1.89 4.40 -5.62
CA TRP A 96 2.40 4.00 -4.32
C TRP A 96 3.70 3.21 -4.46
N ASP A 97 4.76 3.80 -3.92
CA ASP A 97 6.12 3.30 -3.86
C ASP A 97 6.23 2.35 -2.69
N TYR A 98 6.68 1.11 -2.90
CA TYR A 98 6.82 0.13 -1.87
C TYR A 98 8.06 0.44 -1.05
N GLY A 99 7.78 1.04 0.09
CA GLY A 99 8.64 1.49 1.15
C GLY A 99 8.72 0.39 2.19
N GLU A 100 9.76 0.38 3.02
CA GLU A 100 9.94 -0.67 3.99
C GLU A 100 8.88 -0.60 5.09
N ILE A 101 8.63 -1.76 5.67
CA ILE A 101 7.66 -2.02 6.70
C ILE A 101 8.38 -2.05 8.03
N HIS A 102 7.68 -1.53 9.02
CA HIS A 102 8.09 -1.43 10.40
C HIS A 102 6.96 -1.89 11.32
N SER A 103 7.34 -2.44 12.46
CA SER A 103 6.42 -2.91 13.49
C SER A 103 5.95 -1.68 14.26
N ILE A 104 4.96 -1.83 15.14
CA ILE A 104 4.41 -0.74 15.95
C ILE A 104 4.48 -1.13 17.41
N ARG A 105 4.67 -0.13 18.27
CA ARG A 105 4.75 -0.31 19.71
C ARG A 105 3.38 -0.74 20.22
N GLY A 106 3.32 -1.86 20.93
CA GLY A 106 2.08 -2.38 21.50
C GLY A 106 1.05 -2.82 20.46
N LYS A 107 1.49 -3.23 19.27
CA LYS A 107 0.60 -3.71 18.21
C LYS A 107 1.30 -4.85 17.52
N SER A 108 0.56 -5.89 17.16
CA SER A 108 1.13 -7.03 16.48
C SER A 108 0.97 -6.87 14.97
N LEU A 109 1.95 -7.35 14.20
CA LEU A 109 1.94 -7.28 12.75
C LEU A 109 0.72 -8.05 12.19
N THR A 110 0.14 -8.94 12.98
CA THR A 110 -1.02 -9.78 12.68
C THR A 110 -2.34 -9.00 12.74
N GLU A 111 -2.33 -7.76 13.25
CA GLU A 111 -3.49 -6.88 13.39
C GLU A 111 -3.24 -5.53 12.71
N ALA A 112 -2.10 -4.89 12.97
CA ALA A 112 -1.76 -3.59 12.41
C ALA A 112 -0.25 -3.38 12.40
N PHE A 113 0.24 -2.71 11.37
CA PHE A 113 1.65 -2.42 11.21
C PHE A 113 1.83 -1.12 10.45
N ALA A 114 3.07 -0.68 10.29
CA ALA A 114 3.43 0.56 9.60
C ALA A 114 4.16 0.29 8.28
N VAL A 115 3.79 0.97 7.19
CA VAL A 115 4.39 0.81 5.87
C VAL A 115 4.79 2.17 5.31
N GLU A 116 6.01 2.29 4.83
CA GLU A 116 6.50 3.51 4.22
C GLU A 116 5.81 3.65 2.85
N ILE A 117 4.87 4.59 2.73
CA ILE A 117 4.13 4.87 1.48
C ILE A 117 4.36 6.32 1.09
N ASN A 118 5.01 6.52 -0.06
CA ASN A 118 5.35 7.84 -0.59
C ASN A 118 6.23 8.57 0.44
N ASP A 119 7.27 7.88 0.92
CA ASP A 119 8.23 8.42 1.90
C ASP A 119 7.59 8.77 3.27
N ASP A 120 6.34 8.38 3.50
CA ASP A 120 5.62 8.64 4.75
C ASP A 120 5.08 7.31 5.32
N PHE A 121 5.42 6.93 6.55
CA PHE A 121 4.93 5.69 7.18
C PHE A 121 3.43 5.76 7.49
N LYS A 122 2.64 4.83 6.94
CA LYS A 122 1.18 4.75 7.12
C LYS A 122 0.74 3.46 7.81
N LEU A 123 -0.29 3.56 8.64
CA LEU A 123 -0.87 2.42 9.38
C LEU A 123 -1.77 1.60 8.46
N ALA A 124 -1.59 0.27 8.48
CA ALA A 124 -2.39 -0.68 7.71
C ALA A 124 -3.07 -1.57 8.73
N THR A 125 -4.29 -1.97 8.46
CA THR A 125 -5.09 -2.82 9.33
C THR A 125 -5.52 -4.10 8.62
N LYS A 126 -5.61 -5.19 9.39
CA LYS A 126 -6.05 -6.48 8.88
C LYS A 126 -7.49 -6.29 8.38
N VAL A 127 -7.83 -6.89 7.24
CA VAL A 127 -9.15 -6.83 6.62
C VAL A 127 -9.54 -8.26 6.24
N GLY A 128 -10.66 -8.72 6.75
CA GLY A 128 -11.15 -10.06 6.45
C GLY A 128 -12.41 -10.36 7.25
N ASN A 129 -13.34 -9.41 7.23
CA ASN A 129 -14.62 -9.50 7.92
C ASN A 129 -15.63 -8.80 7.06
N ASP A 22 4.26 -15.60 5.73
CA ASP A 22 5.72 -15.64 5.92
C ASP A 22 6.50 -14.57 5.16
N ASN A 23 5.94 -13.93 4.12
CA ASN A 23 6.60 -12.90 3.34
C ASN A 23 5.51 -11.89 2.97
N PHE A 24 5.82 -10.61 3.06
CA PHE A 24 4.89 -9.54 2.75
C PHE A 24 4.77 -9.43 1.24
N VAL A 25 3.58 -9.71 0.72
CA VAL A 25 3.29 -9.68 -0.71
C VAL A 25 2.21 -8.64 -1.00
N ILE A 26 2.44 -7.75 -1.95
CA ILE A 26 1.43 -6.77 -2.30
C ILE A 26 0.42 -7.54 -3.16
N ASP A 27 -0.88 -7.31 -2.94
CA ASP A 27 -1.94 -7.99 -3.67
C ASP A 27 -1.82 -7.75 -5.18
N LYS A 28 -1.87 -8.84 -5.94
CA LYS A 28 -1.77 -8.79 -7.39
C LYS A 28 -2.97 -8.14 -8.09
N ASN A 29 -4.06 -7.93 -7.35
CA ASN A 29 -5.27 -7.31 -7.86
C ASN A 29 -5.37 -5.88 -7.30
N ASP A 30 -5.03 -5.72 -6.02
CA ASP A 30 -5.12 -4.46 -5.28
C ASP A 30 -3.77 -3.92 -4.81
N SER A 31 -3.24 -2.91 -5.49
CA SER A 31 -1.96 -2.34 -5.11
C SER A 31 -2.04 -1.61 -3.75
N ARG A 32 -3.25 -1.45 -3.21
CA ARG A 32 -3.55 -0.82 -1.94
C ARG A 32 -3.62 -1.89 -0.83
N LYS A 33 -3.60 -3.20 -1.13
CA LYS A 33 -3.67 -4.21 -0.07
C LYS A 33 -2.40 -5.07 0.02
N ILE A 34 -2.19 -5.73 1.16
CA ILE A 34 -1.05 -6.59 1.44
C ILE A 34 -1.59 -7.94 1.87
N ASP A 35 -0.88 -8.99 1.47
CA ASP A 35 -1.11 -10.39 1.74
C ASP A 35 0.10 -10.82 2.56
N TYR A 36 -0.10 -11.02 3.85
CA TYR A 36 0.96 -11.48 4.74
C TYR A 36 0.35 -12.55 5.62
N MET A 37 0.94 -13.74 5.60
CA MET A 37 0.50 -14.93 6.33
C MET A 37 -0.87 -15.39 5.80
N GLY A 38 -1.17 -15.10 4.52
CA GLY A 38 -2.44 -15.45 3.91
C GLY A 38 -3.57 -14.61 4.48
N ASN A 39 -3.26 -13.48 5.13
CA ASN A 39 -4.22 -12.55 5.71
C ASN A 39 -4.18 -11.30 4.84
N ILE A 40 -5.25 -10.51 4.83
CA ILE A 40 -5.35 -9.31 4.00
C ILE A 40 -5.31 -8.07 4.89
N TYR A 41 -4.53 -7.05 4.51
CA TYR A 41 -4.41 -5.80 5.24
C TYR A 41 -4.61 -4.68 4.22
N SER A 42 -5.08 -3.52 4.69
CA SER A 42 -5.35 -2.36 3.86
C SER A 42 -4.76 -1.14 4.54
N ILE A 43 -4.51 -0.08 3.78
CA ILE A 43 -3.91 1.15 4.24
C ILE A 43 -4.87 2.31 4.05
N SER A 44 -5.27 2.91 5.17
CA SER A 44 -6.14 4.08 5.16
C SER A 44 -5.13 5.24 5.09
N ASP A 45 -5.17 6.22 6.00
CA ASP A 45 -4.20 7.28 6.01
C ASP A 45 -4.15 7.73 7.46
N THR A 46 -3.11 7.22 8.10
CA THR A 46 -2.75 7.50 9.47
C THR A 46 -1.26 7.76 9.46
N THR A 47 -0.80 8.99 9.63
CA THR A 47 0.63 9.26 9.67
C THR A 47 1.15 8.58 10.94
N VAL A 48 2.14 7.72 10.79
CA VAL A 48 2.78 7.01 11.88
C VAL A 48 4.01 7.84 12.25
N SER A 49 4.29 7.92 13.54
CA SER A 49 5.42 8.66 14.10
C SER A 49 6.39 7.68 14.75
N ASP A 50 7.64 8.10 15.00
CA ASP A 50 8.68 7.28 15.62
C ASP A 50 8.26 6.83 17.02
N GLU A 51 7.40 7.61 17.67
CA GLU A 51 6.91 7.32 19.00
C GLU A 51 5.97 6.10 18.95
N GLU A 52 5.40 5.76 17.79
CA GLU A 52 4.50 4.62 17.63
C GLU A 52 5.22 3.48 16.89
N LEU A 53 6.31 3.79 16.20
CA LEU A 53 7.09 2.80 15.46
C LEU A 53 7.75 1.84 16.44
N GLY A 54 7.79 0.57 16.05
CA GLY A 54 8.38 -0.52 16.81
C GLY A 54 9.80 -0.73 16.32
N GLU A 55 10.02 -1.75 15.50
CA GLU A 55 11.28 -2.16 14.87
C GLU A 55 11.04 -2.48 13.39
N TYR A 56 12.11 -2.63 12.61
CA TYR A 56 12.04 -2.95 11.19
C TYR A 56 11.40 -4.34 11.05
N GLN A 57 10.66 -4.59 9.97
CA GLN A 57 10.02 -5.88 9.72
C GLN A 57 10.40 -6.43 8.35
N ASP A 58 10.23 -5.66 7.28
CA ASP A 58 10.57 -6.17 5.95
C ASP A 58 10.97 -5.05 5.04
N VAL A 59 11.89 -5.33 4.11
CA VAL A 59 12.36 -4.33 3.16
C VAL A 59 11.64 -4.57 1.84
N LEU A 60 11.17 -3.45 1.29
CA LEU A 60 10.45 -3.32 0.04
C LEU A 60 11.33 -2.58 -0.96
N ALA A 61 11.05 -2.72 -2.27
CA ALA A 61 11.83 -2.10 -3.32
C ALA A 61 11.15 -2.20 -4.70
N GLU A 62 9.89 -1.78 -4.80
CA GLU A 62 9.12 -1.82 -6.04
C GLU A 62 8.16 -0.62 -6.07
N VAL A 63 7.46 -0.39 -7.18
CA VAL A 63 6.50 0.70 -7.30
C VAL A 63 5.37 0.20 -8.19
N ARG A 64 4.14 0.62 -7.94
CA ARG A 64 2.99 0.22 -8.75
C ARG A 64 2.09 1.44 -8.89
N VAL A 65 1.13 1.39 -9.81
CA VAL A 65 0.22 2.50 -10.05
C VAL A 65 -1.19 1.91 -10.08
N PHE A 66 -2.15 2.52 -9.36
CA PHE A 66 -3.53 2.05 -9.32
C PHE A 66 -4.53 3.21 -9.23
N ASP A 67 -5.81 2.86 -9.37
CA ASP A 67 -6.98 3.72 -9.30
C ASP A 67 -7.32 3.82 -7.82
N SER A 68 -7.05 4.92 -7.12
CA SER A 68 -7.38 4.98 -5.68
C SER A 68 -8.90 4.94 -5.42
N VAL A 69 -9.75 5.07 -6.44
CA VAL A 69 -11.21 5.05 -6.26
C VAL A 69 -11.67 3.69 -5.77
N SER A 70 -11.08 2.62 -6.32
CA SER A 70 -11.41 1.25 -5.98
C SER A 70 -10.20 0.43 -5.52
N GLY A 71 -9.00 0.85 -5.91
CA GLY A 71 -7.72 0.21 -5.63
C GLY A 71 -7.27 -0.64 -6.83
N LYS A 72 -8.05 -0.62 -7.93
CA LYS A 72 -7.82 -1.35 -9.17
C LYS A 72 -6.43 -1.04 -9.70
N SER A 73 -5.53 -2.01 -9.71
CA SER A 73 -4.18 -1.84 -10.20
C SER A 73 -4.16 -1.53 -11.70
N ILE A 74 -3.08 -0.93 -12.20
CA ILE A 74 -2.88 -0.55 -13.59
C ILE A 74 -1.55 -1.16 -14.06
N PRO A 75 -1.43 -1.63 -15.32
CA PRO A 75 -0.21 -2.21 -15.85
C PRO A 75 0.76 -1.09 -16.27
N ARG A 76 2.04 -1.42 -16.44
CA ARG A 76 3.06 -0.44 -16.83
C ARG A 76 2.77 0.23 -18.18
N SER A 77 1.98 -0.40 -19.04
CA SER A 77 1.64 0.16 -20.34
C SER A 77 0.68 1.37 -20.21
N GLU A 78 0.16 1.68 -19.01
CA GLU A 78 -0.76 2.79 -18.77
C GLU A 78 -0.16 3.81 -17.79
N TRP A 79 1.09 3.62 -17.34
CA TRP A 79 1.76 4.52 -16.40
C TRP A 79 2.10 5.91 -16.99
N GLY A 80 1.96 6.11 -18.30
CA GLY A 80 2.22 7.34 -19.01
C GLY A 80 1.10 7.63 -20.00
N ARG A 81 0.40 6.58 -20.44
CA ARG A 81 -0.73 6.66 -21.35
C ARG A 81 -1.88 7.12 -20.48
N ILE A 82 -2.27 8.40 -20.55
CA ILE A 82 -3.39 8.87 -19.74
C ILE A 82 -4.62 8.14 -20.30
N ASP A 83 -5.08 8.50 -21.50
CA ASP A 83 -6.21 7.87 -22.19
C ASP A 83 -6.23 8.33 -23.66
N LYS A 84 -6.96 7.61 -24.50
CA LYS A 84 -7.17 7.80 -25.93
C LYS A 84 -8.64 7.69 -26.34
N ASP A 85 -9.47 7.16 -25.45
CA ASP A 85 -10.89 6.89 -25.64
C ASP A 85 -11.78 7.74 -24.73
N GLY A 86 -11.33 7.99 -23.50
CA GLY A 86 -12.07 8.76 -22.49
C GLY A 86 -11.47 10.12 -22.18
N SER A 87 -12.07 10.81 -21.20
CA SER A 87 -11.65 12.12 -20.75
C SER A 87 -10.55 12.00 -19.69
N ASN A 88 -9.72 13.04 -19.60
CA ASN A 88 -8.63 13.12 -18.63
C ASN A 88 -9.17 13.60 -17.30
N SER A 89 -10.11 14.55 -17.34
CA SER A 89 -10.78 15.15 -16.20
C SER A 89 -11.30 14.09 -15.23
N LYS A 90 -12.12 13.16 -15.71
CA LYS A 90 -12.74 12.09 -14.91
C LYS A 90 -11.84 10.91 -14.55
N GLN A 91 -10.54 10.94 -14.81
CA GLN A 91 -9.66 9.83 -14.51
C GLN A 91 -8.43 10.30 -13.73
N SER A 92 -7.89 9.44 -12.87
CA SER A 92 -6.73 9.73 -12.04
C SER A 92 -6.12 8.42 -11.58
N ARG A 93 -4.86 8.44 -11.15
CA ARG A 93 -4.10 7.29 -10.66
C ARG A 93 -3.32 7.75 -9.42
N THR A 94 -2.71 6.80 -8.73
CA THR A 94 -1.92 6.98 -7.53
C THR A 94 -0.69 6.11 -7.68
N GLU A 95 0.48 6.64 -7.32
CA GLU A 95 1.77 5.99 -7.39
C GLU A 95 2.34 5.87 -5.98
N TRP A 96 2.32 4.66 -5.46
CA TRP A 96 2.80 4.25 -4.16
C TRP A 96 4.04 3.41 -4.38
N ASP A 97 5.14 3.94 -3.87
CA ASP A 97 6.48 3.39 -3.88
C ASP A 97 6.60 2.50 -2.65
N TYR A 98 6.82 1.20 -2.88
CA TYR A 98 6.97 0.18 -1.87
C TYR A 98 8.24 0.46 -1.08
N GLY A 99 8.02 1.01 0.10
CA GLY A 99 8.93 1.40 1.15
C GLY A 99 8.84 0.34 2.24
N GLU A 100 9.86 0.25 3.09
CA GLU A 100 9.94 -0.80 4.09
C GLU A 100 8.85 -0.72 5.16
N ILE A 101 8.58 -1.89 5.71
CA ILE A 101 7.57 -2.16 6.70
C ILE A 101 8.25 -2.28 8.05
N HIS A 102 7.55 -1.74 9.04
CA HIS A 102 7.95 -1.71 10.44
C HIS A 102 6.80 -2.19 11.33
N SER A 103 7.19 -2.73 12.48
CA SER A 103 6.33 -3.22 13.53
C SER A 103 5.83 -1.99 14.30
N ILE A 104 4.90 -2.19 15.23
CA ILE A 104 4.31 -1.10 16.02
C ILE A 104 4.29 -1.38 17.52
N ARG A 105 4.39 -0.30 18.28
CA ARG A 105 4.36 -0.27 19.73
C ARG A 105 2.96 -0.63 20.21
N GLY A 106 2.84 -1.70 21.01
CA GLY A 106 1.56 -2.14 21.55
C GLY A 106 0.64 -2.76 20.51
N LYS A 107 1.16 -3.30 19.40
CA LYS A 107 0.35 -3.91 18.35
C LYS A 107 1.06 -5.04 17.64
N SER A 108 0.32 -6.07 17.25
CA SER A 108 0.85 -7.20 16.50
C SER A 108 0.64 -6.87 15.02
N LEU A 109 1.50 -7.38 14.14
CA LEU A 109 1.40 -7.16 12.70
C LEU A 109 0.02 -7.59 12.18
N THR A 110 -0.54 -8.63 12.81
CA THR A 110 -1.82 -9.24 12.51
C THR A 110 -3.02 -8.35 12.79
N GLU A 111 -2.85 -7.25 13.52
CA GLU A 111 -3.91 -6.30 13.85
C GLU A 111 -3.61 -4.95 13.21
N ALA A 112 -2.34 -4.53 13.17
CA ALA A 112 -1.90 -3.27 12.57
C ALA A 112 -0.37 -3.21 12.48
N PHE A 113 0.15 -2.58 11.42
CA PHE A 113 1.58 -2.43 11.21
C PHE A 113 1.83 -1.11 10.47
N ALA A 114 3.11 -0.73 10.35
CA ALA A 114 3.49 0.53 9.69
C ALA A 114 4.17 0.24 8.36
N VAL A 115 3.84 1.02 7.33
CA VAL A 115 4.39 0.86 6.00
C VAL A 115 4.85 2.19 5.41
N GLU A 116 6.07 2.24 4.89
CA GLU A 116 6.63 3.44 4.27
C GLU A 116 5.96 3.59 2.89
N ILE A 117 5.04 4.55 2.75
CA ILE A 117 4.30 4.85 1.51
C ILE A 117 4.56 6.31 1.15
N ASN A 118 5.09 6.58 -0.06
CA ASN A 118 5.38 7.96 -0.50
C ASN A 118 6.29 8.62 0.54
N ASP A 119 7.30 7.88 1.00
CA ASP A 119 8.31 8.32 1.98
C ASP A 119 7.73 8.67 3.35
N ASP A 120 6.43 8.43 3.60
CA ASP A 120 5.78 8.72 4.89
C ASP A 120 5.14 7.42 5.39
N PHE A 121 5.52 6.96 6.59
CA PHE A 121 5.01 5.73 7.19
C PHE A 121 3.53 5.87 7.51
N LYS A 122 2.71 4.92 7.07
CA LYS A 122 1.27 4.93 7.30
C LYS A 122 0.82 3.66 7.99
N LEU A 123 -0.25 3.76 8.78
CA LEU A 123 -0.83 2.66 9.55
C LEU A 123 -1.77 1.80 8.72
N ALA A 124 -1.42 0.53 8.56
CA ALA A 124 -2.23 -0.45 7.84
C ALA A 124 -2.98 -1.27 8.88
N THR A 125 -4.14 -1.77 8.50
CA THR A 125 -4.99 -2.58 9.37
C THR A 125 -5.53 -3.81 8.63
N LYS A 126 -5.78 -4.89 9.37
CA LYS A 126 -6.34 -6.14 8.86
C LYS A 126 -7.71 -5.83 8.27
N VAL A 127 -8.06 -6.45 7.13
CA VAL A 127 -9.35 -6.29 6.46
C VAL A 127 -9.81 -7.71 6.08
N GLY A 128 -11.07 -8.02 6.37
CA GLY A 128 -11.61 -9.33 6.06
C GLY A 128 -12.07 -9.51 4.62
N ASN A 129 -12.18 -8.42 3.84
CA ASN A 129 -12.64 -8.43 2.45
C ASN A 129 -11.73 -7.60 1.55
N ASP A 22 4.73 -15.46 6.77
CA ASP A 22 6.19 -15.57 6.65
C ASP A 22 6.86 -14.34 6.12
N ASN A 23 6.46 -13.86 4.95
CA ASN A 23 6.98 -12.69 4.29
C ASN A 23 5.79 -11.94 3.74
N PHE A 24 5.97 -10.64 3.63
CA PHE A 24 4.99 -9.72 3.10
C PHE A 24 5.02 -9.86 1.58
N VAL A 25 3.85 -9.87 0.94
CA VAL A 25 3.64 -10.02 -0.50
C VAL A 25 2.55 -9.05 -0.93
N ILE A 26 2.77 -8.25 -1.97
CA ILE A 26 1.72 -7.35 -2.43
C ILE A 26 0.69 -8.23 -3.14
N ASP A 27 -0.61 -7.96 -2.96
CA ASP A 27 -1.64 -8.75 -3.62
C ASP A 27 -1.54 -8.55 -5.13
N LYS A 28 -1.52 -9.67 -5.85
CA LYS A 28 -1.46 -9.68 -7.31
C LYS A 28 -2.68 -9.03 -7.94
N ASN A 29 -3.80 -9.00 -7.22
CA ASN A 29 -5.05 -8.40 -7.70
C ASN A 29 -5.11 -6.92 -7.34
N ASP A 30 -4.68 -6.55 -6.13
CA ASP A 30 -4.70 -5.17 -5.63
C ASP A 30 -3.32 -4.74 -5.13
N SER A 31 -2.71 -3.78 -5.83
CA SER A 31 -1.40 -3.22 -5.54
C SER A 31 -1.41 -2.39 -4.24
N ARG A 32 -2.60 -2.12 -3.70
CA ARG A 32 -2.84 -1.37 -2.48
C ARG A 32 -3.03 -2.31 -1.29
N LYS A 33 -3.06 -3.63 -1.49
CA LYS A 33 -3.23 -4.57 -0.38
C LYS A 33 -1.95 -5.35 -0.13
N ILE A 34 -1.83 -5.89 1.08
CA ILE A 34 -0.67 -6.66 1.51
C ILE A 34 -1.15 -7.99 2.01
N ASP A 35 -0.43 -9.04 1.64
CA ASP A 35 -0.69 -10.43 2.00
C ASP A 35 0.49 -10.88 2.82
N TYR A 36 0.30 -11.02 4.13
CA TYR A 36 1.34 -11.47 5.04
C TYR A 36 0.74 -12.64 5.82
N MET A 37 1.39 -13.80 5.83
CA MET A 37 0.91 -15.02 6.49
C MET A 37 -0.42 -15.50 5.88
N GLY A 38 -0.78 -15.03 4.69
CA GLY A 38 -2.04 -15.39 4.04
C GLY A 38 -3.19 -14.48 4.52
N ASN A 39 -2.94 -13.51 5.41
CA ASN A 39 -3.95 -12.58 5.89
C ASN A 39 -3.96 -11.43 4.88
N ILE A 40 -4.93 -10.52 4.92
CA ILE A 40 -5.04 -9.41 3.97
C ILE A 40 -5.11 -8.09 4.71
N TYR A 41 -4.33 -7.09 4.31
CA TYR A 41 -4.32 -5.77 4.93
C TYR A 41 -4.54 -4.72 3.85
N SER A 42 -5.10 -3.58 4.24
CA SER A 42 -5.37 -2.45 3.34
C SER A 42 -4.98 -1.16 4.06
N ILE A 43 -4.52 -0.18 3.29
CA ILE A 43 -4.06 1.13 3.73
C ILE A 43 -5.08 2.20 3.37
N SER A 44 -5.52 2.98 4.37
CA SER A 44 -6.45 4.10 4.19
C SER A 44 -5.46 5.27 4.00
N ASP A 45 -5.27 6.14 4.99
CA ASP A 45 -4.31 7.24 4.99
C ASP A 45 -4.24 7.71 6.44
N THR A 46 -3.21 7.26 7.14
CA THR A 46 -2.90 7.60 8.51
C THR A 46 -1.40 7.85 8.54
N THR A 47 -0.93 9.05 8.82
CA THR A 47 0.50 9.29 8.90
C THR A 47 0.96 8.72 10.24
N VAL A 48 1.93 7.81 10.21
CA VAL A 48 2.51 7.20 11.40
C VAL A 48 3.75 8.03 11.72
N SER A 49 3.97 8.24 13.02
CA SER A 49 5.11 8.99 13.55
C SER A 49 6.06 8.08 14.34
N ASP A 50 7.28 8.55 14.62
CA ASP A 50 8.31 7.81 15.35
C ASP A 50 7.85 7.43 16.76
N GLU A 51 6.94 8.22 17.34
CA GLU A 51 6.39 7.98 18.66
C GLU A 51 5.52 6.72 18.66
N GLU A 52 5.15 6.21 17.49
CA GLU A 52 4.32 5.01 17.32
C GLU A 52 5.08 3.92 16.56
N LEU A 53 6.05 4.30 15.73
CA LEU A 53 6.85 3.38 14.96
C LEU A 53 7.72 2.60 15.93
N GLY A 54 7.71 1.27 15.85
CA GLY A 54 8.47 0.38 16.71
C GLY A 54 9.88 0.19 16.16
N GLU A 55 10.11 -0.90 15.46
CA GLU A 55 11.40 -1.26 14.85
C GLU A 55 11.19 -1.75 13.41
N TYR A 56 12.26 -1.78 12.64
CA TYR A 56 12.23 -2.26 11.25
C TYR A 56 11.84 -3.73 11.24
N GLN A 57 11.07 -4.13 10.24
CA GLN A 57 10.65 -5.51 10.07
C GLN A 57 10.96 -6.09 8.70
N ASP A 58 10.67 -5.41 7.59
CA ASP A 58 10.95 -5.97 6.27
C ASP A 58 11.22 -4.88 5.25
N VAL A 59 11.89 -5.18 4.15
CA VAL A 59 12.24 -4.23 3.11
C VAL A 59 11.52 -4.63 1.83
N LEU A 60 11.01 -3.62 1.12
CA LEU A 60 10.27 -3.74 -0.12
C LEU A 60 11.13 -3.25 -1.29
N ALA A 61 10.72 -3.58 -2.54
CA ALA A 61 11.47 -3.22 -3.74
C ALA A 61 10.67 -3.40 -5.05
N GLU A 62 9.49 -2.80 -5.15
CA GLU A 62 8.64 -2.85 -6.34
C GLU A 62 7.77 -1.59 -6.33
N VAL A 63 7.10 -1.30 -7.44
CA VAL A 63 6.24 -0.13 -7.55
C VAL A 63 5.07 -0.51 -8.43
N ARG A 64 3.90 0.09 -8.20
CA ARG A 64 2.73 -0.17 -9.02
C ARG A 64 1.92 1.11 -9.08
N VAL A 65 1.01 1.14 -10.04
CA VAL A 65 0.13 2.25 -10.28
C VAL A 65 -1.25 1.63 -10.37
N PHE A 66 -2.24 2.19 -9.67
CA PHE A 66 -3.60 1.69 -9.70
C PHE A 66 -4.61 2.82 -9.75
N ASP A 67 -5.88 2.48 -10.02
CA ASP A 67 -6.96 3.44 -10.12
C ASP A 67 -7.40 3.77 -8.71
N SER A 68 -7.13 4.99 -8.31
CA SER A 68 -7.37 5.63 -7.03
C SER A 68 -8.80 5.52 -6.49
N VAL A 69 -9.73 5.21 -7.37
CA VAL A 69 -11.15 5.10 -7.05
C VAL A 69 -11.51 3.80 -6.34
N SER A 70 -11.11 2.64 -6.87
CA SER A 70 -11.40 1.32 -6.34
C SER A 70 -10.14 0.50 -6.05
N GLY A 71 -9.06 0.79 -6.75
CA GLY A 71 -7.77 0.13 -6.63
C GLY A 71 -7.38 -0.71 -7.85
N LYS A 72 -8.06 -0.60 -9.00
CA LYS A 72 -7.74 -1.39 -10.19
C LYS A 72 -6.28 -1.17 -10.59
N SER A 73 -5.42 -2.18 -10.47
CA SER A 73 -4.03 -2.02 -10.87
C SER A 73 -3.98 -1.75 -12.36
N ILE A 74 -2.94 -1.06 -12.78
CA ILE A 74 -2.69 -0.67 -14.15
C ILE A 74 -1.33 -1.26 -14.57
N PRO A 75 -1.17 -1.67 -15.83
CA PRO A 75 0.07 -2.23 -16.35
C PRO A 75 1.04 -1.08 -16.64
N ARG A 76 2.33 -1.38 -16.70
CA ARG A 76 3.38 -0.45 -16.96
C ARG A 76 3.18 0.30 -18.24
N SER A 77 2.66 -0.36 -19.27
CA SER A 77 2.48 0.32 -20.52
C SER A 77 1.48 1.50 -20.45
N GLU A 78 0.70 1.61 -19.36
CA GLU A 78 -0.30 2.65 -19.15
C GLU A 78 0.31 3.75 -18.29
N TRP A 79 1.45 3.50 -17.61
CA TRP A 79 2.08 4.48 -16.75
C TRP A 79 2.50 5.77 -17.46
N GLY A 80 2.48 5.78 -18.80
CA GLY A 80 2.81 6.93 -19.65
C GLY A 80 1.62 7.31 -20.52
N ARG A 81 0.67 6.38 -20.73
CA ARG A 81 -0.53 6.54 -21.54
C ARG A 81 -1.72 6.01 -20.74
N ILE A 82 -2.13 6.75 -19.69
CA ILE A 82 -3.25 6.38 -18.80
C ILE A 82 -4.47 6.04 -19.65
N ASP A 83 -4.70 6.88 -20.66
CA ASP A 83 -5.73 6.86 -21.70
C ASP A 83 -7.06 6.21 -21.37
N LYS A 84 -7.59 6.48 -20.18
CA LYS A 84 -8.85 5.93 -19.73
C LYS A 84 -10.01 6.35 -20.61
N ASP A 85 -10.23 7.65 -20.68
CA ASP A 85 -11.31 8.31 -21.42
C ASP A 85 -10.76 9.19 -22.54
N GLY A 86 -9.45 9.22 -22.77
CA GLY A 86 -8.82 10.04 -23.80
C GLY A 86 -8.36 11.40 -23.25
N SER A 87 -8.80 11.79 -22.05
CA SER A 87 -8.43 13.03 -21.39
C SER A 87 -8.32 12.78 -19.88
N ASN A 88 -7.63 13.64 -19.14
CA ASN A 88 -7.46 13.52 -17.68
C ASN A 88 -8.63 14.14 -16.90
N SER A 89 -9.84 14.05 -17.47
CA SER A 89 -11.07 14.58 -16.90
C SER A 89 -11.49 13.78 -15.66
N LYS A 90 -11.40 14.39 -14.47
CA LYS A 90 -11.78 13.84 -13.14
C LYS A 90 -11.29 12.40 -12.89
N GLN A 91 -10.15 12.01 -13.45
CA GLN A 91 -9.59 10.67 -13.30
C GLN A 91 -8.08 10.80 -13.13
N SER A 92 -7.50 10.02 -12.23
CA SER A 92 -6.08 9.99 -11.95
C SER A 92 -5.77 8.64 -11.31
N ARG A 93 -4.52 8.21 -11.36
CA ARG A 93 -4.08 6.97 -10.76
C ARG A 93 -3.33 7.32 -9.48
N THR A 94 -2.88 6.31 -8.77
CA THR A 94 -2.13 6.43 -7.53
C THR A 94 -0.89 5.57 -7.70
N GLU A 95 0.27 6.18 -7.50
CA GLU A 95 1.58 5.55 -7.61
C GLU A 95 2.09 5.37 -6.19
N TRP A 96 2.14 4.12 -5.75
CA TRP A 96 2.63 3.76 -4.43
C TRP A 96 3.88 2.91 -4.63
N ASP A 97 5.01 3.44 -4.16
CA ASP A 97 6.31 2.78 -4.21
C ASP A 97 6.42 1.98 -2.93
N TYR A 98 6.91 0.75 -3.05
CA TYR A 98 7.07 -0.15 -1.94
C TYR A 98 8.37 0.14 -1.18
N GLY A 99 8.16 0.83 -0.06
CA GLY A 99 9.00 1.33 1.01
C GLY A 99 9.01 0.28 2.12
N GLU A 100 10.01 0.26 2.99
CA GLU A 100 10.13 -0.76 4.02
C GLU A 100 9.03 -0.68 5.08
N ILE A 101 8.81 -1.83 5.73
CA ILE A 101 7.80 -2.06 6.75
C ILE A 101 8.43 -2.08 8.13
N HIS A 102 7.72 -1.48 9.07
CA HIS A 102 8.10 -1.35 10.47
C HIS A 102 6.90 -1.68 11.36
N SER A 103 7.21 -2.14 12.58
CA SER A 103 6.18 -2.47 13.56
C SER A 103 5.58 -1.22 14.20
N ILE A 104 4.53 -1.41 15.02
CA ILE A 104 3.86 -0.32 15.72
C ILE A 104 3.78 -0.66 17.20
N ARG A 105 4.13 0.33 18.01
CA ARG A 105 4.13 0.28 19.46
C ARG A 105 2.71 0.06 19.94
N GLY A 106 2.50 -0.94 20.79
CA GLY A 106 1.19 -1.25 21.34
C GLY A 106 0.21 -1.88 20.34
N LYS A 107 0.65 -2.35 19.17
CA LYS A 107 -0.21 -2.95 18.16
C LYS A 107 0.42 -4.20 17.57
N SER A 108 -0.37 -5.24 17.37
CA SER A 108 0.12 -6.46 16.77
C SER A 108 0.07 -6.25 15.24
N LEU A 109 1.03 -6.80 14.52
CA LEU A 109 1.13 -6.72 13.07
C LEU A 109 -0.10 -7.36 12.44
N THR A 110 -0.77 -8.27 13.15
CA THR A 110 -1.97 -9.00 12.74
C THR A 110 -3.26 -8.17 12.79
N GLU A 111 -3.18 -6.96 13.33
CA GLU A 111 -4.31 -6.04 13.44
C GLU A 111 -4.00 -4.75 12.70
N ALA A 112 -2.79 -4.18 12.90
CA ALA A 112 -2.39 -2.94 12.24
C ALA A 112 -0.86 -2.79 12.25
N PHE A 113 -0.29 -2.25 11.19
CA PHE A 113 1.15 -2.03 11.10
C PHE A 113 1.46 -0.82 10.25
N ALA A 114 2.74 -0.44 10.15
CA ALA A 114 3.22 0.71 9.40
C ALA A 114 3.99 0.33 8.12
N VAL A 115 3.70 0.99 7.00
CA VAL A 115 4.31 0.76 5.69
C VAL A 115 4.82 2.05 5.08
N GLU A 116 6.07 2.11 4.66
CA GLU A 116 6.61 3.30 4.03
C GLU A 116 6.01 3.35 2.62
N ILE A 117 5.11 4.30 2.38
CA ILE A 117 4.46 4.53 1.09
C ILE A 117 4.80 5.96 0.68
N ASN A 118 5.50 6.13 -0.44
CA ASN A 118 5.90 7.45 -0.95
C ASN A 118 6.70 8.20 0.13
N ASP A 119 7.59 7.50 0.87
CA ASP A 119 8.46 8.04 1.93
C ASP A 119 7.68 8.28 3.24
N ASP A 120 6.34 8.17 3.22
CA ASP A 120 5.52 8.40 4.40
C ASP A 120 5.02 7.08 4.96
N PHE A 121 5.32 6.78 6.22
CA PHE A 121 4.87 5.56 6.86
C PHE A 121 3.35 5.70 7.09
N LYS A 122 2.58 4.79 6.49
CA LYS A 122 1.12 4.78 6.58
C LYS A 122 0.62 3.59 7.39
N LEU A 123 -0.46 3.80 8.13
CA LEU A 123 -1.09 2.77 8.94
C LEU A 123 -1.97 1.92 8.02
N ALA A 124 -1.82 0.60 8.10
CA ALA A 124 -2.61 -0.34 7.33
C ALA A 124 -3.33 -1.21 8.32
N THR A 125 -4.58 -1.57 8.01
CA THR A 125 -5.40 -2.39 8.87
C THR A 125 -5.78 -3.69 8.16
N LYS A 126 -5.98 -4.75 8.93
CA LYS A 126 -6.39 -6.06 8.45
C LYS A 126 -7.79 -5.92 7.87
N VAL A 127 -8.08 -6.64 6.79
CA VAL A 127 -9.35 -6.68 6.11
C VAL A 127 -9.79 -8.14 6.08
N GLY A 128 -11.09 -8.35 5.93
CA GLY A 128 -11.78 -9.62 5.85
C GLY A 128 -13.08 -9.33 5.13
N ASN A 129 -12.98 -8.79 3.92
CA ASN A 129 -14.09 -8.40 3.05
C ASN A 129 -13.73 -8.68 1.62
N ASP A 22 4.63 -14.75 7.11
CA ASP A 22 5.92 -15.36 6.74
C ASP A 22 6.83 -14.30 6.14
N ASN A 23 6.37 -13.70 5.04
CA ASN A 23 7.01 -12.65 4.27
C ASN A 23 5.85 -11.86 3.70
N PHE A 24 5.97 -10.54 3.64
CA PHE A 24 4.89 -9.71 3.11
C PHE A 24 4.86 -9.87 1.59
N VAL A 25 3.67 -9.71 1.01
CA VAL A 25 3.44 -9.79 -0.41
C VAL A 25 2.34 -8.76 -0.71
N ILE A 26 2.46 -7.99 -1.79
CA ILE A 26 1.43 -7.02 -2.14
C ILE A 26 0.36 -7.81 -2.87
N ASP A 27 -0.92 -7.61 -2.55
CA ASP A 27 -2.00 -8.34 -3.21
C ASP A 27 -1.96 -8.11 -4.71
N LYS A 28 -1.78 -9.19 -5.45
CA LYS A 28 -1.73 -9.16 -6.90
C LYS A 28 -3.01 -8.56 -7.49
N ASN A 29 -4.13 -8.58 -6.76
CA ASN A 29 -5.41 -8.05 -7.19
C ASN A 29 -5.63 -6.61 -6.73
N ASP A 30 -4.94 -6.16 -5.67
CA ASP A 30 -5.05 -4.84 -5.12
C ASP A 30 -3.68 -4.35 -4.68
N SER A 31 -3.07 -3.45 -5.44
CA SER A 31 -1.75 -2.91 -5.11
C SER A 31 -1.82 -2.02 -3.85
N ARG A 32 -3.02 -1.81 -3.32
CA ARG A 32 -3.32 -1.05 -2.13
C ARG A 32 -3.49 -1.98 -0.92
N LYS A 33 -3.40 -3.31 -1.10
CA LYS A 33 -3.52 -4.31 -0.03
C LYS A 33 -2.23 -5.13 0.13
N ILE A 34 -2.16 -5.91 1.21
CA ILE A 34 -1.04 -6.79 1.55
C ILE A 34 -1.61 -8.16 1.87
N ASP A 35 -0.79 -9.18 1.62
CA ASP A 35 -0.99 -10.59 1.81
C ASP A 35 0.16 -10.99 2.74
N TYR A 36 -0.08 -11.18 4.03
CA TYR A 36 0.93 -11.58 4.99
C TYR A 36 0.31 -12.54 6.01
N MET A 37 1.00 -13.66 6.27
CA MET A 37 0.59 -14.72 7.20
C MET A 37 -0.78 -15.32 6.85
N GLY A 38 -1.14 -15.40 5.57
CA GLY A 38 -2.42 -15.96 5.16
C GLY A 38 -3.58 -15.00 5.42
N ASN A 39 -3.32 -13.75 5.83
CA ASN A 39 -4.31 -12.71 6.10
C ASN A 39 -4.14 -11.62 5.04
N ILE A 40 -5.10 -10.70 4.97
CA ILE A 40 -5.08 -9.58 4.06
C ILE A 40 -5.11 -8.31 4.90
N TYR A 41 -4.44 -7.25 4.43
CA TYR A 41 -4.41 -5.95 5.10
C TYR A 41 -4.65 -4.87 4.03
N SER A 42 -5.15 -3.70 4.43
CA SER A 42 -5.46 -2.56 3.56
C SER A 42 -4.91 -1.31 4.21
N ILE A 43 -4.56 -0.30 3.40
CA ILE A 43 -4.02 0.98 3.84
C ILE A 43 -5.02 2.08 3.54
N SER A 44 -5.41 2.83 4.58
CA SER A 44 -6.32 3.96 4.49
C SER A 44 -5.35 5.14 4.45
N ASP A 45 -5.36 6.08 5.41
CA ASP A 45 -4.41 7.17 5.46
C ASP A 45 -4.38 7.66 6.91
N THR A 46 -3.36 7.19 7.60
CA THR A 46 -2.99 7.55 8.95
C THR A 46 -1.48 7.69 8.96
N THR A 47 -0.92 8.87 9.20
CA THR A 47 0.52 9.02 9.25
C THR A 47 0.99 8.34 10.54
N VAL A 48 1.98 7.46 10.47
CA VAL A 48 2.50 6.77 11.65
C VAL A 48 3.68 7.62 12.12
N SER A 49 3.49 8.25 13.28
CA SER A 49 4.49 9.10 13.88
C SER A 49 5.61 8.28 14.51
N ASP A 50 6.73 8.93 14.81
CA ASP A 50 7.89 8.27 15.41
C ASP A 50 7.57 7.69 16.78
N GLU A 51 6.62 8.31 17.47
CA GLU A 51 6.15 7.90 18.79
C GLU A 51 5.28 6.63 18.70
N GLU A 52 4.89 6.22 17.49
CA GLU A 52 4.08 5.03 17.22
C GLU A 52 4.96 3.96 16.57
N LEU A 53 6.05 4.35 15.92
CA LEU A 53 6.99 3.45 15.24
C LEU A 53 7.64 2.46 16.22
N GLY A 54 7.58 1.17 15.89
CA GLY A 54 8.15 0.09 16.66
C GLY A 54 9.57 -0.16 16.18
N GLU A 55 9.79 -1.25 15.44
CA GLU A 55 11.07 -1.65 14.90
C GLU A 55 10.90 -2.04 13.42
N TYR A 56 12.00 -2.09 12.67
CA TYR A 56 11.97 -2.47 11.27
C TYR A 56 11.40 -3.89 11.14
N GLN A 57 10.65 -4.18 10.07
CA GLN A 57 10.05 -5.48 9.83
C GLN A 57 10.40 -6.09 8.47
N ASP A 58 10.40 -5.34 7.36
CA ASP A 58 10.74 -5.88 6.03
C ASP A 58 11.12 -4.75 5.07
N VAL A 59 11.81 -5.06 3.97
CA VAL A 59 12.24 -4.08 2.97
C VAL A 59 11.64 -4.48 1.62
N LEU A 60 11.09 -3.48 0.96
CA LEU A 60 10.44 -3.55 -0.34
C LEU A 60 11.30 -2.88 -1.40
N ALA A 61 10.98 -3.10 -2.69
CA ALA A 61 11.74 -2.55 -3.81
C ALA A 61 10.97 -2.62 -5.14
N GLU A 62 9.66 -2.32 -5.15
CA GLU A 62 8.84 -2.34 -6.36
C GLU A 62 7.90 -1.14 -6.36
N VAL A 63 7.19 -0.90 -7.46
CA VAL A 63 6.23 0.19 -7.61
C VAL A 63 5.10 -0.33 -8.47
N ARG A 64 3.88 0.17 -8.26
CA ARG A 64 2.71 -0.20 -9.03
C ARG A 64 1.85 1.03 -9.15
N VAL A 65 0.87 0.98 -10.03
CA VAL A 65 -0.06 2.06 -10.26
C VAL A 65 -1.45 1.43 -10.23
N PHE A 66 -2.39 2.02 -9.49
CA PHE A 66 -3.77 1.53 -9.41
C PHE A 66 -4.75 2.70 -9.46
N ASP A 67 -6.04 2.43 -9.67
CA ASP A 67 -7.06 3.45 -9.78
C ASP A 67 -7.56 3.80 -8.39
N SER A 68 -7.33 5.04 -7.97
CA SER A 68 -7.68 5.60 -6.66
C SER A 68 -9.15 5.48 -6.26
N VAL A 69 -10.01 5.16 -7.22
CA VAL A 69 -11.44 5.04 -7.02
C VAL A 69 -11.82 3.72 -6.34
N SER A 70 -11.28 2.59 -6.80
CA SER A 70 -11.56 1.27 -6.26
C SER A 70 -10.32 0.49 -5.81
N GLY A 71 -9.17 0.76 -6.43
CA GLY A 71 -7.90 0.09 -6.18
C GLY A 71 -7.46 -0.80 -7.35
N LYS A 72 -8.11 -0.69 -8.53
CA LYS A 72 -7.80 -1.49 -9.73
C LYS A 72 -6.36 -1.27 -10.18
N SER A 73 -5.49 -2.27 -10.09
CA SER A 73 -4.10 -2.14 -10.53
C SER A 73 -4.02 -2.03 -12.06
N ILE A 74 -2.96 -1.40 -12.57
CA ILE A 74 -2.70 -1.18 -13.98
C ILE A 74 -1.26 -1.62 -14.35
N PRO A 75 -1.04 -2.11 -15.59
CA PRO A 75 0.25 -2.57 -16.08
C PRO A 75 1.11 -1.39 -16.52
N ARG A 76 2.43 -1.57 -16.56
CA ARG A 76 3.40 -0.53 -16.93
C ARG A 76 3.12 0.13 -18.27
N SER A 77 2.42 -0.53 -19.19
CA SER A 77 2.11 0.07 -20.47
C SER A 77 1.07 1.19 -20.37
N GLU A 78 0.24 1.27 -19.33
CA GLU A 78 -0.80 2.31 -19.24
C GLU A 78 -0.30 3.49 -18.44
N TRP A 79 0.84 3.30 -17.76
CA TRP A 79 1.49 4.29 -16.94
C TRP A 79 1.93 5.51 -17.75
N GLY A 80 1.88 5.46 -19.09
CA GLY A 80 2.25 6.53 -19.99
C GLY A 80 1.38 6.61 -21.24
N ARG A 81 0.31 5.81 -21.37
CA ARG A 81 -0.57 5.82 -22.54
C ARG A 81 -2.01 5.80 -22.04
N ILE A 82 -2.62 6.99 -21.97
CA ILE A 82 -3.99 7.17 -21.54
C ILE A 82 -4.87 6.68 -22.70
N ASP A 83 -4.73 7.34 -23.85
CA ASP A 83 -5.42 7.07 -25.11
C ASP A 83 -6.94 7.13 -24.93
N LYS A 84 -7.45 8.23 -24.36
CA LYS A 84 -8.87 8.46 -24.14
C LYS A 84 -9.21 9.91 -24.45
N ASP A 85 -10.52 10.18 -24.53
CA ASP A 85 -11.16 11.45 -24.80
C ASP A 85 -10.66 12.52 -23.82
N GLY A 86 -10.84 12.33 -22.51
CA GLY A 86 -10.41 13.31 -21.52
C GLY A 86 -10.89 13.03 -20.10
N SER A 87 -11.05 11.77 -19.76
CA SER A 87 -11.51 11.32 -18.45
C SER A 87 -10.53 11.66 -17.33
N ASN A 88 -9.24 11.82 -17.62
CA ASN A 88 -8.21 12.15 -16.63
C ASN A 88 -8.20 13.65 -16.26
N SER A 89 -9.38 14.29 -16.27
CA SER A 89 -9.62 15.70 -15.97
C SER A 89 -9.62 15.96 -14.46
N LYS A 90 -10.38 15.18 -13.70
CA LYS A 90 -10.53 15.26 -12.24
C LYS A 90 -10.22 13.91 -11.59
N GLN A 91 -9.78 12.93 -12.37
CA GLN A 91 -9.46 11.57 -11.95
C GLN A 91 -8.12 11.17 -12.54
N SER A 92 -7.40 10.27 -11.89
CA SER A 92 -6.11 9.74 -12.31
C SER A 92 -5.76 8.56 -11.38
N ARG A 93 -4.62 7.93 -11.62
CA ARG A 93 -4.17 6.80 -10.82
C ARG A 93 -3.37 7.24 -9.60
N THR A 94 -3.00 6.26 -8.82
CA THR A 94 -2.22 6.36 -7.60
C THR A 94 -1.00 5.50 -7.83
N GLU A 95 0.17 6.05 -7.57
CA GLU A 95 1.47 5.44 -7.72
C GLU A 95 2.10 5.35 -6.33
N TRP A 96 2.12 4.13 -5.81
CA TRP A 96 2.66 3.78 -4.51
C TRP A 96 3.92 2.96 -4.71
N ASP A 97 5.02 3.52 -4.23
CA ASP A 97 6.34 2.93 -4.26
C ASP A 97 6.43 2.10 -2.98
N TYR A 98 6.78 0.83 -3.13
CA TYR A 98 6.91 -0.10 -2.04
C TYR A 98 8.17 0.23 -1.23
N GLY A 99 7.95 0.88 -0.10
CA GLY A 99 8.81 1.35 0.94
C GLY A 99 8.84 0.29 2.05
N GLU A 100 9.87 0.30 2.88
CA GLU A 100 10.04 -0.71 3.92
C GLU A 100 8.97 -0.59 5.01
N ILE A 101 8.68 -1.75 5.59
CA ILE A 101 7.67 -1.98 6.62
C ILE A 101 8.32 -2.00 7.99
N HIS A 102 7.58 -1.47 8.94
CA HIS A 102 7.95 -1.38 10.36
C HIS A 102 6.74 -1.72 11.23
N SER A 103 7.00 -2.21 12.44
CA SER A 103 5.96 -2.53 13.40
C SER A 103 5.51 -1.26 14.11
N ILE A 104 4.45 -1.35 14.91
CA ILE A 104 3.88 -0.25 15.66
C ILE A 104 3.85 -0.62 17.13
N ARG A 105 4.23 0.34 17.98
CA ARG A 105 4.24 0.19 19.42
C ARG A 105 2.79 0.02 19.85
N GLY A 106 2.50 -1.12 20.46
CA GLY A 106 1.18 -1.47 20.94
C GLY A 106 0.23 -2.12 19.94
N LYS A 107 0.69 -2.55 18.76
CA LYS A 107 -0.18 -3.18 17.77
C LYS A 107 0.52 -4.38 17.16
N SER A 108 -0.16 -5.52 17.12
CA SER A 108 0.41 -6.70 16.50
C SER A 108 0.40 -6.44 15.00
N LEU A 109 1.41 -6.93 14.27
CA LEU A 109 1.52 -6.79 12.84
C LEU A 109 0.31 -7.46 12.16
N THR A 110 -0.30 -8.43 12.85
CA THR A 110 -1.44 -9.22 12.46
C THR A 110 -2.76 -8.45 12.56
N GLU A 111 -2.75 -7.25 13.17
CA GLU A 111 -3.93 -6.39 13.31
C GLU A 111 -3.65 -5.05 12.62
N ALA A 112 -2.49 -4.42 12.86
CA ALA A 112 -2.15 -3.14 12.23
C ALA A 112 -0.63 -2.94 12.21
N PHE A 113 -0.11 -2.30 11.17
CA PHE A 113 1.32 -2.05 11.04
C PHE A 113 1.57 -0.78 10.21
N ALA A 114 2.83 -0.39 10.07
CA ALA A 114 3.29 0.80 9.34
C ALA A 114 4.07 0.43 8.07
N VAL A 115 3.78 1.08 6.95
CA VAL A 115 4.44 0.87 5.67
C VAL A 115 4.88 2.20 5.08
N GLU A 116 6.12 2.29 4.65
CA GLU A 116 6.64 3.49 4.04
C GLU A 116 6.02 3.58 2.64
N ILE A 117 5.06 4.48 2.42
CA ILE A 117 4.41 4.65 1.11
C ILE A 117 4.65 6.09 0.68
N ASN A 118 5.15 6.34 -0.53
CA ASN A 118 5.42 7.70 -1.00
C ASN A 118 6.32 8.48 -0.02
N ASP A 119 7.29 7.79 0.60
CA ASP A 119 8.23 8.32 1.57
C ASP A 119 7.56 8.73 2.90
N ASP A 120 6.29 8.37 3.11
CA ASP A 120 5.53 8.67 4.33
C ASP A 120 4.97 7.36 4.90
N PHE A 121 5.29 7.03 6.16
CA PHE A 121 4.81 5.81 6.79
C PHE A 121 3.31 5.89 7.05
N LYS A 122 2.54 4.97 6.45
CA LYS A 122 1.10 4.90 6.58
C LYS A 122 0.66 3.61 7.27
N LEU A 123 -0.44 3.75 8.01
CA LEU A 123 -1.08 2.72 8.81
C LEU A 123 -1.98 1.79 7.98
N ALA A 124 -1.68 0.50 8.03
CA ALA A 124 -2.44 -0.53 7.34
C ALA A 124 -3.12 -1.37 8.41
N THR A 125 -4.35 -1.76 8.14
CA THR A 125 -5.18 -2.55 9.02
C THR A 125 -5.60 -3.85 8.35
N LYS A 126 -5.70 -4.91 9.13
CA LYS A 126 -6.15 -6.22 8.66
C LYS A 126 -7.56 -6.04 8.09
N VAL A 127 -7.84 -6.63 6.93
CA VAL A 127 -9.16 -6.56 6.31
C VAL A 127 -9.56 -7.93 5.79
N GLY A 128 -10.86 -8.17 5.70
CA GLY A 128 -11.46 -9.41 5.25
C GLY A 128 -11.76 -10.20 6.49
N ASN A 129 -10.71 -10.67 7.14
CA ASN A 129 -10.76 -11.45 8.36
C ASN A 129 -9.45 -11.39 9.10
N ASP A 22 4.44 -15.41 6.96
CA ASP A 22 5.78 -15.89 6.65
C ASP A 22 6.66 -14.78 6.09
N ASN A 23 6.23 -14.22 4.96
CA ASN A 23 6.84 -13.16 4.20
C ASN A 23 5.70 -12.30 3.68
N PHE A 24 5.89 -11.00 3.70
CA PHE A 24 4.94 -10.01 3.23
C PHE A 24 4.89 -10.15 1.70
N VAL A 25 3.70 -10.23 1.13
CA VAL A 25 3.48 -10.39 -0.30
C VAL A 25 2.42 -9.37 -0.72
N ILE A 26 2.65 -8.67 -1.82
CA ILE A 26 1.70 -7.70 -2.33
C ILE A 26 0.49 -8.49 -2.86
N ASP A 27 -0.73 -8.09 -2.48
CA ASP A 27 -1.95 -8.77 -2.93
C ASP A 27 -2.14 -8.53 -4.43
N LYS A 28 -2.35 -9.60 -5.19
CA LYS A 28 -2.61 -9.53 -6.63
C LYS A 28 -4.00 -8.95 -6.91
N ASN A 29 -4.88 -8.95 -5.90
CA ASN A 29 -6.25 -8.45 -6.00
C ASN A 29 -6.29 -6.94 -5.83
N ASP A 30 -5.40 -6.39 -5.00
CA ASP A 30 -5.37 -4.95 -4.76
C ASP A 30 -3.92 -4.56 -4.53
N SER A 31 -3.34 -3.67 -5.33
CA SER A 31 -1.96 -3.24 -5.18
C SER A 31 -1.74 -2.62 -3.80
N ARG A 32 -2.80 -2.09 -3.18
CA ARG A 32 -2.78 -1.43 -1.88
C ARG A 32 -3.03 -2.39 -0.73
N LYS A 33 -3.17 -3.67 -1.01
CA LYS A 33 -3.37 -4.68 0.03
C LYS A 33 -2.11 -5.52 0.16
N ILE A 34 -1.93 -6.11 1.32
CA ILE A 34 -0.80 -6.95 1.66
C ILE A 34 -1.34 -8.26 2.17
N ASP A 35 -0.66 -9.35 1.80
CA ASP A 35 -0.92 -10.72 2.15
C ASP A 35 0.28 -11.15 2.99
N TYR A 36 0.09 -11.26 4.29
CA TYR A 36 1.13 -11.68 5.23
C TYR A 36 0.53 -12.71 6.15
N MET A 37 1.21 -13.86 6.27
CA MET A 37 0.80 -15.00 7.08
C MET A 37 -0.53 -15.57 6.58
N GLY A 38 -0.89 -15.30 5.32
CA GLY A 38 -2.12 -15.78 4.75
C GLY A 38 -3.31 -14.92 5.18
N ASN A 39 -3.06 -13.74 5.76
CA ASN A 39 -4.07 -12.77 6.21
C ASN A 39 -3.94 -11.56 5.30
N ILE A 40 -4.98 -10.74 5.19
CA ILE A 40 -4.98 -9.56 4.33
C ILE A 40 -5.09 -8.27 5.15
N TYR A 41 -4.39 -7.24 4.68
CA TYR A 41 -4.32 -5.90 5.27
C TYR A 41 -4.56 -4.87 4.19
N SER A 42 -5.03 -3.68 4.58
CA SER A 42 -5.31 -2.57 3.69
C SER A 42 -4.97 -1.29 4.46
N ILE A 43 -4.51 -0.29 3.73
CA ILE A 43 -4.08 1.01 4.20
C ILE A 43 -5.12 2.09 3.95
N SER A 44 -5.61 2.73 5.01
CA SER A 44 -6.55 3.86 4.89
C SER A 44 -5.55 5.02 4.82
N ASP A 45 -5.54 5.95 5.78
CA ASP A 45 -4.56 7.01 5.80
C ASP A 45 -4.55 7.53 7.23
N THR A 46 -3.56 7.05 7.95
CA THR A 46 -3.20 7.37 9.30
C THR A 46 -1.68 7.52 9.24
N THR A 47 -1.10 8.65 9.60
CA THR A 47 0.36 8.79 9.60
C THR A 47 0.87 8.17 10.90
N VAL A 48 1.96 7.40 10.81
CA VAL A 48 2.63 6.75 11.92
C VAL A 48 3.88 7.58 12.21
N SER A 49 3.88 8.22 13.37
CA SER A 49 4.99 9.05 13.83
C SER A 49 6.08 8.14 14.42
N ASP A 50 7.28 8.69 14.63
CA ASP A 50 8.43 7.98 15.19
C ASP A 50 8.11 7.39 16.55
N GLU A 51 7.25 8.07 17.32
CA GLU A 51 6.79 7.68 18.65
C GLU A 51 5.88 6.42 18.61
N GLU A 52 5.51 5.97 17.41
CA GLU A 52 4.66 4.82 17.11
C GLU A 52 5.41 3.84 16.22
N LEU A 53 6.54 4.24 15.65
CA LEU A 53 7.38 3.39 14.80
C LEU A 53 8.25 2.56 15.73
N GLY A 54 8.19 1.24 15.62
CA GLY A 54 8.95 0.34 16.46
C GLY A 54 10.30 0.11 15.85
N GLU A 55 10.45 -1.03 15.20
CA GLU A 55 11.66 -1.45 14.53
C GLU A 55 11.31 -2.01 13.16
N TYR A 56 12.33 -2.17 12.33
CA TYR A 56 12.19 -2.69 10.98
C TYR A 56 11.61 -4.11 10.99
N GLN A 57 10.76 -4.42 10.00
CA GLN A 57 10.13 -5.72 9.82
C GLN A 57 10.35 -6.31 8.44
N ASP A 58 10.28 -5.54 7.34
CA ASP A 58 10.49 -6.10 6.00
C ASP A 58 10.84 -4.99 5.00
N VAL A 59 11.62 -5.29 3.98
CA VAL A 59 12.04 -4.32 2.97
C VAL A 59 11.31 -4.65 1.68
N LEU A 60 10.80 -3.60 1.05
CA LEU A 60 10.03 -3.61 -0.18
C LEU A 60 10.83 -3.00 -1.34
N ALA A 61 10.41 -3.24 -2.58
CA ALA A 61 11.09 -2.73 -3.77
C ALA A 61 10.23 -2.84 -5.04
N GLU A 62 9.12 -2.12 -5.10
CA GLU A 62 8.23 -2.11 -6.26
C GLU A 62 7.48 -0.77 -6.31
N VAL A 63 6.73 -0.55 -7.38
CA VAL A 63 5.92 0.64 -7.63
C VAL A 63 4.74 0.18 -8.48
N ARG A 64 3.53 0.67 -8.18
CA ARG A 64 2.32 0.32 -8.91
C ARG A 64 1.46 1.56 -9.01
N VAL A 65 0.46 1.52 -9.88
CA VAL A 65 -0.49 2.60 -10.09
C VAL A 65 -1.90 2.00 -10.08
N PHE A 66 -2.81 2.54 -9.26
CA PHE A 66 -4.20 2.09 -9.17
C PHE A 66 -5.15 3.27 -8.98
N ASP A 67 -6.45 3.06 -9.21
CA ASP A 67 -7.45 4.11 -9.07
C ASP A 67 -7.96 3.96 -7.64
N SER A 68 -7.54 4.83 -6.73
CA SER A 68 -7.87 4.83 -5.30
C SER A 68 -9.35 4.77 -4.94
N VAL A 69 -10.22 5.04 -5.90
CA VAL A 69 -11.66 5.00 -5.72
C VAL A 69 -12.05 3.60 -5.24
N SER A 70 -11.58 2.58 -5.94
CA SER A 70 -11.84 1.18 -5.69
C SER A 70 -10.58 0.34 -5.50
N GLY A 71 -9.46 0.75 -6.09
CA GLY A 71 -8.18 0.08 -6.04
C GLY A 71 -7.83 -0.69 -7.31
N LYS A 72 -8.49 -0.42 -8.44
CA LYS A 72 -8.18 -1.13 -9.69
C LYS A 72 -6.78 -0.74 -10.15
N SER A 73 -5.84 -1.68 -10.13
CA SER A 73 -4.47 -1.44 -10.56
C SER A 73 -4.45 -1.38 -12.09
N ILE A 74 -3.59 -0.53 -12.65
CA ILE A 74 -3.44 -0.38 -14.10
C ILE A 74 -2.07 -0.98 -14.51
N PRO A 75 -1.99 -1.63 -15.68
CA PRO A 75 -0.76 -2.24 -16.17
C PRO A 75 0.23 -1.18 -16.66
N ARG A 76 1.51 -1.54 -16.74
CA ARG A 76 2.56 -0.63 -17.19
C ARG A 76 2.29 -0.08 -18.59
N SER A 77 1.56 -0.83 -19.41
CA SER A 77 1.19 -0.46 -20.76
C SER A 77 0.30 0.82 -20.77
N GLU A 78 -0.24 1.25 -19.63
CA GLU A 78 -1.11 2.43 -19.50
C GLU A 78 -0.50 3.48 -18.56
N TRP A 79 0.72 3.27 -18.06
CA TRP A 79 1.40 4.21 -17.16
C TRP A 79 1.80 5.52 -17.83
N GLY A 80 1.80 5.58 -19.16
CA GLY A 80 2.13 6.76 -19.96
C GLY A 80 1.00 7.04 -20.95
N ARG A 81 0.54 5.99 -21.64
CA ARG A 81 -0.56 6.09 -22.60
C ARG A 81 -1.84 6.06 -21.77
N ILE A 82 -2.28 7.22 -21.31
CA ILE A 82 -3.48 7.38 -20.50
C ILE A 82 -4.66 7.13 -21.45
N ASP A 83 -5.04 8.14 -22.23
CA ASP A 83 -6.14 8.09 -23.19
C ASP A 83 -5.68 8.72 -24.50
N LYS A 84 -6.42 8.42 -25.57
CA LYS A 84 -6.14 8.97 -26.89
C LYS A 84 -6.33 10.48 -26.87
N ASP A 85 -7.34 10.93 -26.13
CA ASP A 85 -7.70 12.32 -25.93
C ASP A 85 -6.84 12.85 -24.79
N GLY A 86 -6.80 12.09 -23.69
CA GLY A 86 -6.05 12.38 -22.48
C GLY A 86 -6.86 13.09 -21.39
N SER A 87 -8.17 13.30 -21.59
CA SER A 87 -9.11 13.96 -20.70
C SER A 87 -8.85 13.70 -19.21
N ASN A 88 -8.86 12.43 -18.79
CA ASN A 88 -8.61 11.95 -17.42
C ASN A 88 -9.55 12.51 -16.32
N SER A 89 -10.38 13.52 -16.58
CA SER A 89 -11.29 14.18 -15.65
C SER A 89 -12.16 13.28 -14.76
N LYS A 90 -12.45 12.02 -15.11
CA LYS A 90 -13.26 11.13 -14.27
C LYS A 90 -12.44 10.02 -13.64
N GLN A 91 -11.11 10.06 -13.67
CA GLN A 91 -10.23 9.05 -13.10
C GLN A 91 -9.42 9.68 -11.98
N SER A 92 -8.87 8.86 -11.07
CA SER A 92 -8.10 9.34 -9.94
C SER A 92 -7.04 8.29 -9.60
N ARG A 93 -5.89 8.34 -10.31
CA ARG A 93 -4.79 7.40 -10.10
C ARG A 93 -4.01 7.78 -8.85
N THR A 94 -3.30 6.80 -8.32
CA THR A 94 -2.46 6.88 -7.16
C THR A 94 -1.23 6.04 -7.46
N GLU A 95 -0.04 6.58 -7.19
CA GLU A 95 1.23 5.91 -7.41
C GLU A 95 1.87 5.73 -6.03
N TRP A 96 1.84 4.49 -5.54
CA TRP A 96 2.39 4.09 -4.26
C TRP A 96 3.60 3.21 -4.48
N ASP A 97 4.73 3.73 -4.02
CA ASP A 97 6.04 3.12 -4.04
C ASP A 97 6.10 2.21 -2.82
N TYR A 98 6.46 0.95 -3.05
CA TYR A 98 6.58 -0.06 -2.02
C TYR A 98 7.88 0.21 -1.26
N GLY A 99 7.72 0.79 -0.07
CA GLY A 99 8.68 1.19 0.93
C GLY A 99 8.64 0.20 2.09
N GLU A 100 9.71 0.15 2.88
CA GLU A 100 9.82 -0.85 3.93
C GLU A 100 8.80 -0.68 5.06
N ILE A 101 8.55 -1.82 5.69
CA ILE A 101 7.59 -2.02 6.76
C ILE A 101 8.32 -2.09 8.09
N HIS A 102 7.68 -1.50 9.08
CA HIS A 102 8.13 -1.42 10.47
C HIS A 102 6.98 -1.81 11.40
N SER A 103 7.34 -2.35 12.57
CA SER A 103 6.39 -2.75 13.60
C SER A 103 5.88 -1.50 14.32
N ILE A 104 4.88 -1.66 15.19
CA ILE A 104 4.30 -0.57 15.96
C ILE A 104 4.19 -0.95 17.44
N ARG A 105 4.52 0.01 18.30
CA ARG A 105 4.47 -0.10 19.75
C ARG A 105 3.01 -0.26 20.12
N GLY A 106 2.66 -1.38 20.75
CA GLY A 106 1.32 -1.69 21.19
C GLY A 106 0.40 -2.26 20.11
N LYS A 107 0.91 -2.71 18.97
CA LYS A 107 0.10 -3.29 17.89
C LYS A 107 0.82 -4.47 17.29
N SER A 108 0.16 -5.63 17.23
CA SER A 108 0.79 -6.78 16.61
C SER A 108 0.71 -6.57 15.10
N LEU A 109 1.71 -7.06 14.37
CA LEU A 109 1.80 -6.97 12.92
C LEU A 109 0.56 -7.58 12.26
N THR A 110 -0.06 -8.55 12.93
CA THR A 110 -1.23 -9.28 12.50
C THR A 110 -2.54 -8.49 12.57
N GLU A 111 -2.55 -7.31 13.19
CA GLU A 111 -3.71 -6.45 13.34
C GLU A 111 -3.44 -5.10 12.69
N ALA A 112 -2.24 -4.52 12.91
CA ALA A 112 -1.86 -3.25 12.33
C ALA A 112 -0.34 -3.10 12.34
N PHE A 113 0.21 -2.46 11.32
CA PHE A 113 1.65 -2.23 11.18
C PHE A 113 1.87 -0.92 10.44
N ALA A 114 3.12 -0.50 10.29
CA ALA A 114 3.50 0.75 9.62
C ALA A 114 4.16 0.43 8.28
N VAL A 115 3.72 1.09 7.21
CA VAL A 115 4.22 0.89 5.86
C VAL A 115 4.72 2.18 5.25
N GLU A 116 5.95 2.20 4.75
CA GLU A 116 6.50 3.38 4.11
C GLU A 116 5.83 3.50 2.73
N ILE A 117 4.95 4.49 2.57
CA ILE A 117 4.24 4.79 1.33
C ILE A 117 4.57 6.23 0.95
N ASN A 118 5.17 6.45 -0.22
CA ASN A 118 5.55 7.79 -0.66
C ASN A 118 6.43 8.45 0.40
N ASP A 119 7.34 7.68 1.02
CA ASP A 119 8.29 8.08 2.09
C ASP A 119 7.60 8.35 3.44
N ASP A 120 6.26 8.30 3.49
CA ASP A 120 5.51 8.54 4.71
C ASP A 120 4.98 7.21 5.25
N PHE A 121 5.32 6.85 6.48
CA PHE A 121 4.87 5.63 7.11
C PHE A 121 3.37 5.72 7.45
N LYS A 122 2.55 4.82 6.90
CA LYS A 122 1.10 4.78 7.09
C LYS A 122 0.65 3.55 7.88
N LEU A 123 -0.46 3.69 8.59
CA LEU A 123 -1.05 2.63 9.41
C LEU A 123 -2.01 1.79 8.60
N ALA A 124 -1.68 0.51 8.45
CA ALA A 124 -2.51 -0.45 7.73
C ALA A 124 -3.28 -1.22 8.78
N THR A 125 -4.42 -1.78 8.38
CA THR A 125 -5.27 -2.55 9.25
C THR A 125 -5.78 -3.80 8.53
N LYS A 126 -5.91 -4.92 9.25
CA LYS A 126 -6.41 -6.19 8.70
C LYS A 126 -7.78 -5.98 8.04
N VAL A 127 -7.94 -6.38 6.78
CA VAL A 127 -9.16 -6.28 5.98
C VAL A 127 -9.36 -7.60 5.26
N GLY A 128 -10.56 -8.17 5.33
CA GLY A 128 -10.89 -9.45 4.69
C GLY A 128 -10.42 -10.66 5.50
N ASN A 129 -9.53 -10.40 6.47
CA ASN A 129 -8.88 -11.29 7.43
C ASN A 129 -7.73 -12.07 6.84
N ASP A 22 4.70 -15.96 5.58
CA ASP A 22 6.17 -16.05 5.42
C ASP A 22 6.85 -14.74 5.17
N ASN A 23 6.49 -14.06 4.09
CA ASN A 23 7.01 -12.79 3.66
C ASN A 23 5.84 -12.00 3.12
N PHE A 24 5.96 -10.69 3.23
CA PHE A 24 4.97 -9.73 2.80
C PHE A 24 4.87 -9.71 1.29
N VAL A 25 3.65 -9.57 0.79
CA VAL A 25 3.36 -9.53 -0.63
C VAL A 25 2.26 -8.50 -0.85
N ILE A 26 2.35 -7.75 -1.93
CA ILE A 26 1.34 -6.78 -2.27
C ILE A 26 0.26 -7.63 -2.91
N ASP A 27 -0.94 -7.60 -2.34
CA ASP A 27 -2.08 -8.37 -2.78
C ASP A 27 -2.28 -8.23 -4.29
N LYS A 28 -2.26 -9.36 -4.99
CA LYS A 28 -2.46 -9.40 -6.44
C LYS A 28 -3.87 -8.96 -6.79
N ASN A 29 -4.79 -8.98 -5.82
CA ASN A 29 -6.18 -8.61 -6.03
C ASN A 29 -6.47 -7.16 -5.67
N ASP A 30 -5.63 -6.49 -4.88
CA ASP A 30 -5.85 -5.08 -4.55
C ASP A 30 -4.48 -4.42 -4.37
N SER A 31 -4.14 -3.37 -5.12
CA SER A 31 -2.82 -2.76 -4.95
C SER A 31 -2.69 -2.13 -3.57
N ARG A 32 -3.80 -1.87 -2.90
CA ARG A 32 -3.87 -1.27 -1.58
C ARG A 32 -3.92 -2.29 -0.46
N LYS A 33 -3.91 -3.58 -0.77
CA LYS A 33 -3.94 -4.63 0.26
C LYS A 33 -2.58 -5.31 0.34
N ILE A 34 -2.31 -5.96 1.47
CA ILE A 34 -1.07 -6.69 1.75
C ILE A 34 -1.53 -8.07 2.16
N ASP A 35 -0.81 -9.07 1.67
CA ASP A 35 -1.01 -10.48 1.91
C ASP A 35 0.25 -10.97 2.59
N TYR A 36 0.14 -11.27 3.87
CA TYR A 36 1.25 -11.76 4.66
C TYR A 36 0.69 -12.73 5.70
N MET A 37 1.34 -13.89 5.86
CA MET A 37 0.99 -14.96 6.80
C MET A 37 -0.41 -15.53 6.59
N GLY A 38 -0.92 -15.43 5.37
CA GLY A 38 -2.26 -15.93 5.09
C GLY A 38 -3.29 -14.95 5.64
N ASN A 39 -2.90 -13.68 5.79
CA ASN A 39 -3.81 -12.64 6.28
C ASN A 39 -3.88 -11.55 5.24
N ILE A 40 -4.89 -10.70 5.37
CA ILE A 40 -5.13 -9.58 4.48
C ILE A 40 -5.16 -8.32 5.33
N TYR A 41 -4.34 -7.35 4.95
CA TYR A 41 -4.24 -6.08 5.63
C TYR A 41 -4.59 -5.02 4.59
N SER A 42 -5.14 -3.89 5.02
CA SER A 42 -5.55 -2.79 4.18
C SER A 42 -5.00 -1.48 4.76
N ILE A 43 -4.73 -0.51 3.90
CA ILE A 43 -4.17 0.80 4.23
C ILE A 43 -5.21 1.90 4.02
N SER A 44 -5.46 2.67 5.06
CA SER A 44 -6.37 3.82 5.05
C SER A 44 -5.42 5.01 4.80
N ASP A 45 -5.44 6.07 5.63
CA ASP A 45 -4.51 7.18 5.52
C ASP A 45 -4.37 7.67 6.95
N THR A 46 -3.28 7.23 7.57
CA THR A 46 -2.83 7.55 8.90
C THR A 46 -1.33 7.81 8.90
N THR A 47 -0.86 9.03 9.13
CA THR A 47 0.58 9.32 9.19
C THR A 47 1.11 8.65 10.46
N VAL A 48 2.11 7.78 10.38
CA VAL A 48 2.66 7.07 11.54
C VAL A 48 3.86 7.86 12.07
N SER A 49 3.80 8.32 13.33
CA SER A 49 4.89 9.05 13.94
C SER A 49 5.97 8.07 14.43
N ASP A 50 7.17 8.59 14.61
CA ASP A 50 8.34 7.85 15.07
C ASP A 50 8.15 7.28 16.46
N GLU A 51 7.35 7.96 17.28
CA GLU A 51 7.05 7.56 18.66
C GLU A 51 6.14 6.34 18.72
N GLU A 52 5.48 6.00 17.61
CA GLU A 52 4.58 4.86 17.52
C GLU A 52 5.29 3.73 16.75
N LEU A 53 6.25 4.08 15.88
CA LEU A 53 7.02 3.14 15.08
C LEU A 53 7.83 2.21 15.99
N GLY A 54 7.86 0.91 15.66
CA GLY A 54 8.58 -0.11 16.40
C GLY A 54 9.98 -0.22 15.86
N GLU A 55 10.28 -1.28 15.11
CA GLU A 55 11.56 -1.57 14.49
C GLU A 55 11.35 -2.01 13.04
N TYR A 56 12.44 -2.10 12.29
CA TYR A 56 12.39 -2.55 10.89
C TYR A 56 11.80 -3.95 10.85
N GLN A 57 11.00 -4.23 9.84
CA GLN A 57 10.36 -5.51 9.68
C GLN A 57 10.64 -6.13 8.31
N ASP A 58 10.47 -5.41 7.19
CA ASP A 58 10.73 -6.00 5.87
C ASP A 58 11.06 -4.95 4.82
N VAL A 59 11.85 -5.29 3.81
CA VAL A 59 12.25 -4.36 2.75
C VAL A 59 11.51 -4.65 1.46
N LEU A 60 11.02 -3.57 0.88
CA LEU A 60 10.27 -3.46 -0.36
C LEU A 60 11.10 -2.70 -1.40
N ALA A 61 10.77 -2.81 -2.70
CA ALA A 61 11.51 -2.14 -3.79
C ALA A 61 10.77 -2.19 -5.14
N GLU A 62 9.49 -1.86 -5.20
CA GLU A 62 8.62 -1.89 -6.41
C GLU A 62 7.61 -0.71 -6.39
N VAL A 63 6.79 -0.55 -7.45
CA VAL A 63 5.81 0.55 -7.56
C VAL A 63 4.47 0.03 -8.11
N ARG A 64 3.34 0.65 -7.74
CA ARG A 64 1.99 0.31 -8.19
C ARG A 64 1.28 1.57 -8.65
N VAL A 65 0.28 1.38 -9.49
CA VAL A 65 -0.57 2.44 -10.02
C VAL A 65 -1.97 1.84 -10.03
N PHE A 66 -2.89 2.38 -9.23
CA PHE A 66 -4.25 1.89 -9.14
C PHE A 66 -5.27 3.02 -8.99
N ASP A 67 -6.55 2.69 -9.15
CA ASP A 67 -7.70 3.57 -9.03
C ASP A 67 -7.98 3.60 -7.53
N SER A 68 -7.65 4.64 -6.76
CA SER A 68 -7.91 4.65 -5.33
C SER A 68 -9.40 4.62 -4.95
N VAL A 69 -10.29 4.89 -5.90
CA VAL A 69 -11.73 4.92 -5.64
C VAL A 69 -12.28 3.53 -5.36
N SER A 70 -11.74 2.51 -6.03
CA SER A 70 -12.12 1.11 -5.92
C SER A 70 -10.96 0.20 -5.53
N GLY A 71 -9.71 0.63 -5.70
CA GLY A 71 -8.48 -0.09 -5.41
C GLY A 71 -7.91 -0.82 -6.66
N LYS A 72 -8.71 -0.88 -7.73
CA LYS A 72 -8.45 -1.51 -9.02
C LYS A 72 -7.09 -1.17 -9.60
N SER A 73 -6.21 -2.16 -9.75
CA SER A 73 -4.90 -1.95 -10.32
C SER A 73 -5.03 -1.60 -11.80
N ILE A 74 -3.99 -0.94 -12.33
CA ILE A 74 -3.86 -0.54 -13.71
C ILE A 74 -2.57 -1.26 -14.17
N PRO A 75 -2.57 -1.90 -15.35
CA PRO A 75 -1.40 -2.61 -15.84
C PRO A 75 -0.35 -1.63 -16.31
N ARG A 76 0.92 -2.05 -16.34
CA ARG A 76 2.00 -1.19 -16.75
C ARG A 76 1.82 -0.60 -18.14
N SER A 77 1.14 -1.28 -19.06
CA SER A 77 0.93 -0.73 -20.39
C SER A 77 0.00 0.50 -20.35
N GLU A 78 -0.61 0.83 -19.22
CA GLU A 78 -1.50 1.98 -19.05
C GLU A 78 -0.85 3.06 -18.18
N TRP A 79 0.31 2.79 -17.58
CA TRP A 79 1.02 3.73 -16.71
C TRP A 79 1.41 5.04 -17.41
N GLY A 80 1.37 5.08 -18.75
CA GLY A 80 1.69 6.21 -19.60
C GLY A 80 0.48 6.61 -20.45
N ARG A 81 -0.72 6.09 -20.15
CA ARG A 81 -1.96 6.35 -20.86
C ARG A 81 -2.81 7.27 -19.98
N ILE A 82 -2.47 8.55 -19.94
CA ILE A 82 -3.19 9.55 -19.15
C ILE A 82 -4.02 10.39 -20.11
N ASP A 83 -3.40 11.34 -20.82
CA ASP A 83 -4.03 12.26 -21.75
C ASP A 83 -3.52 12.11 -23.17
N LYS A 84 -3.81 10.97 -23.81
CA LYS A 84 -3.43 10.64 -25.16
C LYS A 84 -4.66 10.16 -25.96
N ASP A 85 -5.83 10.02 -25.32
CA ASP A 85 -7.08 9.58 -25.92
C ASP A 85 -8.30 10.41 -25.51
N GLY A 86 -8.10 11.48 -24.75
CA GLY A 86 -9.14 12.38 -24.28
C GLY A 86 -10.03 11.83 -23.16
N SER A 87 -9.84 10.59 -22.71
CA SER A 87 -10.66 10.02 -21.65
C SER A 87 -10.33 10.54 -20.24
N ASN A 88 -9.21 11.26 -20.08
CA ASN A 88 -8.65 11.83 -18.85
C ASN A 88 -9.59 12.68 -17.95
N SER A 89 -10.85 12.89 -18.35
CA SER A 89 -11.83 13.66 -17.59
C SER A 89 -12.14 12.96 -16.25
N LYS A 90 -12.92 11.87 -16.26
CA LYS A 90 -13.28 11.13 -15.04
C LYS A 90 -12.30 9.98 -14.82
N GLN A 91 -11.00 10.31 -14.77
CA GLN A 91 -9.93 9.36 -14.55
C GLN A 91 -8.97 9.98 -13.55
N SER A 92 -8.35 9.14 -12.73
CA SER A 92 -7.39 9.49 -11.70
C SER A 92 -6.77 8.17 -11.24
N ARG A 93 -5.53 8.22 -10.76
CA ARG A 93 -4.76 7.08 -10.29
C ARG A 93 -4.01 7.48 -9.03
N THR A 94 -3.36 6.51 -8.41
CA THR A 94 -2.57 6.69 -7.23
C THR A 94 -1.35 5.83 -7.43
N GLU A 95 -0.23 6.50 -7.49
CA GLU A 95 1.08 5.93 -7.68
C GLU A 95 1.66 5.77 -6.27
N TRP A 96 1.82 4.51 -5.85
CA TRP A 96 2.36 4.20 -4.53
C TRP A 96 3.62 3.35 -4.59
N ASP A 97 4.72 3.93 -4.12
CA ASP A 97 6.03 3.30 -4.04
C ASP A 97 6.00 2.26 -2.92
N TYR A 98 6.60 1.10 -3.16
CA TYR A 98 6.73 0.04 -2.19
C TYR A 98 8.01 0.34 -1.44
N GLY A 99 7.80 0.88 -0.26
CA GLY A 99 8.73 1.29 0.75
C GLY A 99 8.71 0.23 1.85
N GLU A 100 9.76 0.17 2.65
CA GLU A 100 9.88 -0.87 3.66
C GLU A 100 8.82 -0.76 4.75
N ILE A 101 8.62 -1.89 5.40
CA ILE A 101 7.65 -2.12 6.45
C ILE A 101 8.36 -2.19 7.78
N HIS A 102 7.69 -1.63 8.78
CA HIS A 102 8.14 -1.56 10.15
C HIS A 102 7.00 -1.98 11.09
N SER A 103 7.38 -2.53 12.24
CA SER A 103 6.45 -2.96 13.27
C SER A 103 5.94 -1.70 13.99
N ILE A 104 4.96 -1.88 14.88
CA ILE A 104 4.39 -0.79 15.66
C ILE A 104 4.47 -1.12 17.14
N ARG A 105 4.66 -0.08 17.94
CA ARG A 105 4.76 -0.17 19.38
C ARG A 105 3.36 -0.54 19.90
N GLY A 106 3.29 -1.62 20.66
CA GLY A 106 2.07 -2.13 21.26
C GLY A 106 1.07 -2.69 20.24
N LYS A 107 1.53 -3.14 19.07
CA LYS A 107 0.69 -3.73 18.02
C LYS A 107 1.53 -4.81 17.35
N SER A 108 0.88 -5.82 16.80
CA SER A 108 1.52 -6.92 16.10
C SER A 108 1.25 -6.72 14.62
N LEU A 109 2.16 -7.19 13.75
CA LEU A 109 2.00 -7.07 12.29
C LEU A 109 0.68 -7.68 11.83
N THR A 110 0.19 -8.66 12.60
CA THR A 110 -1.03 -9.41 12.37
C THR A 110 -2.31 -8.61 12.63
N GLU A 111 -2.21 -7.44 13.28
CA GLU A 111 -3.32 -6.56 13.61
C GLU A 111 -3.12 -5.14 13.07
N ALA A 112 -1.89 -4.60 13.10
CA ALA A 112 -1.62 -3.25 12.60
C ALA A 112 -0.12 -3.05 12.43
N PHE A 113 0.28 -2.33 11.37
CA PHE A 113 1.68 -2.08 11.10
C PHE A 113 1.86 -0.81 10.29
N ALA A 114 3.13 -0.42 10.08
CA ALA A 114 3.53 0.77 9.35
C ALA A 114 4.18 0.37 8.04
N VAL A 115 3.78 1.00 6.93
CA VAL A 115 4.28 0.74 5.59
C VAL A 115 4.73 2.06 4.97
N GLU A 116 5.98 2.13 4.53
CA GLU A 116 6.52 3.32 3.88
C GLU A 116 5.86 3.44 2.51
N ILE A 117 4.98 4.43 2.35
CA ILE A 117 4.27 4.74 1.11
C ILE A 117 4.63 6.17 0.73
N ASN A 118 5.16 6.40 -0.48
CA ASN A 118 5.55 7.74 -0.92
C ASN A 118 6.51 8.37 0.09
N ASP A 119 7.49 7.59 0.57
CA ASP A 119 8.49 8.04 1.54
C ASP A 119 7.84 8.52 2.85
N ASP A 120 6.59 8.10 3.12
CA ASP A 120 5.84 8.44 4.33
C ASP A 120 5.28 7.14 4.94
N PHE A 121 5.60 6.82 6.19
CA PHE A 121 5.09 5.61 6.84
C PHE A 121 3.60 5.77 7.14
N LYS A 122 2.77 4.92 6.55
CA LYS A 122 1.32 4.91 6.68
C LYS A 122 0.87 3.67 7.45
N LEU A 123 -0.21 3.79 8.21
CA LEU A 123 -0.78 2.71 9.02
C LEU A 123 -1.63 1.77 8.17
N ALA A 124 -1.51 0.47 8.43
CA ALA A 124 -2.27 -0.58 7.77
C ALA A 124 -2.90 -1.43 8.86
N THR A 125 -4.14 -1.85 8.66
CA THR A 125 -4.89 -2.65 9.62
C THR A 125 -5.45 -3.91 8.96
N LYS A 126 -5.70 -4.95 9.77
CA LYS A 126 -6.26 -6.20 9.24
C LYS A 126 -7.66 -5.98 8.70
N VAL A 127 -7.98 -6.68 7.60
CA VAL A 127 -9.28 -6.63 6.98
C VAL A 127 -9.70 -8.06 6.65
N GLY A 128 -10.99 -8.24 6.39
CA GLY A 128 -11.61 -9.50 6.04
C GLY A 128 -11.93 -9.53 4.56
N ASN A 129 -12.41 -8.39 4.04
CA ASN A 129 -12.78 -8.17 2.65
C ASN A 129 -12.19 -6.81 2.33
N ASP A 22 5.50 -14.32 7.35
CA ASP A 22 6.18 -14.93 6.21
C ASP A 22 6.94 -13.83 5.49
N ASN A 23 6.58 -13.50 4.25
CA ASN A 23 7.15 -12.45 3.43
C ASN A 23 5.94 -11.72 2.89
N PHE A 24 5.94 -10.41 3.01
CA PHE A 24 4.84 -9.57 2.56
C PHE A 24 4.79 -9.60 1.04
N VAL A 25 3.59 -9.53 0.48
CA VAL A 25 3.37 -9.53 -0.95
C VAL A 25 2.28 -8.53 -1.21
N ILE A 26 2.48 -7.66 -2.20
CA ILE A 26 1.46 -6.70 -2.55
C ILE A 26 0.45 -7.53 -3.34
N ASP A 27 -0.79 -7.55 -2.87
CA ASP A 27 -1.85 -8.30 -3.51
C ASP A 27 -1.99 -7.86 -4.96
N LYS A 28 -1.97 -8.84 -5.86
CA LYS A 28 -2.11 -8.64 -7.30
C LYS A 28 -3.53 -8.22 -7.65
N ASN A 29 -4.50 -8.55 -6.78
CA ASN A 29 -5.90 -8.22 -6.98
C ASN A 29 -6.16 -6.79 -6.55
N ASP A 30 -5.59 -6.36 -5.43
CA ASP A 30 -5.75 -5.03 -4.87
C ASP A 30 -4.36 -4.53 -4.50
N SER A 31 -3.77 -3.60 -5.25
CA SER A 31 -2.44 -3.12 -4.97
C SER A 31 -2.35 -2.41 -3.61
N ARG A 32 -3.47 -1.92 -3.10
CA ARG A 32 -3.58 -1.21 -1.83
C ARG A 32 -3.66 -2.20 -0.67
N LYS A 33 -3.67 -3.51 -0.96
CA LYS A 33 -3.73 -4.54 0.05
C LYS A 33 -2.40 -5.28 0.11
N ILE A 34 -2.14 -5.96 1.22
CA ILE A 34 -0.94 -6.74 1.46
C ILE A 34 -1.43 -8.11 1.84
N ASP A 35 -0.83 -9.11 1.22
CA ASP A 35 -1.07 -10.52 1.40
C ASP A 35 0.15 -10.94 2.21
N TYR A 36 -0.03 -11.30 3.46
CA TYR A 36 1.06 -11.72 4.33
C TYR A 36 0.56 -12.74 5.32
N MET A 37 1.32 -13.81 5.58
CA MET A 37 0.92 -14.88 6.51
C MET A 37 -0.47 -15.46 6.23
N GLY A 38 -0.92 -15.42 4.97
CA GLY A 38 -2.23 -15.92 4.59
C GLY A 38 -3.34 -14.96 5.03
N ASN A 39 -3.01 -13.72 5.34
CA ASN A 39 -3.95 -12.69 5.79
C ASN A 39 -3.90 -11.54 4.81
N ILE A 40 -4.93 -10.70 4.89
CA ILE A 40 -5.08 -9.53 4.05
C ILE A 40 -5.10 -8.29 4.93
N TYR A 41 -4.34 -7.27 4.52
CA TYR A 41 -4.24 -6.00 5.22
C TYR A 41 -4.54 -4.90 4.21
N SER A 42 -5.12 -3.79 4.67
CA SER A 42 -5.53 -2.64 3.89
C SER A 42 -5.03 -1.34 4.54
N ILE A 43 -4.41 -0.50 3.73
CA ILE A 43 -3.84 0.79 4.12
C ILE A 43 -4.87 1.89 3.81
N SER A 44 -5.13 2.74 4.79
CA SER A 44 -6.02 3.90 4.69
C SER A 44 -5.00 5.05 4.55
N ASP A 45 -5.15 6.16 5.27
CA ASP A 45 -4.14 7.21 5.22
C ASP A 45 -4.17 7.77 6.63
N THR A 46 -3.22 7.29 7.42
CA THR A 46 -2.91 7.58 8.80
C THR A 46 -1.40 7.72 8.95
N THR A 47 -0.85 8.89 9.21
CA THR A 47 0.59 9.03 9.42
C THR A 47 0.95 8.32 10.74
N VAL A 48 1.92 7.43 10.71
CA VAL A 48 2.42 6.70 11.86
C VAL A 48 3.62 7.52 12.33
N SER A 49 3.65 7.90 13.60
CA SER A 49 4.75 8.70 14.12
C SER A 49 5.88 7.78 14.60
N ASP A 50 7.07 8.35 14.69
CA ASP A 50 8.30 7.70 15.15
C ASP A 50 8.09 7.13 16.55
N GLU A 51 7.32 7.83 17.38
CA GLU A 51 7.02 7.42 18.75
C GLU A 51 6.28 6.08 18.80
N GLU A 52 5.67 5.67 17.69
CA GLU A 52 4.92 4.43 17.56
C GLU A 52 5.72 3.41 16.74
N LEU A 53 6.60 3.86 15.84
CA LEU A 53 7.42 3.03 14.96
C LEU A 53 8.35 2.16 15.78
N GLY A 54 8.15 0.86 15.77
CA GLY A 54 8.93 -0.10 16.52
C GLY A 54 10.31 -0.31 15.90
N GLU A 55 10.51 -1.40 15.18
CA GLU A 55 11.77 -1.75 14.53
C GLU A 55 11.51 -2.24 13.10
N TYR A 56 12.56 -2.24 12.28
CA TYR A 56 12.53 -2.67 10.88
C TYR A 56 12.00 -4.10 10.80
N GLN A 57 11.03 -4.33 9.92
CA GLN A 57 10.39 -5.61 9.72
C GLN A 57 10.77 -6.25 8.38
N ASP A 58 10.70 -5.53 7.25
CA ASP A 58 11.06 -6.05 5.92
C ASP A 58 11.25 -4.88 4.95
N VAL A 59 11.97 -5.09 3.84
CA VAL A 59 12.26 -4.06 2.84
C VAL A 59 11.48 -4.33 1.55
N LEU A 60 11.01 -3.23 0.96
CA LEU A 60 10.26 -3.14 -0.28
C LEU A 60 11.08 -2.44 -1.36
N ALA A 61 10.71 -2.55 -2.65
CA ALA A 61 11.45 -1.93 -3.76
C ALA A 61 10.67 -1.90 -5.11
N GLU A 62 9.35 -1.66 -5.13
CA GLU A 62 8.51 -1.65 -6.34
C GLU A 62 7.47 -0.53 -6.25
N VAL A 63 6.64 -0.30 -7.28
CA VAL A 63 5.63 0.77 -7.28
C VAL A 63 4.31 0.28 -7.88
N ARG A 64 3.17 0.86 -7.47
CA ARG A 64 1.84 0.52 -7.99
C ARG A 64 1.11 1.77 -8.38
N VAL A 65 0.14 1.62 -9.28
CA VAL A 65 -0.69 2.71 -9.75
C VAL A 65 -2.12 2.16 -9.83
N PHE A 66 -3.03 2.68 -9.01
CA PHE A 66 -4.42 2.25 -9.01
C PHE A 66 -5.35 3.46 -8.97
N ASP A 67 -6.60 3.29 -9.41
CA ASP A 67 -7.64 4.31 -9.45
C ASP A 67 -8.23 4.26 -8.05
N SER A 68 -7.85 5.18 -7.16
CA SER A 68 -8.26 5.27 -5.76
C SER A 68 -9.76 5.41 -5.50
N VAL A 69 -10.56 5.64 -6.55
CA VAL A 69 -12.00 5.78 -6.43
C VAL A 69 -12.57 4.42 -5.98
N SER A 70 -12.02 3.33 -6.52
CA SER A 70 -12.40 1.97 -6.24
C SER A 70 -11.21 1.12 -5.74
N GLY A 71 -10.00 1.53 -6.07
CA GLY A 71 -8.73 0.89 -5.75
C GLY A 71 -8.29 -0.05 -6.89
N LYS A 72 -8.98 -0.02 -8.04
CA LYS A 72 -8.71 -0.84 -9.22
C LYS A 72 -7.31 -0.56 -9.76
N SER A 73 -6.44 -1.55 -9.73
CA SER A 73 -5.07 -1.45 -10.21
C SER A 73 -4.98 -1.25 -11.71
N ILE A 74 -3.91 -0.62 -12.15
CA ILE A 74 -3.60 -0.34 -13.55
C ILE A 74 -2.24 -1.00 -13.82
N PRO A 75 -2.07 -1.68 -14.96
CA PRO A 75 -0.82 -2.34 -15.29
C PRO A 75 0.21 -1.35 -15.82
N ARG A 76 1.47 -1.77 -15.84
CA ARG A 76 2.62 -0.98 -16.27
C ARG A 76 2.54 -0.46 -17.69
N SER A 77 1.73 -1.07 -18.56
CA SER A 77 1.60 -0.60 -19.93
C SER A 77 0.64 0.59 -19.99
N GLU A 78 -0.04 0.92 -18.90
CA GLU A 78 -1.01 2.00 -18.78
C GLU A 78 -0.49 3.12 -17.87
N TRP A 79 0.78 3.05 -17.46
CA TRP A 79 1.44 4.06 -16.62
C TRP A 79 1.95 5.29 -17.38
N GLY A 80 2.08 5.23 -18.71
CA GLY A 80 2.55 6.34 -19.55
C GLY A 80 1.73 6.55 -20.81
N ARG A 81 1.38 5.47 -21.53
CA ARG A 81 0.57 5.54 -22.74
C ARG A 81 -0.85 5.71 -22.24
N ILE A 82 -1.31 6.96 -22.05
CA ILE A 82 -2.66 7.21 -21.55
C ILE A 82 -3.63 6.88 -22.68
N ASP A 83 -3.43 7.54 -23.83
CA ASP A 83 -4.20 7.37 -25.07
C ASP A 83 -5.70 7.20 -24.80
N LYS A 84 -6.24 8.01 -23.91
CA LYS A 84 -7.61 7.98 -23.49
C LYS A 84 -8.52 8.64 -24.53
N ASP A 85 -9.79 8.20 -24.53
CA ASP A 85 -10.89 8.61 -25.41
C ASP A 85 -11.15 10.11 -25.44
N GLY A 86 -10.65 10.87 -24.47
CA GLY A 86 -10.86 12.32 -24.40
C GLY A 86 -9.73 13.01 -23.66
N SER A 87 -9.50 12.68 -22.40
CA SER A 87 -8.43 13.29 -21.60
C SER A 87 -7.99 12.36 -20.47
N ASN A 88 -6.86 12.68 -19.85
CA ASN A 88 -6.29 11.91 -18.73
C ASN A 88 -7.25 11.88 -17.53
N SER A 89 -8.15 12.86 -17.46
CA SER A 89 -9.15 13.05 -16.42
C SER A 89 -10.04 11.81 -16.21
N LYS A 90 -10.86 11.87 -15.16
CA LYS A 90 -11.82 10.86 -14.68
C LYS A 90 -11.16 9.59 -14.13
N GLN A 91 -9.85 9.47 -14.24
CA GLN A 91 -9.07 8.32 -13.79
C GLN A 91 -8.82 8.42 -12.29
N SER A 92 -8.18 9.51 -11.91
CA SER A 92 -7.85 9.89 -10.55
C SER A 92 -7.00 8.80 -9.87
N ARG A 93 -5.87 8.49 -10.51
CA ARG A 93 -4.93 7.48 -10.05
C ARG A 93 -4.18 7.95 -8.81
N THR A 94 -3.48 7.01 -8.20
CA THR A 94 -2.66 7.18 -7.03
C THR A 94 -1.44 6.33 -7.31
N GLU A 95 -0.26 6.88 -7.04
CA GLU A 95 1.02 6.24 -7.22
C GLU A 95 1.63 6.02 -5.84
N TRP A 96 1.64 4.77 -5.40
CA TRP A 96 2.20 4.38 -4.11
C TRP A 96 3.46 3.57 -4.31
N ASP A 97 4.56 4.14 -3.83
CA ASP A 97 5.89 3.56 -3.85
C ASP A 97 5.95 2.55 -2.71
N TYR A 98 6.56 1.39 -2.95
CA TYR A 98 6.71 0.36 -1.96
C TYR A 98 7.97 0.68 -1.17
N GLY A 99 7.73 1.15 0.04
CA GLY A 99 8.69 1.52 1.05
C GLY A 99 8.68 0.44 2.11
N GLU A 100 9.76 0.33 2.89
CA GLU A 100 9.91 -0.74 3.87
C GLU A 100 8.90 -0.65 5.01
N ILE A 101 8.70 -1.82 5.58
CA ILE A 101 7.77 -2.10 6.65
C ILE A 101 8.50 -2.16 7.98
N HIS A 102 7.85 -1.61 8.99
CA HIS A 102 8.31 -1.55 10.37
C HIS A 102 7.17 -1.96 11.33
N SER A 103 7.54 -2.50 12.49
CA SER A 103 6.58 -2.93 13.51
C SER A 103 5.99 -1.70 14.23
N ILE A 104 4.99 -1.91 15.09
CA ILE A 104 4.33 -0.84 15.83
C ILE A 104 4.31 -1.17 17.32
N ARG A 105 4.63 -0.19 18.17
CA ARG A 105 4.62 -0.32 19.61
C ARG A 105 3.17 -0.56 20.05
N GLY A 106 2.93 -1.63 20.80
CA GLY A 106 1.60 -1.97 21.31
C GLY A 106 0.65 -2.60 20.32
N LYS A 107 1.11 -3.06 19.14
CA LYS A 107 0.28 -3.70 18.14
C LYS A 107 1.05 -4.87 17.56
N SER A 108 0.33 -5.83 17.00
CA SER A 108 0.90 -7.01 16.36
C SER A 108 0.73 -6.81 14.86
N LEU A 109 1.69 -7.29 14.06
CA LEU A 109 1.63 -7.16 12.61
C LEU A 109 0.33 -7.80 12.10
N THR A 110 -0.17 -8.82 12.80
CA THR A 110 -1.37 -9.58 12.48
C THR A 110 -2.65 -8.76 12.60
N GLU A 111 -2.60 -7.58 13.20
CA GLU A 111 -3.77 -6.72 13.37
C GLU A 111 -3.53 -5.32 12.78
N ALA A 112 -2.30 -4.78 12.87
CA ALA A 112 -1.97 -3.47 12.33
C ALA A 112 -0.46 -3.28 12.25
N PHE A 113 0.03 -2.57 11.21
CA PHE A 113 1.46 -2.32 11.06
C PHE A 113 1.71 -1.05 10.26
N ALA A 114 2.99 -0.64 10.17
CA ALA A 114 3.42 0.56 9.48
C ALA A 114 4.18 0.23 8.20
N VAL A 115 3.84 0.89 7.09
CA VAL A 115 4.47 0.71 5.80
C VAL A 115 4.84 2.08 5.25
N GLU A 116 6.09 2.24 4.80
CA GLU A 116 6.59 3.49 4.22
C GLU A 116 5.90 3.68 2.85
N ILE A 117 4.90 4.57 2.78
CA ILE A 117 4.14 4.89 1.57
C ILE A 117 4.26 6.37 1.23
N ASN A 118 4.73 6.72 0.02
CA ASN A 118 4.90 8.10 -0.43
C ASN A 118 5.92 8.80 0.47
N ASP A 119 6.97 8.06 0.87
CA ASP A 119 8.05 8.50 1.74
C ASP A 119 7.54 8.84 3.14
N ASP A 120 6.34 8.38 3.49
CA ASP A 120 5.75 8.62 4.81
C ASP A 120 5.20 7.30 5.35
N PHE A 121 5.53 6.91 6.58
CA PHE A 121 5.03 5.67 7.18
C PHE A 121 3.53 5.80 7.43
N LYS A 122 2.75 4.88 6.85
CA LYS A 122 1.30 4.84 6.94
C LYS A 122 0.83 3.55 7.59
N LEU A 123 -0.27 3.66 8.32
CA LEU A 123 -0.90 2.57 9.08
C LEU A 123 -1.73 1.67 8.17
N ALA A 124 -1.56 0.36 8.31
CA ALA A 124 -2.28 -0.66 7.57
C ALA A 124 -2.97 -1.53 8.60
N THR A 125 -4.27 -1.79 8.41
CA THR A 125 -5.07 -2.61 9.32
C THR A 125 -5.49 -3.91 8.62
N LYS A 126 -5.66 -4.98 9.38
CA LYS A 126 -6.09 -6.28 8.85
C LYS A 126 -7.55 -6.17 8.42
N VAL A 127 -7.82 -6.45 7.14
CA VAL A 127 -9.16 -6.41 6.58
C VAL A 127 -9.35 -7.64 5.69
N GLY A 128 -10.41 -8.42 5.90
CA GLY A 128 -10.68 -9.60 5.10
C GLY A 128 -11.60 -9.32 3.91
N ASN A 129 -11.60 -8.10 3.36
CA ASN A 129 -12.41 -7.64 2.23
C ASN A 129 -11.61 -6.59 1.50
N ASP A 22 4.98 -15.42 6.39
CA ASP A 22 6.18 -16.03 5.81
C ASP A 22 7.08 -14.98 5.16
N ASN A 23 6.50 -14.14 4.30
CA ASN A 23 7.14 -13.05 3.57
C ASN A 23 6.03 -12.09 3.18
N PHE A 24 6.29 -10.79 3.20
CA PHE A 24 5.31 -9.78 2.84
C PHE A 24 5.16 -9.75 1.34
N VAL A 25 3.93 -9.92 0.88
CA VAL A 25 3.53 -9.91 -0.51
C VAL A 25 2.43 -8.86 -0.66
N ILE A 26 2.47 -8.04 -1.71
CA ILE A 26 1.43 -7.06 -1.92
C ILE A 26 0.35 -7.81 -2.70
N ASP A 27 -0.92 -7.58 -2.36
CA ASP A 27 -2.01 -8.24 -3.06
C ASP A 27 -2.00 -7.78 -4.52
N LYS A 28 -1.90 -8.73 -5.42
CA LYS A 28 -1.90 -8.53 -6.86
C LYS A 28 -3.21 -7.87 -7.32
N ASN A 29 -4.30 -8.07 -6.59
CA ASN A 29 -5.60 -7.50 -6.92
C ASN A 29 -5.66 -6.06 -6.44
N ASP A 30 -5.21 -5.84 -5.20
CA ASP A 30 -5.21 -4.55 -4.52
C ASP A 30 -3.85 -4.18 -3.98
N SER A 31 -3.15 -3.23 -4.61
CA SER A 31 -1.84 -2.75 -4.20
C SER A 31 -1.85 -2.18 -2.77
N ARG A 32 -3.04 -1.82 -2.24
CA ARG A 32 -3.16 -1.29 -0.88
C ARG A 32 -3.29 -2.43 0.13
N LYS A 33 -3.42 -3.68 -0.32
CA LYS A 33 -3.53 -4.83 0.56
C LYS A 33 -2.20 -5.55 0.65
N ILE A 34 -1.93 -6.17 1.79
CA ILE A 34 -0.68 -6.88 2.08
C ILE A 34 -1.11 -8.27 2.54
N ASP A 35 -0.67 -9.29 1.79
CA ASP A 35 -0.91 -10.72 1.97
C ASP A 35 0.25 -11.34 2.75
N TYR A 36 0.18 -11.53 4.07
CA TYR A 36 1.32 -12.11 4.81
C TYR A 36 0.82 -13.22 5.73
N MET A 37 1.55 -14.33 5.91
CA MET A 37 1.13 -15.42 6.81
C MET A 37 -0.32 -15.92 6.59
N GLY A 38 -0.91 -15.72 5.41
CA GLY A 38 -2.28 -16.12 5.12
C GLY A 38 -3.29 -15.05 5.50
N ASN A 39 -2.84 -13.86 5.93
CA ASN A 39 -3.68 -12.73 6.31
C ASN A 39 -3.76 -11.69 5.19
N ILE A 40 -4.62 -10.71 5.39
CA ILE A 40 -4.84 -9.60 4.49
C ILE A 40 -4.92 -8.35 5.36
N TYR A 41 -4.10 -7.36 5.03
CA TYR A 41 -4.06 -6.07 5.70
C TYR A 41 -4.51 -5.04 4.66
N SER A 42 -4.93 -3.85 5.08
CA SER A 42 -5.39 -2.77 4.21
C SER A 42 -4.94 -1.43 4.77
N ILE A 43 -4.50 -0.52 3.89
CA ILE A 43 -4.03 0.82 4.26
C ILE A 43 -5.14 1.82 3.99
N SER A 44 -5.30 2.75 4.93
CA SER A 44 -6.25 3.86 4.87
C SER A 44 -5.36 5.11 4.91
N ASP A 45 -5.35 5.96 5.94
CA ASP A 45 -4.42 7.10 5.98
C ASP A 45 -4.30 7.56 7.43
N THR A 46 -3.23 7.09 8.04
CA THR A 46 -2.78 7.40 9.37
C THR A 46 -1.27 7.58 9.26
N THR A 47 -0.72 8.76 9.47
CA THR A 47 0.72 8.95 9.42
C THR A 47 1.23 8.37 10.75
N VAL A 48 2.20 7.45 10.68
CA VAL A 48 2.75 6.80 11.87
C VAL A 48 3.97 7.59 12.29
N SER A 49 3.88 8.26 13.43
CA SER A 49 4.96 9.05 13.97
C SER A 49 6.03 8.14 14.55
N ASP A 50 7.26 8.67 14.66
CA ASP A 50 8.40 7.92 15.21
C ASP A 50 8.13 7.47 16.63
N GLU A 51 7.31 8.22 17.38
CA GLU A 51 7.00 7.90 18.76
C GLU A 51 6.14 6.63 18.86
N GLU A 52 5.59 6.16 17.73
CA GLU A 52 4.77 4.97 17.61
C GLU A 52 5.48 3.90 16.78
N LEU A 53 6.42 4.28 15.91
CA LEU A 53 7.17 3.35 15.10
C LEU A 53 8.03 2.52 16.05
N GLY A 54 8.07 1.21 15.84
CA GLY A 54 8.84 0.28 16.63
C GLY A 54 10.23 0.21 16.02
N GLU A 55 10.51 -0.90 15.34
CA GLU A 55 11.76 -1.20 14.66
C GLU A 55 11.44 -1.79 13.29
N TYR A 56 12.44 -1.90 12.41
CA TYR A 56 12.29 -2.44 11.07
C TYR A 56 11.75 -3.88 11.07
N GLN A 57 11.03 -4.21 10.00
CA GLN A 57 10.44 -5.52 9.78
C GLN A 57 10.84 -6.13 8.43
N ASP A 58 10.71 -5.43 7.29
CA ASP A 58 11.09 -5.99 5.99
C ASP A 58 11.27 -4.88 4.95
N VAL A 59 11.93 -5.15 3.82
CA VAL A 59 12.18 -4.15 2.77
C VAL A 59 11.49 -4.51 1.47
N LEU A 60 10.94 -3.48 0.82
CA LEU A 60 10.21 -3.50 -0.44
C LEU A 60 11.02 -2.82 -1.53
N ALA A 61 10.64 -3.03 -2.81
CA ALA A 61 11.32 -2.47 -3.97
C ALA A 61 10.50 -2.61 -5.26
N GLU A 62 9.30 -2.05 -5.32
CA GLU A 62 8.42 -2.09 -6.50
C GLU A 62 7.46 -0.90 -6.42
N VAL A 63 6.67 -0.65 -7.46
CA VAL A 63 5.70 0.46 -7.51
C VAL A 63 4.48 -0.02 -8.28
N ARG A 64 3.29 0.49 -7.96
CA ARG A 64 2.07 0.12 -8.65
C ARG A 64 1.17 1.35 -8.70
N VAL A 65 0.16 1.30 -9.55
CA VAL A 65 -0.80 2.36 -9.74
C VAL A 65 -2.16 1.68 -9.69
N PHE A 66 -3.14 2.27 -8.99
CA PHE A 66 -4.49 1.73 -8.88
C PHE A 66 -5.53 2.82 -8.76
N ASP A 67 -6.79 2.46 -8.99
CA ASP A 67 -7.96 3.31 -8.92
C ASP A 67 -8.27 3.29 -7.43
N SER A 68 -7.90 4.32 -6.68
CA SER A 68 -8.14 4.39 -5.25
C SER A 68 -9.62 4.39 -4.86
N VAL A 69 -10.53 4.59 -5.82
CA VAL A 69 -11.95 4.62 -5.57
C VAL A 69 -12.46 3.26 -5.10
N SER A 70 -12.01 2.18 -5.75
CA SER A 70 -12.38 0.82 -5.48
C SER A 70 -11.20 -0.08 -5.12
N GLY A 71 -9.98 0.32 -5.50
CA GLY A 71 -8.77 -0.42 -5.26
C GLY A 71 -8.36 -1.25 -6.48
N LYS A 72 -9.06 -1.11 -7.60
CA LYS A 72 -8.80 -1.83 -8.85
C LYS A 72 -7.39 -1.46 -9.32
N SER A 73 -6.45 -2.41 -9.30
CA SER A 73 -5.09 -2.14 -9.76
C SER A 73 -5.14 -1.78 -11.24
N ILE A 74 -4.19 -0.98 -11.70
CA ILE A 74 -4.06 -0.53 -13.06
C ILE A 74 -2.76 -1.13 -13.64
N PRO A 75 -2.77 -1.54 -14.91
CA PRO A 75 -1.59 -2.09 -15.57
C PRO A 75 -0.73 -0.94 -16.06
N ARG A 76 0.55 -1.22 -16.31
CA ARG A 76 1.53 -0.24 -16.78
C ARG A 76 1.07 0.51 -18.03
N SER A 77 0.22 -0.12 -18.83
CA SER A 77 -0.36 0.39 -20.06
C SER A 77 -1.29 1.60 -19.81
N GLU A 78 -1.71 1.87 -18.57
CA GLU A 78 -2.59 2.97 -18.22
C GLU A 78 -1.86 3.99 -17.35
N TRP A 79 -0.61 3.74 -17.00
CA TRP A 79 0.15 4.67 -16.19
C TRP A 79 0.43 5.96 -17.00
N GLY A 80 0.45 5.86 -18.32
CA GLY A 80 0.70 6.96 -19.25
C GLY A 80 0.69 6.54 -20.72
N ARG A 81 -0.09 5.52 -21.11
CA ARG A 81 -0.19 5.04 -22.50
C ARG A 81 -1.66 4.85 -22.88
N ILE A 82 -2.52 5.78 -22.46
CA ILE A 82 -3.94 5.75 -22.76
C ILE A 82 -4.03 6.17 -24.22
N ASP A 83 -3.99 7.47 -24.49
CA ASP A 83 -4.04 8.08 -25.81
C ASP A 83 -3.37 9.45 -25.73
N LYS A 84 -3.39 10.22 -26.82
CA LYS A 84 -2.84 11.54 -26.93
C LYS A 84 -3.97 12.57 -26.85
N ASP A 85 -5.18 12.19 -27.23
CA ASP A 85 -6.38 13.05 -27.17
C ASP A 85 -7.20 12.76 -25.90
N GLY A 86 -7.05 11.55 -25.35
CA GLY A 86 -7.69 11.01 -24.15
C GLY A 86 -8.04 12.07 -23.11
N SER A 87 -9.34 12.28 -22.89
CA SER A 87 -9.91 13.23 -21.96
C SER A 87 -9.28 13.11 -20.56
N ASN A 88 -9.01 11.88 -20.11
CA ASN A 88 -8.41 11.48 -18.84
C ASN A 88 -8.76 12.40 -17.66
N SER A 89 -10.06 12.56 -17.38
CA SER A 89 -10.56 13.39 -16.30
C SER A 89 -11.41 12.56 -15.36
N LYS A 90 -12.33 11.73 -15.88
CA LYS A 90 -13.22 10.86 -15.12
C LYS A 90 -12.47 9.66 -14.52
N GLN A 91 -11.14 9.68 -14.45
CA GLN A 91 -10.27 8.64 -13.94
C GLN A 91 -9.41 9.25 -12.84
N SER A 92 -9.34 8.58 -11.69
CA SER A 92 -8.59 9.01 -10.52
C SER A 92 -7.76 7.84 -9.99
N ARG A 93 -6.46 7.82 -10.32
CA ARG A 93 -5.52 6.79 -9.92
C ARG A 93 -4.62 7.29 -8.78
N THR A 94 -3.80 6.40 -8.22
CA THR A 94 -2.85 6.64 -7.15
C THR A 94 -1.65 5.77 -7.42
N GLU A 95 -0.46 6.36 -7.31
CA GLU A 95 0.84 5.76 -7.53
C GLU A 95 1.49 5.64 -6.14
N TRP A 96 1.60 4.39 -5.68
CA TRP A 96 2.19 4.04 -4.40
C TRP A 96 3.46 3.20 -4.56
N ASP A 97 4.59 3.75 -4.11
CA ASP A 97 5.90 3.11 -4.13
C ASP A 97 6.04 2.22 -2.90
N TYR A 98 6.51 0.99 -3.09
CA TYR A 98 6.72 0.02 -2.03
C TYR A 98 8.04 0.34 -1.30
N GLY A 99 7.86 0.96 -0.14
CA GLY A 99 8.77 1.43 0.90
C GLY A 99 8.84 0.36 1.99
N GLU A 100 9.89 0.32 2.81
CA GLU A 100 10.05 -0.73 3.82
C GLU A 100 9.00 -0.66 4.94
N ILE A 101 8.81 -1.82 5.58
CA ILE A 101 7.86 -2.07 6.65
C ILE A 101 8.59 -2.06 7.98
N HIS A 102 7.92 -1.47 8.95
CA HIS A 102 8.38 -1.34 10.33
C HIS A 102 7.25 -1.73 11.28
N SER A 103 7.63 -2.22 12.47
CA SER A 103 6.69 -2.61 13.51
C SER A 103 6.15 -1.34 14.19
N ILE A 104 5.16 -1.52 15.07
CA ILE A 104 4.55 -0.44 15.82
C ILE A 104 4.55 -0.83 17.29
N ARG A 105 4.80 0.17 18.13
CA ARG A 105 4.85 0.04 19.57
C ARG A 105 3.47 -0.31 20.09
N GLY A 106 3.37 -1.44 20.79
CA GLY A 106 2.14 -1.94 21.37
C GLY A 106 1.17 -2.53 20.34
N LYS A 107 1.61 -2.84 19.11
CA LYS A 107 0.75 -3.41 18.08
C LYS A 107 1.47 -4.54 17.37
N SER A 108 0.80 -5.68 17.20
CA SER A 108 1.35 -6.82 16.50
C SER A 108 1.15 -6.55 15.00
N LEU A 109 2.02 -7.07 14.14
CA LEU A 109 1.90 -6.87 12.70
C LEU A 109 0.53 -7.37 12.22
N THR A 110 -0.01 -8.38 12.91
CA THR A 110 -1.28 -9.04 12.66
C THR A 110 -2.50 -8.16 12.89
N GLU A 111 -2.36 -7.07 13.66
CA GLU A 111 -3.44 -6.16 13.98
C GLU A 111 -3.19 -4.80 13.32
N ALA A 112 -1.95 -4.29 13.34
CA ALA A 112 -1.62 -3.00 12.74
C ALA A 112 -0.10 -2.84 12.66
N PHE A 113 0.37 -2.22 11.58
CA PHE A 113 1.79 -1.99 11.35
C PHE A 113 1.96 -0.75 10.49
N ALA A 114 3.21 -0.36 10.29
CA ALA A 114 3.62 0.81 9.52
C ALA A 114 4.27 0.38 8.21
N VAL A 115 3.86 0.99 7.10
CA VAL A 115 4.35 0.73 5.76
C VAL A 115 4.73 2.06 5.13
N GLU A 116 5.96 2.17 4.67
CA GLU A 116 6.46 3.37 4.04
C GLU A 116 5.82 3.47 2.65
N ILE A 117 4.91 4.43 2.48
CA ILE A 117 4.20 4.74 1.24
C ILE A 117 4.47 6.19 0.85
N ASN A 118 5.09 6.42 -0.31
CA ASN A 118 5.43 7.76 -0.81
C ASN A 118 6.32 8.48 0.21
N ASP A 119 7.35 7.77 0.70
CA ASP A 119 8.32 8.28 1.68
C ASP A 119 7.66 8.58 3.03
N ASP A 120 6.40 8.17 3.25
CA ASP A 120 5.68 8.42 4.50
C ASP A 120 5.15 7.13 5.09
N PHE A 121 5.50 6.81 6.33
CA PHE A 121 5.03 5.61 7.01
C PHE A 121 3.55 5.77 7.32
N LYS A 122 2.73 4.90 6.73
CA LYS A 122 1.28 4.88 6.88
C LYS A 122 0.86 3.63 7.63
N LEU A 123 -0.25 3.73 8.36
CA LEU A 123 -0.80 2.65 9.15
C LEU A 123 -1.64 1.73 8.26
N ALA A 124 -1.46 0.42 8.42
CA ALA A 124 -2.18 -0.60 7.70
C ALA A 124 -2.82 -1.50 8.74
N THR A 125 -4.14 -1.68 8.65
CA THR A 125 -4.92 -2.50 9.59
C THR A 125 -5.43 -3.78 8.95
N LYS A 126 -5.63 -4.83 9.74
CA LYS A 126 -6.16 -6.09 9.24
C LYS A 126 -7.54 -5.90 8.63
N VAL A 127 -7.79 -6.56 7.51
CA VAL A 127 -9.05 -6.53 6.82
C VAL A 127 -9.44 -7.99 6.53
N GLY A 128 -10.69 -8.23 6.14
CA GLY A 128 -11.18 -9.55 5.81
C GLY A 128 -12.56 -9.50 5.18
N ASN A 129 -12.93 -8.37 4.55
CA ASN A 129 -14.22 -8.18 3.90
C ASN A 129 -13.90 -7.80 2.47
N ASP A 22 4.92 -14.86 7.19
CA ASP A 22 6.03 -15.60 6.61
C ASP A 22 6.96 -14.63 5.89
N ASN A 23 6.40 -13.80 5.01
CA ASN A 23 7.06 -12.77 4.21
C ASN A 23 5.94 -11.89 3.67
N PHE A 24 6.01 -10.56 3.81
CA PHE A 24 5.00 -9.63 3.31
C PHE A 24 4.96 -9.71 1.78
N VAL A 25 3.80 -9.52 1.19
CA VAL A 25 3.57 -9.55 -0.25
C VAL A 25 2.41 -8.61 -0.53
N ILE A 26 2.50 -7.71 -1.50
CA ILE A 26 1.36 -6.84 -1.79
C ILE A 26 0.34 -7.76 -2.46
N ASP A 27 -0.95 -7.63 -2.15
CA ASP A 27 -1.95 -8.47 -2.78
C ASP A 27 -1.85 -8.18 -4.27
N LYS A 28 -1.53 -9.20 -5.06
CA LYS A 28 -1.40 -9.06 -6.50
C LYS A 28 -2.69 -8.56 -7.15
N ASN A 29 -3.82 -8.69 -6.45
CA ASN A 29 -5.13 -8.27 -6.92
C ASN A 29 -5.51 -6.88 -6.42
N ASP A 30 -4.91 -6.35 -5.35
CA ASP A 30 -5.24 -5.03 -4.81
C ASP A 30 -3.97 -4.41 -4.22
N SER A 31 -3.46 -3.36 -4.84
CA SER A 31 -2.25 -2.66 -4.43
C SER A 31 -2.29 -2.19 -2.98
N ARG A 32 -3.48 -1.83 -2.48
CA ARG A 32 -3.66 -1.33 -1.12
C ARG A 32 -3.66 -2.45 -0.09
N LYS A 33 -3.55 -3.70 -0.52
CA LYS A 33 -3.57 -4.82 0.40
C LYS A 33 -2.23 -5.50 0.53
N ILE A 34 -2.02 -6.20 1.65
CA ILE A 34 -0.83 -6.95 1.97
C ILE A 34 -1.34 -8.34 2.34
N ASP A 35 -0.58 -9.33 1.91
CA ASP A 35 -0.76 -10.75 2.08
C ASP A 35 0.45 -11.18 2.93
N TYR A 36 0.23 -11.41 4.23
CA TYR A 36 1.27 -11.82 5.15
C TYR A 36 0.69 -12.82 6.15
N MET A 37 1.39 -13.92 6.40
CA MET A 37 1.00 -14.99 7.31
C MET A 37 -0.37 -15.59 6.97
N GLY A 38 -0.72 -15.59 5.68
CA GLY A 38 -1.99 -16.11 5.20
C GLY A 38 -3.17 -15.21 5.55
N ASN A 39 -2.92 -14.01 6.08
CA ASN A 39 -3.93 -13.03 6.45
C ASN A 39 -3.89 -11.91 5.42
N ILE A 40 -4.87 -11.02 5.44
CA ILE A 40 -4.96 -9.89 4.54
C ILE A 40 -4.98 -8.63 5.40
N TYR A 41 -4.29 -7.59 4.96
CA TYR A 41 -4.23 -6.31 5.65
C TYR A 41 -4.48 -5.23 4.62
N SER A 42 -5.17 -4.15 5.00
CA SER A 42 -5.52 -3.03 4.13
C SER A 42 -5.25 -1.73 4.86
N ILE A 43 -4.94 -0.69 4.10
CA ILE A 43 -4.63 0.62 4.62
C ILE A 43 -5.83 1.55 4.48
N SER A 44 -6.05 2.32 5.54
CA SER A 44 -7.09 3.35 5.57
C SER A 44 -6.21 4.58 5.34
N ASP A 45 -6.01 5.47 6.32
CA ASP A 45 -5.10 6.61 6.23
C ASP A 45 -4.99 7.10 7.68
N THR A 46 -3.91 6.71 8.35
CA THR A 46 -3.53 7.08 9.71
C THR A 46 -2.04 7.39 9.64
N THR A 47 -1.64 8.63 9.84
CA THR A 47 -0.24 8.99 9.84
C THR A 47 0.36 8.34 11.10
N VAL A 48 1.40 7.51 10.95
CA VAL A 48 2.05 6.83 12.07
C VAL A 48 3.24 7.69 12.47
N SER A 49 3.23 8.23 13.69
CA SER A 49 4.30 9.07 14.18
C SER A 49 5.44 8.22 14.75
N ASP A 50 6.63 8.82 14.82
CA ASP A 50 7.87 8.21 15.34
C ASP A 50 7.69 7.74 16.77
N GLU A 51 6.87 8.47 17.52
CA GLU A 51 6.59 8.17 18.91
C GLU A 51 5.75 6.90 19.10
N GLU A 52 5.22 6.32 18.03
CA GLU A 52 4.42 5.10 18.05
C GLU A 52 5.08 4.02 17.18
N LEU A 53 5.93 4.44 16.24
CA LEU A 53 6.65 3.54 15.34
C LEU A 53 7.63 2.72 16.18
N GLY A 54 7.95 1.50 15.74
CA GLY A 54 8.84 0.61 16.45
C GLY A 54 10.22 0.58 15.80
N GLU A 55 10.49 -0.48 15.05
CA GLU A 55 11.77 -0.69 14.37
C GLU A 55 11.56 -1.14 12.93
N TYR A 56 12.61 -1.06 12.12
CA TYR A 56 12.60 -1.49 10.73
C TYR A 56 12.29 -2.99 10.72
N GLN A 57 11.53 -3.45 9.73
CA GLN A 57 11.16 -4.85 9.63
C GLN A 57 11.57 -5.44 8.28
N ASP A 58 11.20 -4.80 7.16
CA ASP A 58 11.52 -5.31 5.82
C ASP A 58 11.50 -4.15 4.81
N VAL A 59 11.89 -4.38 3.55
CA VAL A 59 11.93 -3.36 2.50
C VAL A 59 11.23 -3.78 1.20
N LEU A 60 10.64 -2.79 0.50
CA LEU A 60 9.91 -2.86 -0.78
C LEU A 60 10.66 -2.16 -1.93
N ALA A 61 10.24 -2.38 -3.19
CA ALA A 61 10.87 -1.77 -4.38
C ALA A 61 10.02 -1.81 -5.67
N GLU A 62 8.73 -1.49 -5.63
CA GLU A 62 7.84 -1.47 -6.80
C GLU A 62 6.85 -0.32 -6.66
N VAL A 63 6.03 -0.08 -7.68
CA VAL A 63 5.04 1.00 -7.72
C VAL A 63 3.80 0.47 -8.42
N ARG A 64 2.61 0.98 -8.08
CA ARG A 64 1.37 0.57 -8.72
C ARG A 64 0.44 1.77 -8.78
N VAL A 65 -0.54 1.65 -9.67
CA VAL A 65 -1.53 2.67 -9.91
C VAL A 65 -2.90 2.01 -9.80
N PHE A 66 -3.80 2.55 -8.96
CA PHE A 66 -5.16 2.02 -8.78
C PHE A 66 -6.16 3.13 -8.46
N ASP A 67 -7.45 2.84 -8.57
CA ASP A 67 -8.56 3.76 -8.30
C ASP A 67 -8.78 3.81 -6.79
N SER A 68 -8.47 4.94 -6.15
CA SER A 68 -8.58 5.22 -4.71
C SER A 68 -9.94 4.93 -4.09
N VAL A 69 -11.00 4.91 -4.88
CA VAL A 69 -12.36 4.71 -4.42
C VAL A 69 -12.73 3.27 -4.10
N SER A 70 -12.26 2.33 -4.92
CA SER A 70 -12.58 0.91 -4.79
C SER A 70 -11.35 0.03 -4.62
N GLY A 71 -10.21 0.51 -5.12
CA GLY A 71 -8.94 -0.19 -5.08
C GLY A 71 -8.59 -0.83 -6.43
N LYS A 72 -9.46 -0.72 -7.45
CA LYS A 72 -9.31 -1.27 -8.80
C LYS A 72 -7.96 -0.88 -9.38
N SER A 73 -7.07 -1.85 -9.58
CA SER A 73 -5.75 -1.60 -10.13
C SER A 73 -5.84 -1.30 -11.61
N ILE A 74 -4.83 -0.62 -12.12
CA ILE A 74 -4.68 -0.23 -13.51
C ILE A 74 -3.35 -0.89 -13.93
N PRO A 75 -3.28 -1.50 -15.12
CA PRO A 75 -2.07 -2.14 -15.60
C PRO A 75 -1.10 -1.10 -16.10
N ARG A 76 0.17 -1.48 -16.24
CA ARG A 76 1.22 -0.58 -16.69
C ARG A 76 0.92 0.01 -18.06
N SER A 77 0.23 -0.73 -18.92
CA SER A 77 -0.14 -0.30 -20.26
C SER A 77 -1.17 0.83 -20.28
N GLU A 78 -1.69 1.26 -19.12
CA GLU A 78 -2.68 2.31 -18.99
C GLU A 78 -2.12 3.47 -18.14
N TRP A 79 -0.88 3.38 -17.63
CA TRP A 79 -0.31 4.44 -16.81
C TRP A 79 -0.17 5.75 -17.58
N GLY A 80 0.09 5.68 -18.88
CA GLY A 80 0.24 6.83 -19.76
C GLY A 80 -0.16 6.52 -21.19
N ARG A 81 -0.91 5.44 -21.42
CA ARG A 81 -1.36 5.02 -22.75
C ARG A 81 -2.85 4.71 -22.70
N ILE A 82 -3.62 5.77 -22.50
CA ILE A 82 -5.07 5.75 -22.44
C ILE A 82 -5.53 6.57 -23.64
N ASP A 83 -4.96 7.76 -23.79
CA ASP A 83 -5.23 8.72 -24.84
C ASP A 83 -3.92 9.42 -25.19
N LYS A 84 -3.79 9.92 -26.41
CA LYS A 84 -2.59 10.60 -26.91
C LYS A 84 -2.89 12.06 -27.19
N ASP A 85 -4.09 12.31 -27.67
CA ASP A 85 -4.69 13.56 -28.06
C ASP A 85 -4.84 14.51 -26.87
N GLY A 86 -4.94 14.00 -25.64
CA GLY A 86 -5.08 14.74 -24.40
C GLY A 86 -4.28 14.07 -23.28
N SER A 87 -4.21 14.71 -22.10
CA SER A 87 -3.47 14.19 -20.95
C SER A 87 -4.07 12.88 -20.42
N ASN A 88 -3.28 12.16 -19.63
CA ASN A 88 -3.58 10.89 -18.97
C ASN A 88 -3.22 10.99 -17.49
N SER A 89 -3.13 12.21 -16.95
CA SER A 89 -2.77 12.51 -15.58
C SER A 89 -3.80 12.05 -14.56
N LYS A 90 -3.75 12.61 -13.34
CA LYS A 90 -4.66 12.29 -12.25
C LYS A 90 -6.07 12.69 -12.65
N GLN A 91 -6.84 11.70 -13.09
CA GLN A 91 -8.23 11.79 -13.52
C GLN A 91 -9.06 11.10 -12.46
N SER A 92 -8.57 9.95 -12.00
CA SER A 92 -9.22 9.16 -10.95
C SER A 92 -8.40 7.99 -10.42
N ARG A 93 -7.07 8.13 -10.42
CA ARG A 93 -6.14 7.10 -9.95
C ARG A 93 -5.33 7.59 -8.77
N THR A 94 -4.53 6.69 -8.22
CA THR A 94 -3.63 6.77 -7.10
C THR A 94 -2.34 6.13 -7.54
N GLU A 95 -1.20 6.61 -7.06
CA GLU A 95 0.11 6.08 -7.37
C GLU A 95 0.73 5.89 -5.99
N TRP A 96 0.81 4.64 -5.56
CA TRP A 96 1.38 4.28 -4.27
C TRP A 96 2.68 3.52 -4.50
N ASP A 97 3.77 4.14 -4.04
CA ASP A 97 5.13 3.61 -4.13
C ASP A 97 5.33 2.66 -2.95
N TYR A 98 5.81 1.44 -3.21
CA TYR A 98 6.06 0.45 -2.19
C TYR A 98 7.34 0.83 -1.42
N GLY A 99 7.12 1.41 -0.25
CA GLY A 99 8.01 1.91 0.78
C GLY A 99 8.32 0.80 1.79
N GLU A 100 9.40 0.92 2.56
CA GLU A 100 9.81 -0.11 3.51
C GLU A 100 8.78 -0.19 4.63
N ILE A 101 8.83 -1.31 5.34
CA ILE A 101 7.94 -1.72 6.41
C ILE A 101 8.62 -1.67 7.76
N HIS A 102 7.92 -1.05 8.71
CA HIS A 102 8.35 -0.88 10.09
C HIS A 102 7.23 -1.36 11.01
N SER A 103 7.65 -1.85 12.17
CA SER A 103 6.77 -2.33 13.20
C SER A 103 6.19 -1.13 13.98
N ILE A 104 5.23 -1.38 14.86
CA ILE A 104 4.58 -0.38 15.70
C ILE A 104 4.65 -0.87 17.14
N ARG A 105 4.93 0.04 18.07
CA ARG A 105 5.01 -0.27 19.49
C ARG A 105 3.63 -0.61 20.00
N GLY A 106 3.49 -1.81 20.57
CA GLY A 106 2.25 -2.31 21.13
C GLY A 106 1.32 -2.92 20.08
N LYS A 107 1.78 -3.19 18.85
CA LYS A 107 0.97 -3.78 17.80
C LYS A 107 1.79 -4.80 17.03
N SER A 108 1.29 -6.02 16.96
CA SER A 108 1.96 -7.08 16.23
C SER A 108 1.63 -6.91 14.74
N LEU A 109 2.52 -7.33 13.85
CA LEU A 109 2.33 -7.24 12.39
C LEU A 109 1.07 -7.97 11.97
N THR A 110 0.62 -8.94 12.79
CA THR A 110 -0.55 -9.77 12.60
C THR A 110 -1.87 -9.06 12.90
N GLU A 111 -1.83 -7.85 13.46
CA GLU A 111 -2.99 -7.04 13.79
C GLU A 111 -2.89 -5.68 13.12
N ALA A 112 -1.75 -4.99 13.20
CA ALA A 112 -1.56 -3.69 12.59
C ALA A 112 -0.08 -3.41 12.48
N PHE A 113 0.32 -2.67 11.45
CA PHE A 113 1.71 -2.32 11.21
C PHE A 113 1.73 -1.04 10.39
N ALA A 114 2.94 -0.55 10.16
CA ALA A 114 3.16 0.67 9.40
C ALA A 114 3.75 0.31 8.06
N VAL A 115 3.38 1.06 7.03
CA VAL A 115 3.79 0.92 5.65
C VAL A 115 4.14 2.31 5.10
N GLU A 116 5.34 2.49 4.58
CA GLU A 116 5.76 3.76 3.98
C GLU A 116 5.04 3.88 2.63
N ILE A 117 4.05 4.77 2.56
CA ILE A 117 3.27 5.02 1.34
C ILE A 117 3.38 6.50 0.96
N ASN A 118 3.78 6.83 -0.27
CA ASN A 118 3.92 8.23 -0.70
C ASN A 118 4.84 8.98 0.28
N ASP A 119 5.96 8.35 0.66
CA ASP A 119 7.00 8.86 1.57
C ASP A 119 6.52 9.07 3.01
N ASP A 120 5.25 8.77 3.31
CA ASP A 120 4.68 8.94 4.64
C ASP A 120 4.17 7.61 5.15
N PHE A 121 4.58 7.22 6.35
CA PHE A 121 4.14 5.97 6.93
C PHE A 121 2.66 6.01 7.23
N LYS A 122 2.01 4.91 6.90
CA LYS A 122 0.56 4.75 7.08
C LYS A 122 0.26 3.47 7.82
N LEU A 123 -0.79 3.52 8.64
CA LEU A 123 -1.25 2.38 9.41
C LEU A 123 -2.09 1.45 8.54
N ALA A 124 -1.81 0.15 8.61
CA ALA A 124 -2.54 -0.87 7.88
C ALA A 124 -3.10 -1.84 8.90
N THR A 125 -4.35 -2.26 8.68
CA THR A 125 -5.01 -3.18 9.60
C THR A 125 -5.44 -4.46 8.92
N LYS A 126 -5.45 -5.55 9.70
CA LYS A 126 -5.91 -6.84 9.22
C LYS A 126 -7.38 -6.69 8.82
N VAL A 127 -7.79 -7.36 7.75
CA VAL A 127 -9.14 -7.41 7.24
C VAL A 127 -9.42 -8.91 7.05
N GLY A 128 -10.67 -9.35 7.14
CA GLY A 128 -10.98 -10.76 6.95
C GLY A 128 -10.80 -11.20 5.49
N ASN A 129 -10.92 -10.27 4.55
CA ASN A 129 -10.79 -10.44 3.11
C ASN A 129 -10.43 -9.09 2.56
N ASP A 22 4.21 -15.56 6.82
CA ASP A 22 5.62 -15.86 6.54
C ASP A 22 6.37 -14.66 6.02
N ASN A 23 5.84 -14.02 5.00
CA ASN A 23 6.44 -12.87 4.37
C ASN A 23 5.33 -11.97 3.82
N PHE A 24 5.62 -10.70 3.86
CA PHE A 24 4.83 -9.58 3.42
C PHE A 24 4.83 -9.62 1.90
N VAL A 25 3.64 -9.58 1.30
CA VAL A 25 3.44 -9.62 -0.13
C VAL A 25 2.35 -8.62 -0.48
N ILE A 26 2.63 -7.70 -1.40
CA ILE A 26 1.61 -6.75 -1.80
C ILE A 26 0.59 -7.59 -2.55
N ASP A 27 -0.70 -7.42 -2.26
CA ASP A 27 -1.70 -8.23 -2.92
C ASP A 27 -1.82 -7.97 -4.41
N LYS A 28 -1.76 -9.04 -5.19
CA LYS A 28 -1.88 -8.99 -6.65
C LYS A 28 -3.27 -8.51 -7.06
N ASN A 29 -4.27 -8.66 -6.18
CA ASN A 29 -5.64 -8.25 -6.41
C ASN A 29 -5.79 -6.77 -6.18
N ASP A 30 -5.24 -6.30 -5.05
CA ASP A 30 -5.30 -4.92 -4.61
C ASP A 30 -3.96 -4.55 -3.99
N SER A 31 -3.14 -3.76 -4.67
CA SER A 31 -1.81 -3.32 -4.24
C SER A 31 -1.88 -2.48 -2.97
N ARG A 32 -3.08 -2.04 -2.59
CA ARG A 32 -3.31 -1.26 -1.37
C ARG A 32 -3.48 -2.22 -0.18
N LYS A 33 -3.36 -3.53 -0.41
CA LYS A 33 -3.46 -4.57 0.61
C LYS A 33 -2.11 -5.24 0.78
N ILE A 34 -1.92 -5.94 1.89
CA ILE A 34 -0.71 -6.67 2.25
C ILE A 34 -1.18 -8.03 2.72
N ASP A 35 -0.60 -9.08 2.14
CA ASP A 35 -0.85 -10.48 2.41
C ASP A 35 0.36 -10.98 3.19
N TYR A 36 0.13 -11.28 4.46
CA TYR A 36 1.13 -11.79 5.37
C TYR A 36 0.46 -12.76 6.35
N MET A 37 1.02 -13.97 6.49
CA MET A 37 0.55 -15.04 7.36
C MET A 37 -0.86 -15.51 7.00
N GLY A 38 -1.17 -15.60 5.70
CA GLY A 38 -2.48 -16.03 5.27
C GLY A 38 -3.57 -15.05 5.71
N ASN A 39 -3.19 -13.80 5.99
CA ASN A 39 -4.12 -12.76 6.40
C ASN A 39 -4.12 -11.70 5.30
N ILE A 40 -5.00 -10.72 5.42
CA ILE A 40 -5.14 -9.63 4.48
C ILE A 40 -5.20 -8.37 5.34
N TYR A 41 -4.44 -7.35 4.99
CA TYR A 41 -4.42 -6.06 5.68
C TYR A 41 -4.72 -5.01 4.60
N SER A 42 -5.23 -3.85 5.00
CA SER A 42 -5.60 -2.73 4.12
C SER A 42 -5.00 -1.45 4.67
N ILE A 43 -4.69 -0.48 3.81
CA ILE A 43 -4.11 0.79 4.18
C ILE A 43 -5.04 1.90 3.73
N SER A 44 -5.40 2.79 4.67
CA SER A 44 -6.21 3.96 4.35
C SER A 44 -5.20 5.11 4.33
N ASP A 45 -5.17 5.97 5.36
CA ASP A 45 -4.22 7.06 5.45
C ASP A 45 -4.26 7.51 6.90
N THR A 46 -3.25 7.09 7.64
CA THR A 46 -3.02 7.38 9.04
C THR A 46 -1.54 7.72 9.18
N THR A 47 -1.15 8.94 9.51
CA THR A 47 0.25 9.30 9.70
C THR A 47 0.81 8.57 10.94
N VAL A 48 1.78 7.66 10.80
CA VAL A 48 2.40 6.94 11.91
C VAL A 48 3.66 7.69 12.33
N SER A 49 3.68 8.22 13.56
CA SER A 49 4.82 8.93 14.10
C SER A 49 5.83 7.92 14.65
N ASP A 50 7.10 8.32 14.78
CA ASP A 50 8.19 7.48 15.28
C ASP A 50 7.95 7.06 16.73
N GLU A 51 7.20 7.86 17.51
CA GLU A 51 6.93 7.54 18.90
C GLU A 51 6.03 6.30 19.00
N GLU A 52 5.28 6.02 17.93
CA GLU A 52 4.39 4.86 17.85
C GLU A 52 5.05 3.74 17.06
N LEU A 53 6.04 4.09 16.23
CA LEU A 53 6.81 3.16 15.41
C LEU A 53 7.69 2.32 16.35
N GLY A 54 7.95 1.09 15.95
CA GLY A 54 8.79 0.15 16.67
C GLY A 54 10.17 0.15 16.03
N GLU A 55 10.50 -0.90 15.29
CA GLU A 55 11.77 -1.05 14.60
C GLU A 55 11.54 -1.57 13.17
N TYR A 56 12.59 -1.58 12.36
CA TYR A 56 12.59 -2.06 10.98
C TYR A 56 12.11 -3.51 10.95
N GLN A 57 11.28 -3.87 9.99
CA GLN A 57 10.75 -5.22 9.86
C GLN A 57 10.96 -5.85 8.50
N ASP A 58 10.55 -5.18 7.42
CA ASP A 58 10.67 -5.72 6.07
C ASP A 58 11.10 -4.62 5.09
N VAL A 59 11.71 -4.98 3.96
CA VAL A 59 12.18 -4.01 2.96
C VAL A 59 11.52 -4.23 1.60
N LEU A 60 11.05 -3.13 1.00
CA LEU A 60 10.38 -3.07 -0.30
C LEU A 60 11.22 -2.32 -1.34
N ALA A 61 10.88 -2.46 -2.63
CA ALA A 61 11.59 -1.85 -3.75
C ALA A 61 10.78 -1.94 -5.08
N GLU A 62 9.47 -1.73 -5.08
CA GLU A 62 8.64 -1.77 -6.29
C GLU A 62 7.60 -0.64 -6.23
N VAL A 63 6.81 -0.46 -7.29
CA VAL A 63 5.79 0.59 -7.37
C VAL A 63 4.59 0.00 -8.11
N ARG A 64 3.37 0.44 -7.82
CA ARG A 64 2.18 -0.02 -8.54
C ARG A 64 1.29 1.20 -8.72
N VAL A 65 0.32 1.07 -9.59
CA VAL A 65 -0.64 2.11 -9.90
C VAL A 65 -2.01 1.42 -9.89
N PHE A 66 -3.01 1.94 -9.17
CA PHE A 66 -4.34 1.35 -9.11
C PHE A 66 -5.42 2.43 -9.10
N ASP A 67 -6.63 2.05 -9.50
CA ASP A 67 -7.78 2.94 -9.56
C ASP A 67 -8.11 3.45 -8.16
N SER A 68 -8.10 4.76 -7.96
CA SER A 68 -8.35 5.39 -6.68
C SER A 68 -9.78 5.20 -6.13
N VAL A 69 -10.72 4.75 -6.97
CA VAL A 69 -12.11 4.55 -6.58
C VAL A 69 -12.40 3.18 -5.97
N SER A 70 -11.79 2.11 -6.51
CA SER A 70 -12.02 0.75 -6.06
C SER A 70 -10.75 0.05 -5.62
N GLY A 71 -9.60 0.44 -6.16
CA GLY A 71 -8.30 -0.14 -5.85
C GLY A 71 -7.83 -1.14 -6.90
N LYS A 72 -8.56 -1.27 -8.01
CA LYS A 72 -8.28 -2.17 -9.12
C LYS A 72 -6.87 -1.87 -9.64
N SER A 73 -5.93 -2.80 -9.51
CA SER A 73 -4.55 -2.59 -9.97
C SER A 73 -4.56 -2.35 -11.48
N ILE A 74 -3.86 -1.33 -11.97
CA ILE A 74 -3.77 -1.01 -13.38
C ILE A 74 -2.54 -1.72 -13.97
N PRO A 75 -2.62 -2.19 -15.22
CA PRO A 75 -1.50 -2.87 -15.87
C PRO A 75 -0.42 -1.86 -16.26
N ARG A 76 0.82 -2.33 -16.34
CA ARG A 76 1.96 -1.48 -16.70
C ARG A 76 1.75 -0.80 -18.05
N SER A 77 1.12 -1.49 -19.00
CA SER A 77 0.86 -0.93 -20.32
C SER A 77 -0.07 0.30 -20.30
N GLU A 78 -0.59 0.71 -19.14
CA GLU A 78 -1.48 1.87 -19.01
C GLU A 78 -0.88 2.96 -18.11
N TRP A 79 0.32 2.73 -17.55
CA TRP A 79 1.03 3.66 -16.68
C TRP A 79 1.52 4.94 -17.39
N GLY A 80 1.32 5.04 -18.69
CA GLY A 80 1.75 6.18 -19.47
C GLY A 80 1.53 5.92 -20.95
N ARG A 81 0.32 5.49 -21.31
CA ARG A 81 -0.04 5.18 -22.69
C ARG A 81 -1.48 5.64 -22.93
N ILE A 82 -1.76 6.90 -22.61
CA ILE A 82 -3.08 7.49 -22.78
C ILE A 82 -2.87 8.86 -23.42
N ASP A 83 -2.12 9.75 -22.75
CA ASP A 83 -1.80 11.12 -23.19
C ASP A 83 -3.09 11.83 -23.59
N LYS A 84 -4.11 11.79 -22.72
CA LYS A 84 -5.40 12.35 -22.97
C LYS A 84 -5.46 13.87 -22.91
N ASP A 85 -6.07 14.40 -23.96
CA ASP A 85 -6.36 15.80 -24.23
C ASP A 85 -7.12 16.39 -23.05
N GLY A 86 -8.19 15.74 -22.60
CA GLY A 86 -9.02 16.15 -21.48
C GLY A 86 -8.39 15.78 -20.13
N SER A 87 -7.18 16.31 -19.87
CA SER A 87 -6.31 16.19 -18.70
C SER A 87 -6.44 14.89 -17.88
N ASN A 88 -6.62 13.74 -18.53
CA ASN A 88 -6.79 12.43 -17.87
C ASN A 88 -7.92 12.47 -16.84
N SER A 89 -8.81 13.45 -16.91
CA SER A 89 -9.93 13.68 -16.03
C SER A 89 -10.70 12.41 -15.75
N LYS A 90 -10.98 11.60 -16.78
CA LYS A 90 -11.72 10.35 -16.66
C LYS A 90 -10.84 9.10 -16.63
N GLN A 91 -9.52 9.25 -16.73
CA GLN A 91 -8.59 8.13 -16.72
C GLN A 91 -7.31 8.49 -15.99
N SER A 92 -7.35 8.44 -14.65
CA SER A 92 -6.26 8.73 -13.74
C SER A 92 -6.36 7.70 -12.61
N ARG A 93 -5.23 7.44 -11.97
CA ARG A 93 -5.11 6.48 -10.87
C ARG A 93 -4.08 6.98 -9.86
N THR A 94 -4.03 6.27 -8.74
CA THR A 94 -3.14 6.48 -7.62
C THR A 94 -1.93 5.62 -7.87
N GLU A 95 -0.77 6.19 -7.61
CA GLU A 95 0.54 5.59 -7.75
C GLU A 95 1.19 5.58 -6.36
N TRP A 96 1.32 4.39 -5.80
CA TRP A 96 1.90 4.10 -4.49
C TRP A 96 3.18 3.27 -4.63
N ASP A 97 4.28 3.84 -4.16
CA ASP A 97 5.64 3.30 -4.12
C ASP A 97 5.85 2.45 -2.87
N TYR A 98 6.45 1.28 -3.02
CA TYR A 98 6.74 0.34 -1.94
C TYR A 98 8.02 0.76 -1.20
N GLY A 99 7.77 1.35 -0.04
CA GLY A 99 8.64 1.87 1.00
C GLY A 99 8.80 0.78 2.07
N GLU A 100 9.86 0.84 2.88
CA GLU A 100 10.11 -0.20 3.88
C GLU A 100 9.05 -0.18 4.98
N ILE A 101 8.95 -1.32 5.66
CA ILE A 101 7.98 -1.60 6.69
C ILE A 101 8.68 -1.72 8.04
N HIS A 102 7.99 -1.19 9.05
CA HIS A 102 8.47 -1.14 10.42
C HIS A 102 7.35 -1.57 11.36
N SER A 103 7.72 -2.21 12.46
CA SER A 103 6.76 -2.66 13.45
C SER A 103 6.19 -1.44 14.17
N ILE A 104 5.20 -1.66 15.02
CA ILE A 104 4.52 -0.64 15.81
C ILE A 104 4.51 -1.09 17.27
N ARG A 105 4.70 -0.12 18.16
CA ARG A 105 4.69 -0.33 19.59
C ARG A 105 3.26 -0.64 20.01
N GLY A 106 3.01 -1.75 20.68
CA GLY A 106 1.68 -2.11 21.13
C GLY A 106 0.78 -2.72 20.05
N LYS A 107 1.33 -3.20 18.93
CA LYS A 107 0.52 -3.80 17.87
C LYS A 107 1.27 -4.90 17.15
N SER A 108 0.63 -6.04 16.92
CA SER A 108 1.21 -7.15 16.18
C SER A 108 0.95 -6.84 14.70
N LEU A 109 1.81 -7.31 13.80
CA LEU A 109 1.65 -7.09 12.36
C LEU A 109 0.28 -7.60 11.90
N THR A 110 -0.23 -8.64 12.57
CA THR A 110 -1.50 -9.30 12.29
C THR A 110 -2.74 -8.49 12.69
N GLU A 111 -2.56 -7.33 13.33
CA GLU A 111 -3.62 -6.41 13.76
C GLU A 111 -3.37 -5.02 13.18
N ALA A 112 -2.10 -4.55 13.16
CA ALA A 112 -1.76 -3.24 12.63
C ALA A 112 -0.24 -3.11 12.52
N PHE A 113 0.23 -2.43 11.50
CA PHE A 113 1.65 -2.20 11.25
C PHE A 113 1.83 -0.91 10.47
N ALA A 114 3.07 -0.51 10.25
CA ALA A 114 3.44 0.71 9.52
C ALA A 114 4.12 0.37 8.20
N VAL A 115 3.73 1.05 7.11
CA VAL A 115 4.28 0.84 5.78
C VAL A 115 4.59 2.19 5.16
N GLU A 116 5.83 2.39 4.75
CA GLU A 116 6.26 3.64 4.12
C GLU A 116 5.60 3.73 2.74
N ILE A 117 4.56 4.56 2.58
CA ILE A 117 3.86 4.75 1.30
C ILE A 117 3.94 6.22 0.93
N ASN A 118 4.28 6.54 -0.33
CA ASN A 118 4.42 7.93 -0.77
C ASN A 118 5.42 8.62 0.19
N ASP A 119 6.47 7.88 0.56
CA ASP A 119 7.58 8.26 1.46
C ASP A 119 7.13 8.52 2.91
N ASP A 120 5.86 8.32 3.23
CA ASP A 120 5.27 8.57 4.55
C ASP A 120 4.70 7.29 5.17
N PHE A 121 5.12 6.93 6.38
CA PHE A 121 4.67 5.73 7.07
C PHE A 121 3.18 5.78 7.40
N LYS A 122 2.40 4.91 6.77
CA LYS A 122 0.96 4.82 6.97
C LYS A 122 0.61 3.59 7.79
N LEU A 123 -0.45 3.72 8.59
CA LEU A 123 -0.99 2.68 9.46
C LEU A 123 -1.97 1.84 8.66
N ALA A 124 -1.73 0.54 8.61
CA ALA A 124 -2.59 -0.41 7.92
C ALA A 124 -3.32 -1.20 8.98
N THR A 125 -4.56 -1.53 8.68
CA THR A 125 -5.40 -2.31 9.57
C THR A 125 -5.81 -3.63 8.91
N LYS A 126 -5.96 -4.67 9.72
CA LYS A 126 -6.39 -5.97 9.21
C LYS A 126 -7.79 -5.86 8.58
N VAL A 127 -8.01 -6.59 7.49
CA VAL A 127 -9.29 -6.67 6.79
C VAL A 127 -9.53 -8.16 6.45
N GLY A 128 -10.74 -8.54 6.03
CA GLY A 128 -11.06 -9.92 5.69
C GLY A 128 -12.55 -10.22 5.78
N ASN A 129 -13.29 -9.37 6.50
CA ASN A 129 -14.74 -9.48 6.66
C ASN A 129 -15.42 -9.29 5.32
N ASP A 22 5.35 -15.70 6.40
CA ASP A 22 6.79 -15.71 6.16
C ASP A 22 7.29 -14.72 5.09
N ASN A 23 6.41 -14.05 4.33
CA ASN A 23 6.80 -13.09 3.30
C ASN A 23 5.65 -12.13 3.02
N PHE A 24 5.89 -10.82 3.05
CA PHE A 24 4.87 -9.82 2.76
C PHE A 24 4.68 -9.85 1.24
N VAL A 25 3.44 -9.76 0.78
CA VAL A 25 3.11 -9.79 -0.64
C VAL A 25 2.01 -8.77 -0.90
N ILE A 26 2.15 -7.92 -1.92
CA ILE A 26 1.10 -6.98 -2.23
C ILE A 26 0.05 -7.81 -2.99
N ASP A 27 -1.22 -7.75 -2.56
CA ASP A 27 -2.30 -8.51 -3.21
C ASP A 27 -2.42 -8.05 -4.66
N LYS A 28 -2.27 -9.00 -5.58
CA LYS A 28 -2.40 -8.72 -7.01
C LYS A 28 -3.81 -8.21 -7.33
N ASN A 29 -4.81 -8.53 -6.50
CA ASN A 29 -6.19 -8.13 -6.68
C ASN A 29 -6.42 -6.75 -6.10
N ASP A 30 -5.61 -6.28 -5.16
CA ASP A 30 -5.73 -4.97 -4.55
C ASP A 30 -4.36 -4.52 -4.09
N SER A 31 -3.72 -3.63 -4.84
CA SER A 31 -2.40 -3.11 -4.54
C SER A 31 -2.32 -2.45 -3.16
N ARG A 32 -3.45 -1.97 -2.64
CA ARG A 32 -3.54 -1.31 -1.34
C ARG A 32 -3.61 -2.34 -0.21
N LYS A 33 -3.67 -3.62 -0.53
CA LYS A 33 -3.73 -4.68 0.45
C LYS A 33 -2.42 -5.44 0.49
N ILE A 34 -2.12 -6.00 1.67
CA ILE A 34 -0.93 -6.79 1.92
C ILE A 34 -1.40 -8.15 2.35
N ASP A 35 -0.70 -9.19 1.91
CA ASP A 35 -0.91 -10.59 2.17
C ASP A 35 0.32 -11.07 2.92
N TYR A 36 0.23 -11.27 4.24
CA TYR A 36 1.39 -11.79 4.99
C TYR A 36 0.92 -13.00 5.76
N MET A 37 1.64 -14.12 5.76
CA MET A 37 1.27 -15.36 6.45
C MET A 37 -0.12 -15.89 6.03
N GLY A 38 -0.70 -15.39 4.93
CA GLY A 38 -2.01 -15.75 4.45
C GLY A 38 -3.08 -14.81 5.02
N ASN A 39 -2.69 -13.74 5.75
CA ASN A 39 -3.59 -12.74 6.29
C ASN A 39 -3.61 -11.57 5.36
N ILE A 40 -4.71 -10.82 5.37
CA ILE A 40 -4.86 -9.68 4.49
C ILE A 40 -5.00 -8.41 5.32
N TYR A 41 -4.38 -7.31 4.88
CA TYR A 41 -4.47 -5.99 5.50
C TYR A 41 -4.96 -4.96 4.51
N SER A 42 -5.30 -3.78 5.01
CA SER A 42 -5.77 -2.63 4.25
C SER A 42 -5.25 -1.36 4.87
N ILE A 43 -4.76 -0.46 4.03
CA ILE A 43 -4.25 0.84 4.45
C ILE A 43 -5.38 1.83 4.22
N SER A 44 -5.86 2.49 5.28
CA SER A 44 -6.88 3.51 5.15
C SER A 44 -6.00 4.76 5.07
N ASP A 45 -5.90 5.58 6.13
CA ASP A 45 -5.00 6.72 6.16
C ASP A 45 -4.94 7.19 7.60
N THR A 46 -3.89 6.77 8.28
CA THR A 46 -3.51 7.09 9.64
C THR A 46 -2.01 7.37 9.56
N THR A 47 -1.56 8.54 9.94
CA THR A 47 -0.14 8.92 9.93
C THR A 47 0.50 8.22 11.16
N VAL A 48 1.60 7.49 11.00
CA VAL A 48 2.29 6.79 12.09
C VAL A 48 3.54 7.58 12.49
N SER A 49 3.55 8.17 13.68
CA SER A 49 4.69 8.92 14.18
C SER A 49 5.73 7.98 14.79
N ASP A 50 6.96 8.46 14.97
CA ASP A 50 8.10 7.74 15.53
C ASP A 50 7.84 7.24 16.95
N GLU A 51 6.95 7.92 17.69
CA GLU A 51 6.63 7.51 19.05
C GLU A 51 5.80 6.22 19.03
N GLU A 52 5.14 5.93 17.91
CA GLU A 52 4.32 4.73 17.73
C GLU A 52 5.09 3.72 16.89
N LEU A 53 6.00 4.16 16.03
CA LEU A 53 6.81 3.30 15.19
C LEU A 53 7.71 2.46 16.09
N GLY A 54 8.10 1.28 15.64
CA GLY A 54 8.96 0.35 16.36
C GLY A 54 10.31 0.26 15.65
N GLU A 55 10.53 -0.82 14.90
CA GLU A 55 11.75 -1.09 14.17
C GLU A 55 11.44 -1.57 12.75
N TYR A 56 12.47 -1.61 11.90
CA TYR A 56 12.38 -2.06 10.51
C TYR A 56 11.90 -3.51 10.50
N GLN A 57 11.04 -3.88 9.57
CA GLN A 57 10.51 -5.23 9.45
C GLN A 57 10.75 -5.85 8.07
N ASP A 58 10.48 -5.14 6.97
CA ASP A 58 10.69 -5.71 5.64
C ASP A 58 10.94 -4.63 4.60
N VAL A 59 11.57 -4.97 3.47
CA VAL A 59 11.88 -3.99 2.43
C VAL A 59 11.15 -4.34 1.13
N LEU A 60 10.58 -3.29 0.54
CA LEU A 60 9.81 -3.25 -0.69
C LEU A 60 10.59 -2.49 -1.78
N ALA A 61 10.17 -2.60 -3.05
CA ALA A 61 10.79 -1.94 -4.20
C ALA A 61 9.95 -2.01 -5.48
N GLU A 62 8.67 -1.63 -5.45
CA GLU A 62 7.80 -1.62 -6.63
C GLU A 62 6.89 -0.39 -6.52
N VAL A 63 6.06 -0.15 -7.55
CA VAL A 63 5.13 0.97 -7.60
C VAL A 63 3.89 0.45 -8.33
N ARG A 64 2.70 0.88 -7.91
CA ARG A 64 1.45 0.48 -8.54
C ARG A 64 0.55 1.70 -8.62
N VAL A 65 -0.45 1.61 -9.50
CA VAL A 65 -1.41 2.66 -9.73
C VAL A 65 -2.79 2.04 -9.65
N PHE A 66 -3.68 2.54 -8.78
CA PHE A 66 -5.05 2.01 -8.67
C PHE A 66 -6.05 3.16 -8.49
N ASP A 67 -7.34 2.84 -8.60
CA ASP A 67 -8.43 3.79 -8.46
C ASP A 67 -8.69 4.00 -6.98
N SER A 68 -8.50 5.21 -6.49
CA SER A 68 -8.65 5.55 -5.07
C SER A 68 -10.05 5.39 -4.49
N VAL A 69 -11.10 5.26 -5.31
CA VAL A 69 -12.45 5.14 -4.79
C VAL A 69 -12.83 3.71 -4.38
N SER A 70 -12.43 2.72 -5.18
CA SER A 70 -12.73 1.32 -4.99
C SER A 70 -11.49 0.44 -4.88
N GLY A 71 -10.36 0.81 -5.47
CA GLY A 71 -9.09 0.09 -5.42
C GLY A 71 -8.66 -0.69 -6.66
N LYS A 72 -9.39 -0.55 -7.78
CA LYS A 72 -9.12 -1.23 -9.05
C LYS A 72 -7.74 -0.85 -9.58
N SER A 73 -6.80 -1.79 -9.63
CA SER A 73 -5.45 -1.58 -10.11
C SER A 73 -5.46 -1.38 -11.61
N ILE A 74 -4.49 -0.60 -12.08
CA ILE A 74 -4.30 -0.24 -13.45
C ILE A 74 -2.93 -0.80 -13.89
N PRO A 75 -2.84 -1.35 -15.11
CA PRO A 75 -1.60 -1.90 -15.62
C PRO A 75 -0.71 -0.77 -16.15
N ARG A 76 0.61 -0.97 -16.15
CA ARG A 76 1.60 0.00 -16.62
C ARG A 76 1.26 0.51 -18.02
N SER A 77 0.66 -0.35 -18.85
CA SER A 77 0.25 -0.04 -20.21
C SER A 77 -0.87 1.00 -20.27
N GLU A 78 -1.41 1.48 -19.14
CA GLU A 78 -2.51 2.46 -19.04
C GLU A 78 -2.19 3.61 -18.10
N TRP A 79 -0.96 3.68 -17.60
CA TRP A 79 -0.49 4.73 -16.68
C TRP A 79 -0.52 6.14 -17.33
N GLY A 80 -1.01 6.27 -18.56
CA GLY A 80 -1.13 7.54 -19.28
C GLY A 80 -0.27 7.62 -20.52
N ARG A 81 0.20 6.51 -21.09
CA ARG A 81 1.04 6.55 -22.29
C ARG A 81 0.26 6.51 -23.60
N ILE A 82 -1.02 6.81 -23.48
CA ILE A 82 -2.00 6.85 -24.55
C ILE A 82 -1.63 8.07 -25.40
N ASP A 83 -1.58 9.23 -24.74
CA ASP A 83 -1.22 10.54 -25.29
C ASP A 83 -2.08 10.97 -26.49
N LYS A 84 -3.36 10.62 -26.48
CA LYS A 84 -4.33 10.98 -27.53
C LYS A 84 -5.06 12.24 -27.01
N ASP A 85 -6.17 12.62 -27.64
CA ASP A 85 -6.97 13.78 -27.21
C ASP A 85 -7.52 13.52 -25.81
N GLY A 86 -7.84 12.26 -25.51
CA GLY A 86 -8.36 11.80 -24.23
C GLY A 86 -7.51 12.37 -23.11
N SER A 87 -8.13 13.04 -22.15
CA SER A 87 -7.52 13.67 -20.98
C SER A 87 -7.13 12.60 -19.95
N ASN A 88 -6.28 11.68 -20.39
CA ASN A 88 -5.77 10.56 -19.62
C ASN A 88 -4.90 10.97 -18.45
N SER A 89 -4.52 12.26 -18.31
CA SER A 89 -3.71 12.91 -17.28
C SER A 89 -3.36 11.94 -16.14
N LYS A 90 -4.35 11.58 -15.32
CA LYS A 90 -4.19 10.62 -14.22
C LYS A 90 -5.35 9.64 -14.15
N GLN A 91 -6.38 9.84 -14.97
CA GLN A 91 -7.61 9.09 -15.09
C GLN A 91 -8.36 9.00 -13.75
N SER A 92 -7.92 9.74 -12.74
CA SER A 92 -8.43 9.82 -11.38
C SER A 92 -7.94 8.61 -10.57
N ARG A 93 -6.68 8.22 -10.79
CA ARG A 93 -6.00 7.13 -10.11
C ARG A 93 -5.03 7.74 -9.09
N THR A 94 -4.39 6.85 -8.37
CA THR A 94 -3.42 7.09 -7.32
C THR A 94 -2.21 6.24 -7.66
N GLU A 95 -1.03 6.69 -7.25
CA GLU A 95 0.25 6.05 -7.48
C GLU A 95 0.89 5.86 -6.12
N TRP A 96 0.95 4.61 -5.68
CA TRP A 96 1.53 4.16 -4.43
C TRP A 96 2.81 3.37 -4.68
N ASP A 97 3.91 3.93 -4.20
CA ASP A 97 5.27 3.40 -4.23
C ASP A 97 5.44 2.48 -3.02
N TYR A 98 5.81 1.22 -3.22
CA TYR A 98 6.01 0.27 -2.14
C TYR A 98 7.29 0.63 -1.38
N GLY A 99 7.06 1.25 -0.23
CA GLY A 99 7.96 1.74 0.79
C GLY A 99 8.14 0.61 1.80
N GLU A 100 9.22 0.66 2.58
CA GLU A 100 9.54 -0.39 3.54
C GLU A 100 8.52 -0.41 4.69
N ILE A 101 8.50 -1.56 5.35
CA ILE A 101 7.59 -1.85 6.45
C ILE A 101 8.34 -1.84 7.76
N HIS A 102 7.66 -1.30 8.77
CA HIS A 102 8.14 -1.18 10.14
C HIS A 102 7.08 -1.64 11.12
N SER A 103 7.54 -2.12 12.28
CA SER A 103 6.69 -2.58 13.36
C SER A 103 6.16 -1.36 14.12
N ILE A 104 5.24 -1.58 15.06
CA ILE A 104 4.63 -0.55 15.88
C ILE A 104 4.74 -0.96 17.35
N ARG A 105 5.01 0.01 18.20
CA ARG A 105 5.14 -0.13 19.64
C ARG A 105 3.76 -0.51 20.19
N GLY A 106 3.65 -1.66 20.83
CA GLY A 106 2.41 -2.14 21.42
C GLY A 106 1.43 -2.77 20.44
N LYS A 107 1.75 -2.88 19.15
CA LYS A 107 0.87 -3.47 18.14
C LYS A 107 1.61 -4.56 17.41
N SER A 108 0.99 -5.72 17.26
CA SER A 108 1.61 -6.81 16.55
C SER A 108 1.32 -6.64 15.07
N LEU A 109 2.23 -7.11 14.22
CA LEU A 109 2.11 -7.05 12.78
C LEU A 109 0.83 -7.73 12.32
N THR A 110 0.35 -8.71 13.07
CA THR A 110 -0.84 -9.50 12.81
C THR A 110 -2.17 -8.74 13.00
N GLU A 111 -2.13 -7.55 13.58
CA GLU A 111 -3.28 -6.69 13.85
C GLU A 111 -3.09 -5.36 13.14
N ALA A 112 -1.91 -4.74 13.28
CA ALA A 112 -1.64 -3.46 12.65
C ALA A 112 -0.15 -3.19 12.56
N PHE A 113 0.28 -2.54 11.49
CA PHE A 113 1.67 -2.20 11.28
C PHE A 113 1.79 -0.93 10.47
N ALA A 114 3.02 -0.47 10.28
CA ALA A 114 3.33 0.75 9.55
C ALA A 114 3.99 0.41 8.20
N VAL A 115 3.47 0.97 7.12
CA VAL A 115 3.98 0.78 5.77
C VAL A 115 4.24 2.14 5.17
N GLU A 116 5.45 2.31 4.64
CA GLU A 116 5.84 3.56 4.03
C GLU A 116 5.10 3.63 2.69
N ILE A 117 4.14 4.54 2.59
CA ILE A 117 3.35 4.78 1.38
C ILE A 117 3.55 6.24 0.99
N ASN A 118 3.99 6.53 -0.25
CA ASN A 118 4.22 7.91 -0.69
C ASN A 118 5.14 8.62 0.30
N ASP A 119 6.23 7.93 0.65
CA ASP A 119 7.30 8.34 1.56
C ASP A 119 6.87 8.51 3.02
N ASP A 120 5.58 8.37 3.34
CA ASP A 120 5.08 8.54 4.71
C ASP A 120 4.55 7.22 5.22
N PHE A 121 4.87 6.87 6.46
CA PHE A 121 4.43 5.65 7.11
C PHE A 121 2.95 5.76 7.47
N LYS A 122 2.14 4.92 6.85
CA LYS A 122 0.70 4.85 7.07
C LYS A 122 0.40 3.55 7.80
N LEU A 123 -0.61 3.61 8.66
CA LEU A 123 -1.08 2.47 9.46
C LEU A 123 -1.94 1.59 8.57
N ALA A 124 -1.76 0.27 8.67
CA ALA A 124 -2.54 -0.70 7.92
C ALA A 124 -3.12 -1.68 8.90
N THR A 125 -4.39 -2.05 8.73
CA THR A 125 -5.06 -2.98 9.62
C THR A 125 -5.57 -4.21 8.90
N LYS A 126 -5.61 -5.34 9.61
CA LYS A 126 -6.12 -6.61 9.06
C LYS A 126 -7.54 -6.39 8.49
N VAL A 127 -7.81 -6.89 7.30
CA VAL A 127 -9.09 -6.80 6.60
C VAL A 127 -9.41 -8.17 6.01
N GLY A 128 -10.65 -8.64 6.11
CA GLY A 128 -11.00 -9.94 5.54
C GLY A 128 -10.23 -11.14 6.11
N ASN A 129 -9.59 -10.97 7.27
CA ASN A 129 -8.80 -11.93 8.03
C ASN A 129 -7.58 -12.44 7.29
N ASP A 22 4.52 -14.99 7.53
CA ASP A 22 5.81 -15.58 7.15
C ASP A 22 6.71 -14.58 6.46
N ASN A 23 6.25 -14.00 5.36
CA ASN A 23 6.90 -13.01 4.50
C ASN A 23 5.78 -12.15 3.92
N PHE A 24 5.91 -10.83 3.97
CA PHE A 24 4.91 -9.89 3.44
C PHE A 24 4.88 -10.07 1.93
N VAL A 25 3.73 -9.84 1.32
CA VAL A 25 3.51 -9.94 -0.10
C VAL A 25 2.44 -8.94 -0.44
N ILE A 26 2.68 -8.04 -1.40
CA ILE A 26 1.64 -7.10 -1.77
C ILE A 26 0.61 -7.96 -2.51
N ASP A 27 -0.68 -7.82 -2.21
CA ASP A 27 -1.67 -8.64 -2.92
C ASP A 27 -1.60 -8.27 -4.39
N LYS A 28 -1.26 -9.24 -5.23
CA LYS A 28 -1.17 -9.06 -6.68
C LYS A 28 -2.48 -8.51 -7.26
N ASN A 29 -3.60 -8.73 -6.57
CA ASN A 29 -4.92 -8.30 -6.97
C ASN A 29 -5.27 -6.91 -6.45
N ASP A 30 -4.62 -6.43 -5.38
CA ASP A 30 -4.89 -5.11 -4.82
C ASP A 30 -3.59 -4.56 -4.25
N SER A 31 -2.94 -3.61 -4.94
CA SER A 31 -1.69 -3.04 -4.47
C SER A 31 -1.81 -2.37 -3.09
N ARG A 32 -3.02 -1.97 -2.68
CA ARG A 32 -3.23 -1.33 -1.39
C ARG A 32 -3.31 -2.39 -0.28
N LYS A 33 -3.28 -3.68 -0.62
CA LYS A 33 -3.37 -4.75 0.35
C LYS A 33 -2.04 -5.48 0.49
N ILE A 34 -1.88 -6.16 1.62
CA ILE A 34 -0.72 -6.97 1.97
C ILE A 34 -1.28 -8.31 2.42
N ASP A 35 -0.53 -9.37 2.16
CA ASP A 35 -0.82 -10.75 2.51
C ASP A 35 0.39 -11.20 3.32
N TYR A 36 0.19 -11.29 4.63
CA TYR A 36 1.19 -11.68 5.59
C TYR A 36 0.54 -12.55 6.67
N MET A 37 1.20 -13.67 7.03
CA MET A 37 0.73 -14.62 8.04
C MET A 37 -0.65 -15.19 7.69
N GLY A 38 -0.88 -15.41 6.40
CA GLY A 38 -2.14 -15.95 5.90
C GLY A 38 -3.30 -15.01 6.21
N ASN A 39 -3.00 -13.73 6.44
CA ASN A 39 -3.98 -12.70 6.74
C ASN A 39 -3.85 -11.64 5.68
N ILE A 40 -4.88 -10.82 5.54
CA ILE A 40 -4.93 -9.73 4.59
C ILE A 40 -5.01 -8.46 5.41
N TYR A 41 -4.39 -7.39 4.92
CA TYR A 41 -4.37 -6.07 5.52
C TYR A 41 -4.62 -5.08 4.39
N SER A 42 -5.11 -3.90 4.73
CA SER A 42 -5.39 -2.84 3.78
C SER A 42 -4.93 -1.53 4.42
N ILE A 43 -4.82 -0.49 3.61
CA ILE A 43 -4.36 0.82 4.07
C ILE A 43 -5.47 1.86 3.88
N SER A 44 -5.64 2.67 4.92
CA SER A 44 -6.57 3.80 4.98
C SER A 44 -5.56 4.95 4.78
N ASP A 45 -5.33 5.84 5.75
CA ASP A 45 -4.33 6.90 5.66
C ASP A 45 -4.21 7.45 7.09
N THR A 46 -3.19 7.03 7.81
CA THR A 46 -2.84 7.44 9.16
C THR A 46 -1.34 7.65 9.18
N THR A 47 -0.88 8.84 9.52
CA THR A 47 0.53 9.14 9.61
C THR A 47 1.03 8.40 10.85
N VAL A 48 2.02 7.51 10.72
CA VAL A 48 2.54 6.75 11.87
C VAL A 48 3.74 7.55 12.36
N SER A 49 3.61 8.16 13.54
CA SER A 49 4.67 8.95 14.12
C SER A 49 5.81 8.07 14.60
N ASP A 50 6.98 8.69 14.76
CA ASP A 50 8.19 8.00 15.21
C ASP A 50 7.96 7.40 16.60
N GLU A 51 7.11 8.02 17.41
CA GLU A 51 6.81 7.57 18.76
C GLU A 51 5.93 6.31 18.78
N GLU A 52 5.34 5.95 17.66
CA GLU A 52 4.48 4.77 17.51
C GLU A 52 5.22 3.72 16.68
N LEU A 53 6.19 4.16 15.87
CA LEU A 53 6.99 3.29 15.03
C LEU A 53 7.81 2.36 15.95
N GLY A 54 7.82 1.07 15.63
CA GLY A 54 8.55 0.07 16.40
C GLY A 54 9.98 0.00 15.92
N GLU A 55 10.31 -1.05 15.19
CA GLU A 55 11.61 -1.31 14.61
C GLU A 55 11.41 -1.78 13.17
N TYR A 56 12.49 -1.81 12.41
CA TYR A 56 12.48 -2.27 11.03
C TYR A 56 12.13 -3.75 11.04
N GLN A 57 11.30 -4.18 10.08
CA GLN A 57 10.88 -5.56 9.97
C GLN A 57 11.23 -6.11 8.59
N ASP A 58 10.93 -5.40 7.49
CA ASP A 58 11.23 -5.90 6.16
C ASP A 58 11.43 -4.75 5.17
N VAL A 59 11.97 -5.03 3.97
CA VAL A 59 12.25 -4.04 2.94
C VAL A 59 11.61 -4.43 1.61
N LEU A 60 11.12 -3.42 0.89
CA LEU A 60 10.45 -3.45 -0.41
C LEU A 60 11.29 -2.81 -1.52
N ALA A 61 10.91 -3.03 -2.79
CA ALA A 61 11.60 -2.52 -3.97
C ALA A 61 10.72 -2.53 -5.24
N GLU A 62 9.56 -1.84 -5.25
CA GLU A 62 8.69 -1.80 -6.43
C GLU A 62 7.68 -0.63 -6.35
N VAL A 63 6.87 -0.41 -7.39
CA VAL A 63 5.86 0.66 -7.47
C VAL A 63 4.65 0.12 -8.25
N ARG A 64 3.42 0.59 -7.99
CA ARG A 64 2.21 0.19 -8.71
C ARG A 64 1.29 1.39 -8.87
N VAL A 65 0.31 1.28 -9.77
CA VAL A 65 -0.67 2.33 -10.04
C VAL A 65 -2.05 1.71 -10.02
N PHE A 66 -3.00 2.33 -9.32
CA PHE A 66 -4.37 1.87 -9.24
C PHE A 66 -5.36 3.04 -9.26
N ASP A 67 -6.65 2.74 -9.43
CA ASP A 67 -7.77 3.67 -9.50
C ASP A 67 -8.28 3.91 -8.10
N SER A 68 -7.92 5.05 -7.56
CA SER A 68 -8.19 5.59 -6.21
C SER A 68 -9.65 5.46 -5.76
N VAL A 69 -10.56 5.32 -6.71
CA VAL A 69 -11.98 5.20 -6.48
C VAL A 69 -12.30 3.95 -5.64
N SER A 70 -11.77 2.80 -6.06
CA SER A 70 -11.97 1.51 -5.44
C SER A 70 -10.68 0.81 -5.02
N GLY A 71 -9.57 1.18 -5.67
CA GLY A 71 -8.26 0.61 -5.45
C GLY A 71 -7.89 -0.32 -6.62
N LYS A 72 -8.77 -0.46 -7.62
CA LYS A 72 -8.63 -1.29 -8.82
C LYS A 72 -7.27 -1.07 -9.49
N SER A 73 -6.39 -2.06 -9.51
CA SER A 73 -5.07 -2.00 -10.12
C SER A 73 -5.16 -1.72 -11.61
N ILE A 74 -4.10 -1.13 -12.16
CA ILE A 74 -3.99 -0.79 -13.58
C ILE A 74 -2.71 -1.44 -14.16
N PRO A 75 -2.76 -1.93 -15.42
CA PRO A 75 -1.61 -2.55 -16.07
C PRO A 75 -0.62 -1.47 -16.46
N ARG A 76 0.65 -1.84 -16.64
CA ARG A 76 1.69 -0.87 -17.00
C ARG A 76 1.38 -0.13 -18.29
N SER A 77 0.70 -0.78 -19.25
CA SER A 77 0.32 -0.17 -20.53
C SER A 77 -0.64 1.00 -20.38
N GLU A 78 -1.19 1.28 -19.20
CA GLU A 78 -2.11 2.38 -18.99
C GLU A 78 -1.45 3.46 -18.14
N TRP A 79 -0.26 3.22 -17.58
CA TRP A 79 0.44 4.20 -16.74
C TRP A 79 0.73 5.51 -17.48
N GLY A 80 1.09 5.43 -18.76
CA GLY A 80 1.38 6.57 -19.62
C GLY A 80 0.32 6.72 -20.72
N ARG A 81 -0.71 5.86 -20.72
CA ARG A 81 -1.79 5.85 -21.68
C ARG A 81 -3.11 5.83 -20.91
N ILE A 82 -3.19 6.65 -19.85
CA ILE A 82 -4.41 6.71 -19.06
C ILE A 82 -5.48 7.25 -20.01
N ASP A 83 -5.15 8.33 -20.70
CA ASP A 83 -5.90 9.11 -21.66
C ASP A 83 -5.23 9.15 -23.05
N LYS A 84 -5.91 9.84 -23.97
CA LYS A 84 -5.53 10.08 -25.36
C LYS A 84 -5.55 11.58 -25.71
N ASP A 85 -6.28 12.35 -24.92
CA ASP A 85 -6.49 13.79 -25.03
C ASP A 85 -5.27 14.62 -24.58
N GLY A 86 -4.32 13.99 -23.89
CA GLY A 86 -3.14 14.66 -23.36
C GLY A 86 -3.56 15.43 -22.11
N SER A 87 -4.56 14.95 -21.38
CA SER A 87 -5.12 15.53 -20.17
C SER A 87 -5.93 14.44 -19.49
N ASN A 88 -6.17 14.54 -18.17
CA ASN A 88 -6.92 13.55 -17.40
C ASN A 88 -8.06 14.22 -16.64
N SER A 89 -9.22 14.27 -17.26
CA SER A 89 -10.45 14.86 -16.72
C SER A 89 -11.26 13.75 -16.07
N LYS A 90 -11.80 12.87 -16.92
CA LYS A 90 -12.63 11.73 -16.55
C LYS A 90 -11.90 10.54 -15.91
N GLN A 91 -10.61 10.67 -15.59
CA GLN A 91 -9.80 9.60 -15.00
C GLN A 91 -8.80 10.21 -14.03
N SER A 92 -8.40 9.47 -13.00
CA SER A 92 -7.44 9.91 -11.99
C SER A 92 -6.93 8.65 -11.28
N ARG A 93 -5.62 8.42 -11.22
CA ARG A 93 -5.00 7.24 -10.57
C ARG A 93 -4.10 7.67 -9.41
N THR A 94 -3.53 6.70 -8.71
CA THR A 94 -2.60 6.82 -7.59
C THR A 94 -1.45 5.88 -7.88
N GLU A 95 -0.23 6.36 -7.66
CA GLU A 95 1.01 5.64 -7.84
C GLU A 95 1.62 5.50 -6.45
N TRP A 96 1.60 4.28 -5.93
CA TRP A 96 2.15 3.90 -4.64
C TRP A 96 3.38 3.02 -4.83
N ASP A 97 4.45 3.50 -4.24
CA ASP A 97 5.81 3.05 -4.13
C ASP A 97 5.95 2.17 -2.88
N TYR A 98 6.43 0.96 -3.09
CA TYR A 98 6.69 -0.07 -2.10
C TYR A 98 7.98 0.30 -1.37
N GLY A 99 7.75 0.82 -0.18
CA GLY A 99 8.61 1.31 0.88
C GLY A 99 8.73 0.19 1.93
N GLU A 100 9.76 0.21 2.78
CA GLU A 100 10.01 -0.83 3.77
C GLU A 100 8.91 -0.84 4.83
N ILE A 101 8.85 -1.95 5.56
CA ILE A 101 7.89 -2.28 6.60
C ILE A 101 8.52 -2.26 7.98
N HIS A 102 7.81 -1.65 8.92
CA HIS A 102 8.21 -1.52 10.32
C HIS A 102 7.07 -1.96 11.24
N SER A 103 7.43 -2.45 12.42
CA SER A 103 6.47 -2.87 13.43
C SER A 103 5.94 -1.62 14.15
N ILE A 104 4.94 -1.76 15.02
CA ILE A 104 4.37 -0.64 15.77
C ILE A 104 4.35 -0.96 17.26
N ARG A 105 4.74 0.03 18.06
CA ARG A 105 4.76 -0.06 19.52
C ARG A 105 3.34 -0.29 19.99
N GLY A 106 3.12 -1.32 20.79
CA GLY A 106 1.80 -1.64 21.30
C GLY A 106 0.90 -2.33 20.30
N LYS A 107 1.39 -2.81 19.15
CA LYS A 107 0.59 -3.50 18.16
C LYS A 107 1.36 -4.69 17.61
N SER A 108 0.63 -5.67 17.09
CA SER A 108 1.19 -6.87 16.50
C SER A 108 1.09 -6.71 14.99
N LEU A 109 2.04 -7.26 14.23
CA LEU A 109 2.06 -7.21 12.77
C LEU A 109 0.79 -7.87 12.22
N THR A 110 0.16 -8.75 13.00
CA THR A 110 -1.05 -9.48 12.65
C THR A 110 -2.33 -8.66 12.80
N GLU A 111 -2.26 -7.47 13.40
CA GLU A 111 -3.41 -6.60 13.61
C GLU A 111 -3.22 -5.22 13.00
N ALA A 112 -2.02 -4.63 13.10
CA ALA A 112 -1.73 -3.31 12.58
C ALA A 112 -0.23 -3.16 12.49
N PHE A 113 0.25 -2.54 11.42
CA PHE A 113 1.67 -2.33 11.22
C PHE A 113 1.84 -1.07 10.39
N ALA A 114 3.09 -0.68 10.18
CA ALA A 114 3.41 0.51 9.43
C ALA A 114 3.98 0.07 8.09
N VAL A 115 3.65 0.82 7.05
CA VAL A 115 4.07 0.60 5.68
C VAL A 115 4.55 1.94 5.10
N GLU A 116 5.79 2.00 4.63
CA GLU A 116 6.36 3.20 4.01
C GLU A 116 5.67 3.30 2.63
N ILE A 117 4.71 4.21 2.49
CA ILE A 117 3.96 4.51 1.27
C ILE A 117 4.15 5.99 0.91
N ASN A 118 4.57 6.31 -0.30
CA ASN A 118 4.76 7.68 -0.77
C ASN A 118 5.76 8.45 0.10
N ASP A 119 6.79 7.78 0.62
CA ASP A 119 7.83 8.38 1.47
C ASP A 119 7.30 8.87 2.83
N ASP A 120 6.08 8.44 3.16
CA ASP A 120 5.39 8.72 4.43
C ASP A 120 4.81 7.40 4.98
N PHE A 121 5.22 6.99 6.17
CA PHE A 121 4.75 5.74 6.77
C PHE A 121 3.27 5.85 7.07
N LYS A 122 2.57 4.77 6.75
CA LYS A 122 1.12 4.69 6.94
C LYS A 122 0.71 3.48 7.74
N LEU A 123 -0.37 3.64 8.51
CA LEU A 123 -0.91 2.58 9.35
C LEU A 123 -1.84 1.70 8.52
N ALA A 124 -1.47 0.44 8.34
CA ALA A 124 -2.30 -0.52 7.62
C ALA A 124 -3.01 -1.32 8.70
N THR A 125 -4.22 -1.77 8.45
CA THR A 125 -4.99 -2.57 9.40
C THR A 125 -5.56 -3.81 8.74
N LYS A 126 -5.59 -4.91 9.50
CA LYS A 126 -6.11 -6.21 9.09
C LYS A 126 -7.51 -6.04 8.51
N VAL A 127 -7.75 -6.71 7.39
CA VAL A 127 -9.01 -6.72 6.70
C VAL A 127 -9.31 -8.17 6.31
N GLY A 128 -10.58 -8.46 6.07
CA GLY A 128 -11.07 -9.76 5.65
C GLY A 128 -12.02 -9.54 4.48
N ASN A 129 -11.75 -8.52 3.66
CA ASN A 129 -12.52 -8.10 2.51
C ASN A 129 -11.60 -7.39 1.55
N ASP A 22 4.20 -16.49 5.20
CA ASP A 22 5.48 -16.24 5.89
C ASP A 22 6.29 -15.07 5.34
N ASN A 23 5.85 -14.36 4.30
CA ASN A 23 6.53 -13.25 3.69
C ASN A 23 5.50 -12.25 3.15
N PHE A 24 5.78 -10.97 3.29
CA PHE A 24 4.93 -9.87 2.85
C PHE A 24 4.81 -9.87 1.33
N VAL A 25 3.59 -10.04 0.81
CA VAL A 25 3.29 -10.04 -0.61
C VAL A 25 2.29 -8.93 -0.87
N ILE A 26 2.49 -8.14 -1.91
CA ILE A 26 1.54 -7.08 -2.21
C ILE A 26 0.42 -7.77 -2.98
N ASP A 27 -0.80 -7.72 -2.42
CA ASP A 27 -2.00 -8.33 -2.98
C ASP A 27 -2.13 -7.98 -4.47
N LYS A 28 -2.12 -9.00 -5.32
CA LYS A 28 -2.26 -8.81 -6.76
C LYS A 28 -3.58 -8.14 -7.12
N ASN A 29 -4.58 -8.21 -6.24
CA ASN A 29 -5.89 -7.60 -6.45
C ASN A 29 -5.92 -6.16 -5.96
N ASP A 30 -5.00 -5.73 -5.07
CA ASP A 30 -4.97 -4.34 -4.60
C ASP A 30 -3.58 -3.99 -4.07
N SER A 31 -2.83 -3.10 -4.72
CA SER A 31 -1.50 -2.71 -4.24
C SER A 31 -1.53 -2.08 -2.84
N ARG A 32 -2.66 -1.54 -2.38
CA ARG A 32 -2.77 -0.93 -1.04
C ARG A 32 -2.99 -2.03 0.00
N LYS A 33 -3.01 -3.29 -0.42
CA LYS A 33 -3.18 -4.42 0.47
C LYS A 33 -1.90 -5.24 0.54
N ILE A 34 -1.77 -6.01 1.61
CA ILE A 34 -0.63 -6.87 1.89
C ILE A 34 -1.19 -8.21 2.30
N ASP A 35 -0.70 -9.24 1.63
CA ASP A 35 -1.01 -10.63 1.82
C ASP A 35 0.13 -11.15 2.70
N TYR A 36 -0.12 -11.40 4.00
CA TYR A 36 0.98 -11.88 4.84
C TYR A 36 0.45 -12.96 5.77
N MET A 37 1.23 -14.00 6.07
CA MET A 37 0.78 -15.06 6.97
C MET A 37 -0.55 -15.71 6.54
N GLY A 38 -0.92 -15.62 5.27
CA GLY A 38 -2.15 -16.16 4.71
C GLY A 38 -3.32 -15.21 4.98
N ASN A 39 -3.04 -13.94 5.29
CA ASN A 39 -4.02 -12.89 5.58
C ASN A 39 -3.95 -11.75 4.60
N ILE A 40 -4.87 -10.79 4.69
CA ILE A 40 -4.93 -9.61 3.85
C ILE A 40 -5.06 -8.40 4.79
N TYR A 41 -4.26 -7.36 4.56
CA TYR A 41 -4.27 -6.11 5.29
C TYR A 41 -4.57 -5.04 4.25
N SER A 42 -4.96 -3.83 4.67
CA SER A 42 -5.27 -2.70 3.81
C SER A 42 -4.71 -1.46 4.49
N ILE A 43 -4.28 -0.48 3.69
CA ILE A 43 -3.71 0.76 4.18
C ILE A 43 -4.64 1.88 3.82
N SER A 44 -5.12 2.63 4.80
CA SER A 44 -5.97 3.79 4.51
C SER A 44 -4.99 4.96 4.49
N ASP A 45 -5.09 5.91 5.43
CA ASP A 45 -4.22 7.03 5.49
C ASP A 45 -4.28 7.53 6.92
N THR A 46 -3.25 7.13 7.65
CA THR A 46 -2.95 7.46 9.01
C THR A 46 -1.47 7.74 9.03
N THR A 47 -1.01 8.93 9.34
CA THR A 47 0.43 9.19 9.38
C THR A 47 0.94 8.63 10.71
N VAL A 48 1.90 7.71 10.67
CA VAL A 48 2.49 7.04 11.83
C VAL A 48 3.76 7.79 12.25
N SER A 49 3.72 8.41 13.43
CA SER A 49 4.80 9.17 14.00
C SER A 49 5.90 8.24 14.54
N ASP A 50 7.09 8.80 14.79
CA ASP A 50 8.23 8.07 15.34
C ASP A 50 7.89 7.48 16.71
N GLU A 51 6.99 8.16 17.42
CA GLU A 51 6.56 7.75 18.75
C GLU A 51 5.77 6.44 18.72
N GLU A 52 5.30 6.03 17.54
CA GLU A 52 4.52 4.81 17.32
C GLU A 52 5.39 3.76 16.62
N LEU A 53 6.36 4.20 15.81
CA LEU A 53 7.29 3.33 15.07
C LEU A 53 8.01 2.39 16.03
N GLY A 54 7.96 1.10 15.73
CA GLY A 54 8.57 0.04 16.50
C GLY A 54 9.98 -0.23 15.99
N GLU A 55 10.17 -1.32 15.25
CA GLU A 55 11.45 -1.74 14.67
C GLU A 55 11.24 -2.15 13.21
N TYR A 56 12.34 -2.33 12.47
CA TYR A 56 12.31 -2.74 11.07
C TYR A 56 11.65 -4.11 10.99
N GLN A 57 10.77 -4.31 10.00
CA GLN A 57 10.05 -5.57 9.82
C GLN A 57 10.44 -6.26 8.51
N ASP A 58 10.38 -5.58 7.36
CA ASP A 58 10.76 -6.16 6.06
C ASP A 58 11.05 -5.03 5.08
N VAL A 59 11.79 -5.30 4.00
CA VAL A 59 12.18 -4.32 2.99
C VAL A 59 11.55 -4.63 1.64
N LEU A 60 10.99 -3.60 1.01
CA LEU A 60 10.33 -3.62 -0.29
C LEU A 60 11.14 -2.84 -1.33
N ALA A 61 10.83 -3.02 -2.62
CA ALA A 61 11.54 -2.38 -3.74
C ALA A 61 10.77 -2.38 -5.08
N GLU A 62 9.44 -2.37 -5.07
CA GLU A 62 8.63 -2.34 -6.29
C GLU A 62 7.76 -1.08 -6.25
N VAL A 63 7.03 -0.80 -7.32
CA VAL A 63 6.16 0.36 -7.41
C VAL A 63 4.94 -0.06 -8.20
N ARG A 64 3.78 0.54 -7.94
CA ARG A 64 2.56 0.22 -8.68
C ARG A 64 1.71 1.47 -8.73
N VAL A 65 0.74 1.43 -9.61
CA VAL A 65 -0.21 2.49 -9.84
C VAL A 65 -1.57 1.83 -9.76
N PHE A 66 -2.50 2.40 -9.00
CA PHE A 66 -3.85 1.87 -8.85
C PHE A 66 -4.84 3.02 -8.73
N ASP A 67 -6.13 2.69 -8.85
CA ASP A 67 -7.19 3.67 -8.76
C ASP A 67 -7.45 3.98 -7.30
N SER A 68 -7.27 5.23 -6.89
CA SER A 68 -7.46 5.64 -5.50
C SER A 68 -8.90 5.55 -4.98
N VAL A 69 -9.87 5.39 -5.88
CA VAL A 69 -11.28 5.34 -5.51
C VAL A 69 -11.74 3.94 -5.07
N SER A 70 -11.33 2.88 -5.78
CA SER A 70 -11.72 1.50 -5.53
C SER A 70 -10.55 0.56 -5.28
N GLY A 71 -9.36 0.88 -5.84
CA GLY A 71 -8.15 0.10 -5.67
C GLY A 71 -7.66 -0.67 -6.90
N LYS A 72 -8.40 -0.59 -8.02
CA LYS A 72 -8.05 -1.28 -9.27
C LYS A 72 -6.62 -0.99 -9.71
N SER A 73 -5.74 -1.98 -9.67
CA SER A 73 -4.35 -1.84 -10.09
C SER A 73 -4.31 -1.62 -11.60
N ILE A 74 -3.43 -0.74 -12.06
CA ILE A 74 -3.23 -0.37 -13.46
C ILE A 74 -1.91 -1.00 -13.95
N PRO A 75 -1.82 -1.45 -15.21
CA PRO A 75 -0.63 -2.07 -15.77
C PRO A 75 0.39 -1.02 -16.20
N ARG A 76 1.69 -1.33 -16.11
CA ARG A 76 2.77 -0.41 -16.48
C ARG A 76 2.63 0.15 -17.89
N SER A 77 2.04 -0.63 -18.79
CA SER A 77 1.81 -0.24 -20.18
C SER A 77 0.76 0.88 -20.31
N GLU A 78 0.08 1.27 -19.23
CA GLU A 78 -0.94 2.34 -19.20
C GLU A 78 -0.46 3.49 -18.31
N TRP A 79 0.60 3.31 -17.52
CA TRP A 79 1.09 4.35 -16.60
C TRP A 79 1.34 5.69 -17.29
N GLY A 80 1.90 5.68 -18.50
CA GLY A 80 2.20 6.86 -19.30
C GLY A 80 1.36 6.92 -20.57
N ARG A 81 0.31 6.10 -20.67
CA ARG A 81 -0.60 6.04 -21.82
C ARG A 81 -2.01 6.01 -21.24
N ILE A 82 -2.48 7.20 -20.87
CA ILE A 82 -3.79 7.48 -20.28
C ILE A 82 -4.88 6.83 -21.15
N ASP A 83 -5.21 7.44 -22.28
CA ASP A 83 -6.24 6.95 -23.20
C ASP A 83 -6.17 7.77 -24.48
N LYS A 84 -6.97 7.38 -25.48
CA LYS A 84 -7.11 8.01 -26.77
C LYS A 84 -8.54 8.56 -26.84
N ASP A 85 -9.50 7.67 -26.60
CA ASP A 85 -10.93 7.98 -26.58
C ASP A 85 -11.25 8.77 -25.30
N GLY A 86 -10.78 8.27 -24.16
CA GLY A 86 -11.00 8.88 -22.86
C GLY A 86 -10.00 9.98 -22.57
N SER A 87 -10.33 10.83 -21.59
CA SER A 87 -9.49 11.94 -21.16
C SER A 87 -9.56 12.08 -19.63
N ASN A 88 -8.43 12.41 -19.03
CA ASN A 88 -8.30 12.58 -17.58
C ASN A 88 -8.96 13.89 -17.15
N SER A 89 -10.25 13.83 -16.78
CA SER A 89 -11.03 14.98 -16.33
C SER A 89 -11.52 14.89 -14.88
N LYS A 90 -11.73 13.69 -14.33
CA LYS A 90 -12.19 13.46 -12.96
C LYS A 90 -11.47 12.29 -12.30
N GLN A 91 -10.38 11.80 -12.90
CA GLN A 91 -9.60 10.67 -12.42
C GLN A 91 -8.18 11.12 -12.06
N SER A 92 -7.49 10.28 -11.30
CA SER A 92 -6.13 10.50 -10.86
C SER A 92 -5.72 9.20 -10.17
N ARG A 93 -4.83 8.42 -10.77
CA ARG A 93 -4.39 7.19 -10.11
C ARG A 93 -3.43 7.59 -9.00
N THR A 94 -2.98 6.59 -8.27
CA THR A 94 -2.07 6.76 -7.17
C THR A 94 -0.91 5.79 -7.39
N GLU A 95 0.26 6.38 -7.57
CA GLU A 95 1.54 5.73 -7.76
C GLU A 95 2.11 5.65 -6.36
N TRP A 96 2.24 4.44 -5.84
CA TRP A 96 2.77 4.13 -4.52
C TRP A 96 3.95 3.17 -4.63
N ASP A 97 5.07 3.58 -4.06
CA ASP A 97 6.33 2.87 -3.99
C ASP A 97 6.25 1.93 -2.80
N TYR A 98 6.68 0.68 -2.98
CA TYR A 98 6.70 -0.32 -1.93
C TYR A 98 7.94 0.04 -1.12
N GLY A 99 7.69 0.70 0.00
CA GLY A 99 8.58 1.21 1.01
C GLY A 99 8.66 0.17 2.11
N GLU A 100 9.71 0.21 2.92
CA GLU A 100 9.89 -0.81 3.93
C GLU A 100 8.82 -0.73 5.02
N ILE A 101 8.61 -1.89 5.62
CA ILE A 101 7.62 -2.12 6.65
C ILE A 101 8.32 -2.17 7.98
N HIS A 102 7.65 -1.58 8.95
CA HIS A 102 8.07 -1.49 10.33
C HIS A 102 6.88 -1.85 11.22
N SER A 103 7.20 -2.34 12.41
CA SER A 103 6.19 -2.70 13.40
C SER A 103 5.78 -1.43 14.14
N ILE A 104 4.76 -1.54 14.99
CA ILE A 104 4.25 -0.43 15.78
C ILE A 104 4.32 -0.86 17.23
N ARG A 105 4.76 0.07 18.07
CA ARG A 105 4.90 -0.10 19.50
C ARG A 105 3.54 -0.53 20.07
N GLY A 106 3.49 -1.70 20.68
CA GLY A 106 2.29 -2.25 21.29
C GLY A 106 1.25 -2.80 20.30
N LYS A 107 1.56 -2.97 19.01
CA LYS A 107 0.59 -3.46 18.02
C LYS A 107 1.18 -4.67 17.31
N SER A 108 0.38 -5.73 17.17
CA SER A 108 0.85 -6.91 16.48
C SER A 108 0.63 -6.67 14.98
N LEU A 109 1.55 -7.14 14.14
CA LEU A 109 1.48 -7.00 12.69
C LEU A 109 0.15 -7.55 12.16
N THR A 110 -0.38 -8.58 12.82
CA THR A 110 -1.59 -9.27 12.48
C THR A 110 -2.87 -8.46 12.70
N GLU A 111 -2.78 -7.31 13.37
CA GLU A 111 -3.89 -6.42 13.63
C GLU A 111 -3.63 -5.08 12.97
N ALA A 112 -2.38 -4.56 13.03
CA ALA A 112 -2.03 -3.29 12.41
C ALA A 112 -0.51 -3.13 12.37
N PHE A 113 0.01 -2.40 11.40
CA PHE A 113 1.43 -2.14 11.22
C PHE A 113 1.64 -0.85 10.42
N ALA A 114 2.89 -0.46 10.26
CA ALA A 114 3.31 0.74 9.55
C ALA A 114 4.05 0.37 8.28
N VAL A 115 3.76 1.06 7.18
CA VAL A 115 4.41 0.80 5.89
C VAL A 115 4.79 2.11 5.23
N GLU A 116 6.02 2.22 4.75
CA GLU A 116 6.54 3.39 4.08
C GLU A 116 5.85 3.46 2.72
N ILE A 117 4.92 4.38 2.54
CA ILE A 117 4.20 4.59 1.29
C ILE A 117 4.43 6.04 0.87
N ASN A 118 4.93 6.30 -0.35
CA ASN A 118 5.20 7.69 -0.79
C ASN A 118 6.16 8.34 0.24
N ASP A 119 7.12 7.59 0.79
CA ASP A 119 8.13 8.03 1.79
C ASP A 119 7.49 8.30 3.17
N ASP A 120 6.17 8.20 3.28
CA ASP A 120 5.41 8.44 4.50
C ASP A 120 4.93 7.14 5.10
N PHE A 121 5.19 6.87 6.37
CA PHE A 121 4.73 5.65 7.02
C PHE A 121 3.23 5.74 7.29
N LYS A 122 2.44 4.86 6.66
CA LYS A 122 0.98 4.81 6.82
C LYS A 122 0.60 3.60 7.65
N LEU A 123 -0.47 3.73 8.42
CA LEU A 123 -1.04 2.68 9.28
C LEU A 123 -1.93 1.78 8.46
N ALA A 124 -1.71 0.48 8.53
CA ALA A 124 -2.51 -0.52 7.85
C ALA A 124 -3.29 -1.34 8.87
N THR A 125 -4.43 -1.86 8.47
CA THR A 125 -5.32 -2.67 9.29
C THR A 125 -5.77 -3.93 8.54
N LYS A 126 -5.99 -5.05 9.26
CA LYS A 126 -6.46 -6.29 8.61
C LYS A 126 -7.80 -6.10 7.89
N VAL A 127 -7.90 -6.50 6.63
CA VAL A 127 -9.09 -6.40 5.79
C VAL A 127 -9.30 -7.69 5.03
N GLY A 128 -10.52 -8.21 5.02
CA GLY A 128 -10.87 -9.45 4.33
C GLY A 128 -11.63 -9.15 3.05
N ASN A 129 -11.02 -8.40 2.13
CA ASN A 129 -11.61 -8.02 0.85
C ASN A 129 -10.59 -8.31 -0.22
N ASP A 22 4.98 -15.66 6.88
CA ASP A 22 6.38 -15.88 6.56
C ASP A 22 7.06 -14.58 6.17
N ASN A 23 6.64 -14.01 5.05
CA ASN A 23 7.11 -12.78 4.47
C ASN A 23 5.89 -12.05 3.90
N PHE A 24 6.00 -10.74 3.92
CA PHE A 24 5.03 -9.78 3.44
C PHE A 24 5.05 -9.86 1.91
N VAL A 25 3.86 -9.94 1.32
CA VAL A 25 3.64 -10.04 -0.11
C VAL A 25 2.54 -9.03 -0.36
N ILE A 26 2.74 -8.09 -1.27
CA ILE A 26 1.67 -7.13 -1.54
C ILE A 26 0.58 -7.95 -2.23
N ASP A 27 -0.67 -7.77 -1.84
CA ASP A 27 -1.77 -8.52 -2.46
C ASP A 27 -1.73 -8.20 -3.94
N LYS A 28 -1.52 -9.25 -4.74
CA LYS A 28 -1.44 -9.14 -6.19
C LYS A 28 -2.76 -8.68 -6.79
N ASN A 29 -3.86 -8.78 -6.04
CA ASN A 29 -5.18 -8.35 -6.47
C ASN A 29 -5.49 -6.93 -6.00
N ASP A 30 -4.91 -6.46 -4.90
CA ASP A 30 -5.13 -5.14 -4.33
C ASP A 30 -3.82 -4.56 -3.84
N SER A 31 -3.27 -3.58 -4.55
CA SER A 31 -2.02 -2.93 -4.21
C SER A 31 -2.04 -2.27 -2.82
N ARG A 32 -3.22 -1.92 -2.32
CA ARG A 32 -3.40 -1.30 -1.00
C ARG A 32 -3.42 -2.36 0.10
N LYS A 33 -3.31 -3.64 -0.23
CA LYS A 33 -3.35 -4.72 0.75
C LYS A 33 -2.04 -5.48 0.80
N ILE A 34 -1.81 -6.17 1.91
CA ILE A 34 -0.65 -6.99 2.19
C ILE A 34 -1.18 -8.35 2.60
N ASP A 35 -0.45 -9.39 2.21
CA ASP A 35 -0.69 -10.78 2.46
C ASP A 35 0.55 -11.27 3.19
N TYR A 36 0.43 -11.50 4.50
CA TYR A 36 1.51 -11.98 5.34
C TYR A 36 0.93 -13.01 6.30
N MET A 37 1.57 -14.18 6.40
CA MET A 37 1.15 -15.30 7.27
C MET A 37 -0.24 -15.82 6.89
N GLY A 38 -0.70 -15.60 5.65
CA GLY A 38 -2.02 -16.04 5.23
C GLY A 38 -3.11 -15.11 5.75
N ASN A 39 -2.74 -13.90 6.20
CA ASN A 39 -3.67 -12.89 6.69
C ASN A 39 -3.69 -11.78 5.65
N ILE A 40 -4.70 -10.92 5.69
CA ILE A 40 -4.87 -9.80 4.78
C ILE A 40 -4.96 -8.53 5.61
N TYR A 41 -4.19 -7.53 5.20
CA TYR A 41 -4.16 -6.23 5.82
C TYR A 41 -4.56 -5.21 4.75
N SER A 42 -5.00 -4.02 5.15
CA SER A 42 -5.40 -2.97 4.21
C SER A 42 -5.04 -1.62 4.81
N ILE A 43 -4.85 -0.61 3.95
CA ILE A 43 -4.46 0.73 4.36
C ILE A 43 -5.58 1.74 4.13
N SER A 44 -6.10 2.33 5.19
CA SER A 44 -7.12 3.38 5.12
C SER A 44 -6.22 4.63 4.97
N ASP A 45 -6.22 5.57 5.92
CA ASP A 45 -5.32 6.71 5.86
C ASP A 45 -5.22 7.22 7.29
N THR A 46 -4.14 6.82 7.95
CA THR A 46 -3.68 7.12 9.27
C THR A 46 -2.17 7.37 9.19
N THR A 47 -1.71 8.47 9.75
CA THR A 47 -0.31 8.87 9.84
C THR A 47 0.31 8.12 11.06
N VAL A 48 1.42 7.40 10.91
CA VAL A 48 2.05 6.70 12.03
C VAL A 48 3.15 7.61 12.58
N SER A 49 2.98 8.13 13.80
CA SER A 49 3.96 9.01 14.39
C SER A 49 5.15 8.19 14.87
N ASP A 50 6.28 8.89 14.98
CA ASP A 50 7.59 8.40 15.37
C ASP A 50 7.58 7.71 16.74
N GLU A 51 6.68 8.15 17.61
CA GLU A 51 6.54 7.62 18.96
C GLU A 51 5.89 6.24 18.95
N GLU A 52 5.09 5.95 17.91
CA GLU A 52 4.38 4.68 17.75
C GLU A 52 5.17 3.77 16.80
N LEU A 53 6.06 4.35 15.98
CA LEU A 53 6.91 3.66 14.99
C LEU A 53 7.95 2.82 15.71
N GLY A 54 7.96 1.53 15.41
CA GLY A 54 8.85 0.54 15.99
C GLY A 54 10.20 0.56 15.31
N GLU A 55 10.56 -0.55 14.69
CA GLU A 55 11.83 -0.74 14.01
C GLU A 55 11.64 -1.29 12.60
N TYR A 56 12.69 -1.21 11.80
CA TYR A 56 12.69 -1.69 10.43
C TYR A 56 12.40 -3.19 10.42
N GLN A 57 11.32 -3.55 9.74
CA GLN A 57 10.87 -4.93 9.63
C GLN A 57 11.23 -5.50 8.26
N ASP A 58 10.84 -4.82 7.17
CA ASP A 58 11.09 -5.33 5.82
C ASP A 58 11.19 -4.20 4.81
N VAL A 59 11.68 -4.50 3.60
CA VAL A 59 11.85 -3.54 2.52
C VAL A 59 11.06 -4.01 1.30
N LEU A 60 10.41 -3.05 0.64
CA LEU A 60 9.58 -3.20 -0.53
C LEU A 60 10.33 -2.69 -1.75
N ALA A 61 9.83 -3.02 -2.95
CA ALA A 61 10.44 -2.62 -4.22
C ALA A 61 9.54 -2.95 -5.41
N GLU A 62 8.39 -2.31 -5.50
CA GLU A 62 7.41 -2.44 -6.58
C GLU A 62 6.55 -1.18 -6.52
N VAL A 63 5.77 -0.92 -7.55
CA VAL A 63 4.89 0.24 -7.63
C VAL A 63 3.64 -0.20 -8.38
N ARG A 64 2.48 0.41 -8.08
CA ARG A 64 1.24 0.08 -8.78
C ARG A 64 0.38 1.34 -8.86
N VAL A 65 -0.61 1.27 -9.73
CA VAL A 65 -1.55 2.36 -9.97
C VAL A 65 -2.95 1.76 -9.86
N PHE A 66 -3.83 2.26 -8.97
CA PHE A 66 -5.19 1.73 -8.85
C PHE A 66 -6.25 2.83 -8.63
N ASP A 67 -7.55 2.46 -8.56
CA ASP A 67 -8.66 3.39 -8.35
C ASP A 67 -8.77 3.62 -6.85
N SER A 68 -8.82 4.87 -6.37
CA SER A 68 -8.92 5.16 -4.94
C SER A 68 -10.24 4.70 -4.30
N VAL A 69 -11.26 4.42 -5.11
CA VAL A 69 -12.56 4.03 -4.59
C VAL A 69 -12.55 2.62 -4.01
N SER A 70 -12.13 1.62 -4.79
CA SER A 70 -12.10 0.23 -4.40
C SER A 70 -10.71 -0.39 -4.48
N GLY A 71 -9.80 0.18 -5.27
CA GLY A 71 -8.44 -0.34 -5.35
C GLY A 71 -8.13 -1.16 -6.60
N LYS A 72 -8.96 -1.11 -7.64
CA LYS A 72 -8.73 -1.85 -8.89
C LYS A 72 -7.40 -1.45 -9.50
N SER A 73 -6.44 -2.35 -9.62
CA SER A 73 -5.15 -2.00 -10.23
C SER A 73 -5.34 -1.82 -11.73
N ILE A 74 -4.48 -1.01 -12.34
CA ILE A 74 -4.44 -0.68 -13.74
C ILE A 74 -3.18 -1.38 -14.29
N PRO A 75 -3.22 -1.94 -15.52
CA PRO A 75 -2.09 -2.61 -16.12
C PRO A 75 -1.03 -1.59 -16.54
N ARG A 76 0.25 -1.96 -16.47
CA ARG A 76 1.36 -1.08 -16.82
C ARG A 76 1.24 -0.54 -18.25
N SER A 77 0.63 -1.32 -19.14
CA SER A 77 0.42 -0.96 -20.53
C SER A 77 -0.55 0.22 -20.71
N GLU A 78 -1.20 0.69 -19.65
CA GLU A 78 -2.17 1.79 -19.64
C GLU A 78 -1.71 2.95 -18.74
N TRP A 79 -0.60 2.79 -18.02
CA TRP A 79 -0.06 3.81 -17.10
C TRP A 79 0.23 5.14 -17.78
N GLY A 80 0.68 5.11 -19.02
CA GLY A 80 1.02 6.28 -19.82
C GLY A 80 0.44 6.17 -21.24
N ARG A 81 -0.49 5.23 -21.45
CA ARG A 81 -1.11 5.02 -22.74
C ARG A 81 -2.61 4.88 -22.50
N ILE A 82 -3.30 6.01 -22.57
CA ILE A 82 -4.73 6.13 -22.38
C ILE A 82 -5.20 6.79 -23.67
N ASP A 83 -5.27 8.13 -23.69
CA ASP A 83 -5.66 8.96 -24.81
C ASP A 83 -4.43 9.78 -25.20
N LYS A 84 -4.59 10.78 -26.05
CA LYS A 84 -3.54 11.68 -26.50
C LYS A 84 -3.00 12.43 -25.28
N ASP A 85 -1.93 13.21 -25.44
CA ASP A 85 -1.23 14.00 -24.42
C ASP A 85 -2.06 15.13 -23.75
N GLY A 86 -3.38 15.15 -23.97
CA GLY A 86 -4.33 16.10 -23.42
C GLY A 86 -4.62 15.84 -21.93
N SER A 87 -5.71 16.42 -21.43
CA SER A 87 -6.16 16.32 -20.05
C SER A 87 -6.89 15.02 -19.69
N ASN A 88 -7.22 14.15 -20.66
CA ASN A 88 -7.90 12.88 -20.42
C ASN A 88 -6.82 11.83 -20.19
N SER A 89 -6.13 11.90 -19.05
CA SER A 89 -5.08 10.96 -18.72
C SER A 89 -4.88 10.94 -17.21
N LYS A 90 -4.47 9.78 -16.68
CA LYS A 90 -4.22 9.47 -15.27
C LYS A 90 -5.28 10.04 -14.33
N GLN A 91 -6.54 10.14 -14.78
CA GLN A 91 -7.66 10.66 -14.03
C GLN A 91 -8.29 9.45 -13.34
N SER A 92 -8.53 9.55 -12.04
CA SER A 92 -9.12 8.55 -11.17
C SER A 92 -8.13 7.44 -10.85
N ARG A 93 -6.85 7.81 -10.76
CA ARG A 93 -5.79 6.88 -10.45
C ARG A 93 -4.93 7.41 -9.34
N THR A 94 -4.39 6.50 -8.59
CA THR A 94 -3.52 6.72 -7.46
C THR A 94 -2.35 5.81 -7.69
N GLU A 95 -1.16 6.36 -7.57
CA GLU A 95 0.09 5.66 -7.76
C GLU A 95 0.74 5.62 -6.37
N TRP A 96 0.85 4.41 -5.84
CA TRP A 96 1.45 4.10 -4.56
C TRP A 96 2.70 3.25 -4.80
N ASP A 97 3.82 3.78 -4.32
CA ASP A 97 5.15 3.23 -4.36
C ASP A 97 5.31 2.40 -3.10
N TYR A 98 5.82 1.19 -3.25
CA TYR A 98 6.03 0.31 -2.13
C TYR A 98 7.34 0.70 -1.44
N GLY A 99 7.19 1.39 -0.31
CA GLY A 99 8.09 1.93 0.68
C GLY A 99 8.31 0.85 1.74
N GLU A 100 9.39 0.91 2.51
CA GLU A 100 9.68 -0.15 3.49
C GLU A 100 8.68 -0.14 4.65
N ILE A 101 8.62 -1.29 5.34
CA ILE A 101 7.72 -1.59 6.44
C ILE A 101 8.47 -1.65 7.76
N HIS A 102 7.83 -1.07 8.77
CA HIS A 102 8.32 -0.98 10.13
C HIS A 102 7.22 -1.46 11.10
N SER A 103 7.64 -2.00 12.24
CA SER A 103 6.72 -2.48 13.28
C SER A 103 6.11 -1.31 14.05
N ILE A 104 5.17 -1.60 14.96
CA ILE A 104 4.50 -0.62 15.80
C ILE A 104 4.49 -1.15 17.24
N ARG A 105 4.73 -0.25 18.18
CA ARG A 105 4.75 -0.50 19.61
C ARG A 105 3.45 -1.14 20.05
N GLY A 106 3.53 -2.32 20.67
CA GLY A 106 2.37 -3.05 21.16
C GLY A 106 1.40 -3.56 20.10
N LYS A 107 1.77 -3.56 18.82
CA LYS A 107 0.90 -4.05 17.75
C LYS A 107 1.68 -5.01 16.87
N SER A 108 1.17 -6.22 16.72
CA SER A 108 1.82 -7.21 15.87
C SER A 108 1.44 -6.92 14.42
N LEU A 109 2.31 -7.29 13.49
CA LEU A 109 2.12 -7.12 12.04
C LEU A 109 0.81 -7.78 11.62
N THR A 110 0.36 -8.79 12.38
CA THR A 110 -0.85 -9.58 12.17
C THR A 110 -2.13 -8.80 12.45
N GLU A 111 -2.03 -7.67 13.17
CA GLU A 111 -3.16 -6.82 13.53
C GLU A 111 -3.00 -5.39 12.98
N ALA A 112 -1.81 -4.79 13.07
CA ALA A 112 -1.54 -3.44 12.60
C ALA A 112 -0.04 -3.21 12.53
N PHE A 113 0.42 -2.43 11.56
CA PHE A 113 1.82 -2.11 11.33
C PHE A 113 1.91 -0.83 10.53
N ALA A 114 3.13 -0.35 10.29
CA ALA A 114 3.45 0.86 9.55
C ALA A 114 4.08 0.54 8.19
N VAL A 115 3.59 1.16 7.12
CA VAL A 115 4.08 0.96 5.77
C VAL A 115 4.38 2.29 5.11
N GLU A 116 5.59 2.45 4.59
CA GLU A 116 5.97 3.66 3.92
C GLU A 116 5.25 3.65 2.57
N ILE A 117 4.32 4.59 2.42
CA ILE A 117 3.56 4.77 1.17
C ILE A 117 3.79 6.20 0.73
N ASN A 118 4.36 6.44 -0.46
CA ASN A 118 4.61 7.79 -0.95
C ASN A 118 5.44 8.62 0.04
N ASP A 119 6.35 7.96 0.77
CA ASP A 119 7.28 8.50 1.79
C ASP A 119 6.58 8.68 3.15
N ASP A 120 5.26 8.53 3.21
CA ASP A 120 4.50 8.70 4.46
C ASP A 120 4.21 7.33 5.05
N PHE A 121 4.63 7.06 6.29
CA PHE A 121 4.37 5.79 6.94
C PHE A 121 2.89 5.76 7.34
N LYS A 122 2.11 4.89 6.71
CA LYS A 122 0.68 4.74 6.94
C LYS A 122 0.37 3.52 7.77
N LEU A 123 -0.66 3.62 8.60
CA LEU A 123 -1.12 2.56 9.47
C LEU A 123 -1.99 1.63 8.62
N ALA A 124 -1.69 0.34 8.62
CA ALA A 124 -2.47 -0.66 7.91
C ALA A 124 -3.02 -1.56 8.98
N THR A 125 -4.23 -2.07 8.77
CA THR A 125 -4.91 -2.93 9.71
C THR A 125 -5.36 -4.21 9.05
N LYS A 126 -5.59 -5.25 9.86
CA LYS A 126 -6.09 -6.53 9.39
C LYS A 126 -7.49 -6.30 8.84
N VAL A 127 -7.70 -6.64 7.57
CA VAL A 127 -8.97 -6.49 6.90
C VAL A 127 -9.25 -7.77 6.13
N GLY A 128 -10.10 -8.57 6.72
CA GLY A 128 -10.56 -9.85 6.21
C GLY A 128 -12.05 -9.85 5.89
N ASN A 129 -12.67 -8.67 5.79
CA ASN A 129 -14.06 -8.41 5.50
C ASN A 129 -14.15 -7.13 4.70
#